data_4R85
#
_entry.id   4R85
#
_cell.length_a   111.481
_cell.length_b   137.669
_cell.length_c   112.093
_cell.angle_alpha   90.00
_cell.angle_beta   118.03
_cell.angle_gamma   90.00
#
_symmetry.space_group_name_H-M   'P 1 21 1'
#
loop_
_entity.id
_entity.type
_entity.pdbx_description
1 polymer 'Cytosine deaminase'
2 non-polymer 5-methylcytosine
3 non-polymer 'FE (II) ION'
4 non-polymer GLYCEROL
5 water water
#
_entity_poly.entity_id   1
_entity_poly.type   'polypeptide(L)'
_entity_poly.pdbx_seq_one_letter_code
;MKIINARLRRQEALFTLDLQDGIIHRITAQAAMQTADAGAIDAQGRLAIPPFVEPHIHLDATLTAGEPEWNRSGTLFEGI
TRWSQRKASITPEDTRQRALKTIGMLRDFGVQHVRTHVDVTDPSLAALQALLAVKQEAADLIDLQIVAFPQEGIESYPNG
RELMTRAIEMGADVVGGIPHYENTRDKGVSSVMFLMDLAQRYGRLVDVHCDEIDDPQSRFLEVLAEEARVRGMGAQVTAS
HTCAMGSYDNAYCSKLFRLLKASGINFISCPTESIHLQGRFDSWPKRRGVTRVAELDRAGINVCFAQDSIQDPWYPLGNG
NILRILDAGLHICHMLGYDDLQRCLDFVTDNSARALCLGDNYGLAEGRPANLLILDAENDYEAVRRQARVLTSIRHGKVI
LQREVEHIRYPANSSSVDKLAAALEHHHHHH
;
_entity_poly.pdbx_strand_id   A,B,C,D,E,F
#
# COMPACT_ATOMS: atom_id res chain seq x y z
N MET A 1 -4.98 -54.28 30.56
CA MET A 1 -6.11 -53.36 30.69
C MET A 1 -6.91 -53.29 29.39
N LYS A 2 -8.23 -53.30 29.50
CA LYS A 2 -9.09 -53.29 28.32
C LYS A 2 -9.95 -52.04 28.29
N ILE A 3 -10.09 -51.44 27.10
CA ILE A 3 -10.99 -50.32 26.91
C ILE A 3 -12.02 -50.72 25.87
N ILE A 4 -13.30 -50.59 26.19
CA ILE A 4 -14.36 -50.93 25.24
C ILE A 4 -15.17 -49.68 24.83
N ASN A 5 -15.92 -49.83 23.74
CA ASN A 5 -16.85 -48.80 23.27
C ASN A 5 -16.14 -47.49 22.94
N ALA A 6 -14.93 -47.61 22.41
CA ALA A 6 -14.14 -46.42 22.10
C ALA A 6 -14.26 -46.08 20.63
N ARG A 7 -14.39 -44.79 20.34
CA ARG A 7 -14.28 -44.32 18.96
C ARG A 7 -12.82 -44.09 18.64
N LEU A 8 -12.46 -44.27 17.38
CA LEU A 8 -11.15 -43.85 16.90
C LEU A 8 -11.36 -42.73 15.89
N ARG A 9 -10.32 -41.94 15.64
CA ARG A 9 -10.47 -40.74 14.82
C ARG A 9 -10.91 -41.04 13.39
N ARG A 10 -11.91 -40.31 12.93
CA ARG A 10 -12.38 -40.39 11.55
C ARG A 10 -12.86 -41.78 11.14
N GLN A 11 -13.40 -42.53 12.10
CA GLN A 11 -14.04 -43.81 11.83
C GLN A 11 -15.38 -43.87 12.52
N GLU A 12 -16.31 -44.65 11.98
CA GLU A 12 -17.64 -44.71 12.58
C GLU A 12 -17.79 -45.86 13.57
N ALA A 13 -16.96 -46.90 13.43
CA ALA A 13 -17.09 -48.10 14.27
C ALA A 13 -16.59 -47.86 15.71
N LEU A 14 -17.10 -48.65 16.65
CA LEU A 14 -16.59 -48.66 18.02
C LEU A 14 -15.50 -49.71 18.15
N PHE A 15 -14.52 -49.45 19.02
CA PHE A 15 -13.39 -50.38 19.14
C PHE A 15 -13.11 -50.80 20.57
N THR A 16 -12.60 -52.02 20.72
CA THR A 16 -11.99 -52.45 21.97
C THR A 16 -10.47 -52.40 21.83
N LEU A 17 -9.81 -51.82 22.84
CA LEU A 17 -8.36 -51.75 22.86
C LEU A 17 -7.82 -52.57 24.02
N ASP A 18 -6.90 -53.47 23.73
CA ASP A 18 -6.29 -54.32 24.74
C ASP A 18 -4.87 -53.88 25.00
N LEU A 19 -4.60 -53.47 26.23
CA LEU A 19 -3.28 -52.99 26.62
C LEU A 19 -2.61 -54.01 27.51
N GLN A 20 -1.34 -54.31 27.24
CA GLN A 20 -0.66 -55.36 27.96
C GLN A 20 0.84 -55.11 27.93
N ASP A 21 1.48 -55.23 29.08
CA ASP A 21 2.92 -55.05 29.19
C ASP A 21 3.38 -53.71 28.59
N GLY A 22 2.63 -52.65 28.87
CA GLY A 22 2.99 -51.31 28.45
C GLY A 22 2.80 -51.01 26.98
N ILE A 23 2.31 -51.98 26.22
CA ILE A 23 2.08 -51.76 24.79
C ILE A 23 0.63 -52.04 24.39
N ILE A 24 0.27 -51.55 23.21
CA ILE A 24 -1.04 -51.82 22.63
C ILE A 24 -1.03 -53.24 22.03
N HIS A 25 -1.64 -54.17 22.73
CA HIS A 25 -1.60 -55.57 22.30
C HIS A 25 -2.56 -55.88 21.17
N ARG A 26 -3.75 -55.28 21.20
CA ARG A 26 -4.78 -55.58 20.23
C ARG A 26 -5.81 -54.45 20.10
N ILE A 27 -6.19 -54.15 18.87
CA ILE A 27 -7.28 -53.23 18.59
C ILE A 27 -8.32 -53.96 17.75
N THR A 28 -9.55 -54.04 18.23
CA THR A 28 -10.58 -54.81 17.54
C THR A 28 -11.87 -54.01 17.36
N ALA A 29 -12.40 -54.02 16.14
CA ALA A 29 -13.68 -53.37 15.86
C ALA A 29 -14.82 -54.17 16.50
N GLN A 30 -15.80 -53.47 17.06
CA GLN A 30 -16.98 -54.11 17.64
C GLN A 30 -18.16 -54.02 16.69
N ALA A 31 -19.09 -54.96 16.83
CA ALA A 31 -20.31 -54.97 16.01
C ALA A 31 -21.24 -53.83 16.41
N ALA A 32 -21.23 -53.50 17.70
CA ALA A 32 -22.04 -52.40 18.21
C ALA A 32 -21.63 -52.08 19.64
N MET A 33 -22.37 -51.17 20.25
CA MET A 33 -22.20 -50.83 21.66
C MET A 33 -22.35 -52.09 22.52
N GLN A 34 -21.41 -52.32 23.42
CA GLN A 34 -21.42 -53.54 24.24
C GLN A 34 -21.63 -53.23 25.72
N THR A 35 -22.38 -54.08 26.41
CA THR A 35 -22.49 -53.97 27.86
C THR A 35 -21.11 -54.21 28.49
N ALA A 36 -20.90 -53.68 29.70
CA ALA A 36 -19.59 -53.73 30.36
C ALA A 36 -19.00 -55.13 30.43
N ASP A 37 -17.69 -55.22 30.63
CA ASP A 37 -17.01 -56.51 30.58
C ASP A 37 -15.82 -56.62 31.54
N ALA A 38 -16.05 -57.31 32.66
CA ALA A 38 -15.00 -57.62 33.64
C ALA A 38 -14.11 -56.44 34.02
N GLY A 39 -14.72 -55.33 34.41
CA GLY A 39 -13.98 -54.19 34.87
C GLY A 39 -13.06 -53.59 33.82
N ALA A 40 -13.47 -53.69 32.56
CA ALA A 40 -12.80 -52.96 31.49
C ALA A 40 -13.21 -51.50 31.59
N ILE A 41 -12.41 -50.61 31.03
CA ILE A 41 -12.77 -49.20 30.99
C ILE A 41 -13.80 -48.99 29.88
N ASP A 42 -14.97 -48.45 30.25
CA ASP A 42 -16.01 -48.19 29.26
C ASP A 42 -15.90 -46.76 28.75
N ALA A 43 -15.44 -46.61 27.51
CA ALA A 43 -15.30 -45.31 26.90
C ALA A 43 -16.66 -44.67 26.59
N GLN A 44 -17.71 -45.50 26.60
CA GLN A 44 -19.07 -45.02 26.40
C GLN A 44 -19.24 -44.24 25.11
N GLY A 45 -18.55 -44.66 24.05
CA GLY A 45 -18.64 -44.01 22.75
C GLY A 45 -17.74 -42.80 22.61
N ARG A 46 -16.87 -42.58 23.59
CA ARG A 46 -15.95 -41.46 23.50
C ARG A 46 -14.70 -41.80 22.69
N LEU A 47 -14.07 -40.77 22.16
CA LEU A 47 -12.88 -40.90 21.34
C LEU A 47 -11.64 -41.33 22.15
N ALA A 48 -10.93 -42.35 21.66
CA ALA A 48 -9.59 -42.66 22.18
C ALA A 48 -8.56 -42.14 21.19
N ILE A 49 -7.58 -41.39 21.67
CA ILE A 49 -6.55 -40.82 20.80
C ILE A 49 -5.19 -40.99 21.45
N PRO A 50 -4.12 -40.94 20.64
CA PRO A 50 -2.79 -40.85 21.22
C PRO A 50 -2.65 -39.52 21.98
N PRO A 51 -1.65 -39.40 22.87
CA PRO A 51 -1.58 -38.21 23.74
C PRO A 51 -1.41 -36.92 22.96
N PHE A 52 -1.84 -35.80 23.55
CA PHE A 52 -1.56 -34.52 22.93
C PHE A 52 -0.05 -34.26 23.00
N VAL A 53 0.43 -33.44 22.07
CA VAL A 53 1.84 -33.08 22.02
C VAL A 53 1.98 -31.57 22.19
N GLU A 54 2.97 -31.16 22.96
CA GLU A 54 3.34 -29.75 23.03
C GLU A 54 4.71 -29.63 22.41
N PRO A 55 4.77 -29.36 21.09
CA PRO A 55 6.04 -29.44 20.36
C PRO A 55 6.88 -28.17 20.49
N HIS A 56 6.39 -27.17 21.20
CA HIS A 56 7.13 -25.91 21.33
C HIS A 56 6.67 -25.09 22.52
N ILE A 57 7.46 -25.12 23.58
CA ILE A 57 7.19 -24.34 24.79
C ILE A 57 8.52 -23.92 25.39
N HIS A 58 8.54 -22.82 26.14
CA HIS A 58 9.76 -22.36 26.80
C HIS A 58 9.65 -22.60 28.30
N LEU A 59 10.02 -23.80 28.73
CA LEU A 59 9.90 -24.16 30.15
C LEU A 59 10.87 -23.42 31.06
N ASP A 60 11.98 -22.92 30.52
CA ASP A 60 12.90 -22.18 31.37
C ASP A 60 12.30 -20.85 31.84
N ALA A 61 11.45 -20.26 31.00
CA ALA A 61 10.89 -18.93 31.27
C ALA A 61 9.48 -18.99 31.86
N THR A 62 8.90 -20.19 31.93
CA THR A 62 7.52 -20.32 32.35
C THR A 62 7.28 -19.78 33.78
N LEU A 63 6.12 -19.15 33.97
CA LEU A 63 5.69 -18.66 35.29
C LEU A 63 6.58 -17.54 35.83
N THR A 64 7.19 -16.77 34.94
CA THR A 64 8.05 -15.65 35.38
C THR A 64 7.49 -14.30 34.94
N ALA A 65 6.27 -14.30 34.43
CA ALA A 65 5.60 -13.04 34.03
C ALA A 65 5.63 -11.98 35.14
N GLY A 66 6.13 -10.79 34.79
CA GLY A 66 6.18 -9.66 35.70
C GLY A 66 7.40 -9.57 36.60
N GLU A 67 8.34 -10.50 36.42
CA GLU A 67 9.57 -10.55 37.22
C GLU A 67 10.77 -10.14 36.38
N PRO A 68 11.41 -9.01 36.73
CA PRO A 68 11.11 -8.09 37.83
C PRO A 68 10.12 -6.99 37.40
N GLU A 69 9.83 -6.93 36.10
CA GLU A 69 8.78 -6.02 35.65
C GLU A 69 8.05 -6.59 34.44
N TRP A 70 6.96 -5.91 34.05
CA TRP A 70 6.08 -6.40 32.99
C TRP A 70 6.50 -5.98 31.58
N ASN A 71 6.16 -6.83 30.60
CA ASN A 71 6.29 -6.47 29.20
C ASN A 71 5.13 -5.54 28.83
N ARG A 72 5.38 -4.24 28.85
CA ARG A 72 4.29 -3.26 28.70
C ARG A 72 3.83 -3.11 27.25
N SER A 73 4.74 -3.31 26.30
CA SER A 73 4.43 -3.06 24.90
C SER A 73 3.84 -4.30 24.23
N GLY A 74 3.98 -5.46 24.89
CA GLY A 74 3.54 -6.72 24.35
C GLY A 74 4.26 -7.13 23.08
N THR A 75 5.56 -6.81 23.01
CA THR A 75 6.38 -7.13 21.85
C THR A 75 7.42 -8.21 22.15
N LEU A 76 7.85 -8.89 21.08
CA LEU A 76 8.92 -9.86 21.17
C LEU A 76 10.15 -9.22 21.80
N PHE A 77 10.48 -8.02 21.34
CA PHE A 77 11.74 -7.39 21.75
C PHE A 77 11.77 -6.93 23.19
N GLU A 78 10.69 -6.33 23.67
CA GLU A 78 10.63 -6.01 25.10
C GLU A 78 10.65 -7.31 25.91
N GLY A 79 10.01 -8.36 25.37
CA GLY A 79 10.01 -9.65 26.04
C GLY A 79 11.43 -10.15 26.30
N ILE A 80 12.27 -10.03 25.29
CA ILE A 80 13.68 -10.43 25.41
C ILE A 80 14.40 -9.56 26.45
N THR A 81 14.12 -8.27 26.44
CA THR A 81 14.70 -7.37 27.45
C THR A 81 14.32 -7.80 28.87
N ARG A 82 13.05 -8.12 29.05
CA ARG A 82 12.55 -8.50 30.38
C ARG A 82 13.14 -9.83 30.82
N TRP A 83 13.27 -10.76 29.87
CA TRP A 83 13.83 -12.07 30.14
C TRP A 83 15.29 -11.91 30.55
N SER A 84 16.00 -11.03 29.86
CA SER A 84 17.39 -10.74 30.22
C SER A 84 17.51 -10.26 31.68
N GLN A 85 16.58 -9.42 32.13
CA GLN A 85 16.55 -9.01 33.54
C GLN A 85 16.30 -10.19 34.48
N ARG A 86 15.39 -11.07 34.08
CA ARG A 86 14.99 -12.22 34.89
C ARG A 86 16.13 -13.22 35.01
N LYS A 87 16.95 -13.32 33.95
CA LYS A 87 18.05 -14.27 33.92
C LYS A 87 19.06 -14.06 35.03
N ALA A 88 19.14 -12.84 35.54
CA ALA A 88 20.09 -12.51 36.60
C ALA A 88 19.75 -13.20 37.92
N SER A 89 18.51 -13.68 38.06
CA SER A 89 18.10 -14.39 39.27
C SER A 89 17.67 -15.84 39.03
N ILE A 90 17.94 -16.36 37.84
CA ILE A 90 17.67 -17.77 37.58
C ILE A 90 18.59 -18.66 38.39
N THR A 91 18.03 -19.65 39.07
CA THR A 91 18.81 -20.71 39.68
C THR A 91 18.26 -22.04 39.17
N PRO A 92 19.06 -23.12 39.26
CA PRO A 92 18.56 -24.45 38.90
C PRO A 92 17.33 -24.86 39.70
N GLU A 93 17.31 -24.59 41.00
CA GLU A 93 16.16 -24.99 41.81
C GLU A 93 14.89 -24.18 41.47
N ASP A 94 15.08 -22.90 41.21
CA ASP A 94 13.99 -22.03 40.74
C ASP A 94 13.41 -22.55 39.42
N THR A 95 14.29 -22.89 38.49
CA THR A 95 13.86 -23.36 37.18
C THR A 95 13.11 -24.68 37.33
N ARG A 96 13.67 -25.58 38.12
CA ARG A 96 13.07 -26.89 38.33
C ARG A 96 11.63 -26.79 38.84
N GLN A 97 11.42 -25.95 39.85
CA GLN A 97 10.10 -25.82 40.46
C GLN A 97 9.05 -25.27 39.50
N ARG A 98 9.41 -24.22 38.75
CA ARG A 98 8.50 -23.66 37.76
C ARG A 98 8.23 -24.62 36.60
N ALA A 99 9.28 -25.29 36.13
CA ALA A 99 9.13 -26.23 35.03
C ALA A 99 8.21 -27.39 35.43
N LEU A 100 8.41 -27.90 36.63
CA LEU A 100 7.61 -29.02 37.11
C LEU A 100 6.14 -28.65 37.27
N LYS A 101 5.87 -27.45 37.75
CA LYS A 101 4.49 -26.97 37.87
C LYS A 101 3.80 -26.89 36.51
N THR A 102 4.52 -26.38 35.52
CA THR A 102 3.95 -26.21 34.19
C THR A 102 3.79 -27.56 33.48
N ILE A 103 4.73 -28.46 33.73
CA ILE A 103 4.59 -29.83 33.25
C ILE A 103 3.34 -30.49 33.84
N GLY A 104 3.09 -30.22 35.13
CA GLY A 104 1.85 -30.66 35.77
C GLY A 104 0.60 -30.19 35.05
N MET A 105 0.59 -28.92 34.64
CA MET A 105 -0.52 -28.37 33.87
C MET A 105 -0.69 -29.08 32.55
N LEU A 106 0.43 -29.40 31.90
CA LEU A 106 0.36 -30.06 30.60
C LEU A 106 -0.19 -31.47 30.75
N ARG A 107 0.28 -32.18 31.78
CA ARG A 107 -0.20 -33.51 32.13
C ARG A 107 -1.71 -33.48 32.37
N ASP A 108 -2.18 -32.45 33.10
CA ASP A 108 -3.60 -32.31 33.38
C ASP A 108 -4.42 -32.23 32.10
N PHE A 109 -3.81 -31.73 31.04
CA PHE A 109 -4.51 -31.59 29.78
C PHE A 109 -4.12 -32.62 28.71
N GLY A 110 -3.58 -33.76 29.15
CA GLY A 110 -3.35 -34.90 28.27
C GLY A 110 -2.07 -34.89 27.44
N VAL A 111 -1.16 -33.98 27.77
CA VAL A 111 0.10 -33.90 27.02
C VAL A 111 1.13 -34.87 27.59
N GLN A 112 1.67 -35.74 26.73
CA GLN A 112 2.71 -36.68 27.18
C GLN A 112 4.02 -36.51 26.43
N HIS A 113 4.02 -35.63 25.43
CA HIS A 113 5.21 -35.34 24.64
C HIS A 113 5.43 -33.83 24.58
N VAL A 114 6.63 -33.42 24.96
CA VAL A 114 6.94 -32.00 25.07
C VAL A 114 8.31 -31.71 24.50
N ARG A 115 8.42 -30.64 23.71
CA ARG A 115 9.72 -30.15 23.30
C ARG A 115 9.90 -28.74 23.86
N THR A 116 10.88 -28.57 24.74
CA THR A 116 11.10 -27.26 25.35
C THR A 116 12.32 -26.61 24.76
N HIS A 117 12.23 -25.31 24.50
CA HIS A 117 13.41 -24.53 24.18
C HIS A 117 14.00 -24.02 25.50
N VAL A 118 15.32 -23.97 25.59
CA VAL A 118 16.00 -23.43 26.77
C VAL A 118 17.04 -22.43 26.31
N ASP A 119 17.01 -21.23 26.87
CA ASP A 119 17.94 -20.17 26.49
C ASP A 119 19.37 -20.55 26.90
N VAL A 120 20.25 -20.68 25.93
CA VAL A 120 21.65 -21.04 26.22
C VAL A 120 22.58 -19.83 26.05
N THR A 121 22.03 -18.67 25.75
CA THR A 121 22.81 -17.44 25.85
C THR A 121 22.77 -16.99 27.32
N ASP A 122 23.33 -17.87 28.15
CA ASP A 122 23.43 -17.67 29.58
C ASP A 122 24.67 -18.44 29.98
N PRO A 123 25.73 -17.71 30.37
CA PRO A 123 27.02 -18.36 30.62
C PRO A 123 26.97 -19.40 31.74
N SER A 124 25.94 -19.36 32.59
CA SER A 124 25.82 -20.33 33.68
C SER A 124 25.19 -21.65 33.19
N LEU A 125 24.45 -21.57 32.09
CA LEU A 125 23.64 -22.68 31.59
C LEU A 125 22.81 -23.34 32.70
N ALA A 126 22.38 -22.52 33.66
CA ALA A 126 21.66 -23.00 34.83
C ALA A 126 20.33 -23.68 34.50
N ALA A 127 19.52 -23.03 33.68
CA ALA A 127 18.22 -23.59 33.30
C ALA A 127 18.40 -24.89 32.52
N LEU A 128 19.39 -24.93 31.64
CA LEU A 128 19.64 -26.14 30.87
C LEU A 128 19.96 -27.30 31.80
N GLN A 129 20.83 -27.04 32.76
CA GLN A 129 21.18 -28.05 33.77
C GLN A 129 19.94 -28.55 34.48
N ALA A 130 19.08 -27.62 34.90
CA ALA A 130 17.87 -28.00 35.63
C ALA A 130 16.94 -28.84 34.73
N LEU A 131 16.79 -28.44 33.48
CA LEU A 131 15.83 -29.10 32.59
C LEU A 131 16.33 -30.47 32.11
N LEU A 132 17.63 -30.65 32.00
CA LEU A 132 18.18 -31.97 31.71
C LEU A 132 17.85 -32.95 32.84
N ALA A 133 17.91 -32.47 34.07
CA ALA A 133 17.52 -33.31 35.21
C ALA A 133 16.02 -33.54 35.23
N VAL A 134 15.25 -32.48 34.94
CA VAL A 134 13.80 -32.54 34.92
C VAL A 134 13.32 -33.59 33.89
N LYS A 135 14.07 -33.71 32.81
CA LYS A 135 13.77 -34.69 31.78
C LYS A 135 13.74 -36.11 32.36
N GLN A 136 14.61 -36.37 33.34
CA GLN A 136 14.63 -37.66 34.01
C GLN A 136 13.58 -37.73 35.11
N GLU A 137 13.46 -36.66 35.88
CA GLU A 137 12.55 -36.60 37.02
C GLU A 137 11.09 -36.73 36.59
N ALA A 138 10.74 -36.14 35.45
CA ALA A 138 9.35 -36.11 35.00
C ALA A 138 9.01 -37.15 33.93
N ALA A 139 9.90 -38.11 33.70
CA ALA A 139 9.69 -39.15 32.70
C ALA A 139 8.44 -40.00 32.96
N ASP A 140 8.01 -40.06 34.22
CA ASP A 140 6.78 -40.78 34.57
C ASP A 140 5.54 -40.08 34.01
N LEU A 141 5.69 -38.81 33.65
CA LEU A 141 4.58 -38.03 33.09
C LEU A 141 4.73 -37.76 31.60
N ILE A 142 5.93 -37.39 31.17
CA ILE A 142 6.13 -36.93 29.81
C ILE A 142 7.45 -37.39 29.22
N ASP A 143 7.54 -37.35 27.89
CA ASP A 143 8.81 -37.52 27.20
C ASP A 143 9.26 -36.13 26.76
N LEU A 144 10.33 -35.63 27.38
CA LEU A 144 10.77 -34.26 27.14
C LEU A 144 11.94 -34.18 26.16
N GLN A 145 11.80 -33.36 25.12
CA GLN A 145 12.95 -33.01 24.28
C GLN A 145 13.45 -31.62 24.62
N ILE A 146 14.75 -31.43 24.57
CA ILE A 146 15.32 -30.12 24.91
C ILE A 146 16.07 -29.48 23.75
N VAL A 147 15.69 -28.25 23.43
CA VAL A 147 16.34 -27.48 22.36
C VAL A 147 17.31 -26.44 22.92
N ALA A 148 18.56 -26.47 22.46
CA ALA A 148 19.51 -25.40 22.75
C ALA A 148 19.16 -24.15 21.96
N PHE A 149 18.49 -23.21 22.61
CA PHE A 149 17.92 -22.03 21.98
C PHE A 149 18.77 -20.82 22.36
N PRO A 150 19.46 -20.22 21.38
CA PRO A 150 20.33 -19.07 21.68
C PRO A 150 19.53 -17.77 21.59
N GLN A 151 18.76 -17.47 22.64
CA GLN A 151 17.85 -16.32 22.65
C GLN A 151 18.47 -15.01 22.15
N GLU A 152 19.70 -14.72 22.60
CA GLU A 152 20.28 -13.44 22.24
C GLU A 152 21.21 -13.53 21.02
N GLY A 153 21.11 -14.63 20.29
CA GLY A 153 21.86 -14.78 19.06
C GLY A 153 23.09 -15.65 19.20
N ILE A 154 23.40 -16.36 18.13
CA ILE A 154 24.64 -17.13 18.05
C ILE A 154 25.83 -16.22 17.73
N GLU A 155 25.68 -15.38 16.72
CA GLU A 155 26.78 -14.57 16.24
C GLU A 155 26.84 -13.24 16.96
N SER A 156 25.76 -12.92 17.67
CA SER A 156 25.55 -11.58 18.21
C SER A 156 25.70 -11.50 19.75
N TYR A 157 25.99 -12.65 20.36
CA TYR A 157 26.15 -12.76 21.81
C TYR A 157 27.54 -13.30 22.09
N PRO A 158 28.20 -12.79 23.16
CA PRO A 158 29.56 -13.25 23.48
C PRO A 158 29.65 -14.77 23.59
N ASN A 159 30.58 -15.37 22.84
CA ASN A 159 30.81 -16.82 22.88
C ASN A 159 29.58 -17.66 22.51
N GLY A 160 28.67 -17.08 21.73
CA GLY A 160 27.47 -17.77 21.32
C GLY A 160 27.69 -19.15 20.74
N ARG A 161 28.71 -19.30 19.88
CA ARG A 161 28.99 -20.62 19.28
C ARG A 161 29.47 -21.64 20.32
N GLU A 162 30.31 -21.21 21.27
CA GLU A 162 30.77 -22.08 22.36
C GLU A 162 29.63 -22.55 23.23
N LEU A 163 28.72 -21.63 23.52
CA LEU A 163 27.57 -21.96 24.37
C LEU A 163 26.64 -22.96 23.70
N MET A 164 26.40 -22.77 22.40
CA MET A 164 25.57 -23.73 21.64
C MET A 164 26.22 -25.11 21.66
N THR A 165 27.53 -25.15 21.42
CA THR A 165 28.27 -26.40 21.38
C THR A 165 28.26 -27.07 22.74
N ARG A 166 28.50 -26.29 23.79
CA ARG A 166 28.51 -26.81 25.16
C ARG A 166 27.14 -27.38 25.52
N ALA A 167 26.08 -26.67 25.14
CA ALA A 167 24.71 -27.12 25.41
C ALA A 167 24.42 -28.48 24.77
N ILE A 168 24.85 -28.62 23.53
CA ILE A 168 24.70 -29.88 22.81
C ILE A 168 25.52 -30.98 23.48
N GLU A 169 26.75 -30.68 23.87
CA GLU A 169 27.56 -31.71 24.53
C GLU A 169 26.97 -32.12 25.88
N MET A 170 26.32 -31.17 26.55
CA MET A 170 25.66 -31.45 27.82
C MET A 170 24.46 -32.37 27.65
N GLY A 171 23.91 -32.39 26.44
CA GLY A 171 22.89 -33.37 26.10
C GLY A 171 21.58 -32.85 25.55
N ALA A 172 21.51 -31.56 25.22
CA ALA A 172 20.34 -31.07 24.50
C ALA A 172 20.13 -31.90 23.23
N ASP A 173 18.90 -32.33 22.99
CA ASP A 173 18.56 -33.22 21.88
C ASP A 173 18.40 -32.47 20.56
N VAL A 174 18.07 -31.18 20.65
CA VAL A 174 17.74 -30.40 19.46
C VAL A 174 18.57 -29.13 19.38
N VAL A 175 19.04 -28.81 18.17
CA VAL A 175 19.78 -27.57 17.94
C VAL A 175 18.82 -26.44 17.54
N GLY A 176 18.89 -25.33 18.27
CA GLY A 176 18.01 -24.19 18.01
C GLY A 176 18.68 -23.06 17.24
N GLY A 177 17.98 -21.94 17.13
CA GLY A 177 18.53 -20.77 16.46
C GLY A 177 17.56 -19.61 16.46
N ILE A 178 18.01 -18.44 16.02
CA ILE A 178 17.15 -17.27 15.94
C ILE A 178 17.69 -16.27 14.89
N PRO A 179 17.82 -16.73 13.63
CA PRO A 179 18.52 -15.96 12.59
C PRO A 179 17.95 -14.57 12.35
N HIS A 180 16.63 -14.40 12.48
CA HIS A 180 16.02 -13.08 12.28
C HIS A 180 16.45 -12.07 13.34
N TYR A 181 16.96 -12.55 14.47
CA TYR A 181 17.37 -11.65 15.57
C TYR A 181 18.86 -11.32 15.53
N GLU A 182 19.63 -12.02 14.71
CA GLU A 182 21.06 -11.69 14.58
C GLU A 182 21.20 -10.25 14.05
N ASN A 183 22.31 -9.60 14.40
CA ASN A 183 22.48 -8.16 14.22
C ASN A 183 22.49 -7.70 12.76
N THR A 184 22.96 -8.55 11.86
CA THR A 184 22.95 -8.22 10.43
C THR A 184 22.42 -9.41 9.66
N ARG A 185 21.97 -9.16 8.44
CA ARG A 185 21.47 -10.22 7.58
C ARG A 185 22.54 -11.28 7.35
N ASP A 186 23.78 -10.86 7.10
CA ASP A 186 24.84 -11.82 6.83
C ASP A 186 25.13 -12.72 8.04
N LYS A 187 25.00 -12.16 9.23
CA LYS A 187 25.18 -12.96 10.45
C LYS A 187 24.01 -13.89 10.71
N GLY A 188 22.83 -13.47 10.26
CA GLY A 188 21.68 -14.36 10.29
C GLY A 188 21.96 -15.59 9.44
N VAL A 189 22.52 -15.36 8.26
CA VAL A 189 22.81 -16.48 7.35
C VAL A 189 23.90 -17.38 7.91
N SER A 190 24.99 -16.79 8.40
CA SER A 190 26.08 -17.58 8.96
C SER A 190 25.61 -18.37 10.18
N SER A 191 24.66 -17.81 10.94
CA SER A 191 24.14 -18.55 12.10
C SER A 191 23.46 -19.85 11.67
N VAL A 192 22.72 -19.81 10.56
CA VAL A 192 22.05 -21.01 10.08
C VAL A 192 23.06 -22.04 9.60
N MET A 193 24.10 -21.58 8.90
CA MET A 193 25.16 -22.51 8.46
C MET A 193 25.83 -23.19 9.65
N PHE A 194 26.14 -22.40 10.67
CA PHE A 194 26.73 -22.93 11.89
C PHE A 194 25.85 -23.96 12.58
N LEU A 195 24.57 -23.63 12.79
CA LEU A 195 23.71 -24.49 13.59
C LEU A 195 23.44 -25.81 12.85
N MET A 196 23.33 -25.75 11.53
CA MET A 196 23.16 -26.96 10.74
C MET A 196 24.42 -27.83 10.78
N ASP A 197 25.59 -27.21 10.71
CA ASP A 197 26.85 -27.96 10.87
C ASP A 197 26.92 -28.61 12.24
N LEU A 198 26.57 -27.86 13.27
CA LEU A 198 26.51 -28.37 14.64
C LEU A 198 25.60 -29.61 14.75
N ALA A 199 24.36 -29.48 14.28
CA ALA A 199 23.42 -30.60 14.31
C ALA A 199 23.95 -31.82 13.56
N GLN A 200 24.58 -31.60 12.41
CA GLN A 200 25.13 -32.73 11.65
C GLN A 200 26.30 -33.38 12.34
N ARG A 201 27.18 -32.57 12.93
CA ARG A 201 28.36 -33.09 13.58
C ARG A 201 28.02 -33.95 14.82
N TYR A 202 26.95 -33.58 15.53
CA TYR A 202 26.56 -34.30 16.73
C TYR A 202 25.31 -35.17 16.54
N GLY A 203 24.80 -35.22 15.32
CA GLY A 203 23.63 -36.04 15.01
C GLY A 203 22.38 -35.68 15.79
N ARG A 204 22.04 -34.40 15.81
CA ARG A 204 20.89 -33.92 16.58
C ARG A 204 19.79 -33.41 15.66
N LEU A 205 18.60 -33.24 16.22
CA LEU A 205 17.49 -32.64 15.51
C LEU A 205 17.69 -31.13 15.47
N VAL A 206 16.86 -30.44 14.69
CA VAL A 206 16.95 -28.98 14.55
C VAL A 206 15.56 -28.37 14.71
N ASP A 207 15.45 -27.32 15.51
CA ASP A 207 14.20 -26.57 15.62
C ASP A 207 14.52 -25.09 15.84
N VAL A 208 14.28 -24.28 14.82
CA VAL A 208 14.77 -22.90 14.79
C VAL A 208 13.63 -21.89 14.88
N HIS A 209 13.81 -20.87 15.72
CA HIS A 209 12.93 -19.69 15.74
C HIS A 209 13.25 -18.91 14.49
N CYS A 210 12.43 -19.04 13.48
CA CYS A 210 12.94 -18.73 12.15
C CYS A 210 12.77 -17.28 11.69
N ASP A 211 11.55 -16.83 11.56
CA ASP A 211 11.32 -15.45 11.13
C ASP A 211 10.18 -14.88 11.96
N GLU A 212 10.42 -14.73 13.26
CA GLU A 212 9.35 -14.33 14.19
C GLU A 212 9.25 -12.81 14.21
N ILE A 213 8.87 -12.24 13.07
CA ILE A 213 8.88 -10.79 12.91
C ILE A 213 7.98 -10.49 11.72
N ASP A 214 7.42 -9.28 11.65
CA ASP A 214 6.47 -8.97 10.59
C ASP A 214 7.12 -8.41 9.32
N ASP A 215 8.45 -8.38 9.30
CA ASP A 215 9.23 -7.85 8.18
C ASP A 215 9.17 -8.79 6.97
N PRO A 216 8.55 -8.35 5.86
CA PRO A 216 8.44 -9.17 4.63
C PRO A 216 9.81 -9.56 4.08
N GLN A 217 10.87 -8.88 4.50
CA GLN A 217 12.20 -9.27 4.01
C GLN A 217 12.95 -10.21 4.96
N SER A 218 12.30 -10.67 6.02
CA SER A 218 12.93 -11.65 6.88
C SER A 218 12.77 -13.03 6.21
N ARG A 219 13.81 -13.47 5.53
CA ARG A 219 13.70 -14.68 4.71
C ARG A 219 14.74 -15.74 5.07
N PHE A 220 14.97 -15.96 6.36
CA PHE A 220 15.91 -16.98 6.76
C PHE A 220 15.36 -18.39 6.56
N LEU A 221 14.04 -18.50 6.45
CA LEU A 221 13.40 -19.78 6.16
C LEU A 221 14.00 -20.44 4.91
N GLU A 222 14.22 -19.67 3.85
CA GLU A 222 14.80 -20.24 2.62
C GLU A 222 16.19 -20.82 2.86
N VAL A 223 16.97 -20.17 3.73
CA VAL A 223 18.33 -20.65 4.01
C VAL A 223 18.26 -21.96 4.77
N LEU A 224 17.38 -22.02 5.76
CA LEU A 224 17.21 -23.22 6.57
C LEU A 224 16.71 -24.40 5.73
N ALA A 225 15.69 -24.16 4.93
CA ALA A 225 15.09 -25.22 4.12
C ALA A 225 16.10 -25.72 3.09
N GLU A 226 16.87 -24.82 2.50
CA GLU A 226 17.88 -25.27 1.53
C GLU A 226 18.99 -26.10 2.17
N GLU A 227 19.46 -25.69 3.35
CA GLU A 227 20.46 -26.50 4.03
C GLU A 227 19.91 -27.88 4.37
N ALA A 228 18.67 -27.92 4.84
CA ALA A 228 18.05 -29.19 5.18
C ALA A 228 17.95 -30.08 3.93
N ARG A 229 17.59 -29.49 2.79
CA ARG A 229 17.41 -30.25 1.55
C ARG A 229 18.75 -30.82 1.06
N VAL A 230 19.76 -29.96 0.99
CA VAL A 230 21.09 -30.35 0.53
C VAL A 230 21.72 -31.41 1.42
N ARG A 231 21.50 -31.30 2.72
CA ARG A 231 22.11 -32.20 3.69
C ARG A 231 21.29 -33.48 3.86
N GLY A 232 20.09 -33.50 3.29
CA GLY A 232 19.21 -34.64 3.38
C GLY A 232 18.64 -34.85 4.78
N MET A 233 18.45 -33.77 5.51
CA MET A 233 17.97 -33.90 6.90
C MET A 233 16.60 -33.28 7.16
N GLY A 234 15.78 -33.14 6.12
CA GLY A 234 14.50 -32.46 6.27
C GLY A 234 13.59 -32.96 7.38
N ALA A 235 13.44 -34.27 7.49
CA ALA A 235 12.59 -34.86 8.52
C ALA A 235 13.04 -34.47 9.94
N GLN A 236 14.32 -34.16 10.09
CA GLN A 236 14.90 -33.84 11.40
C GLN A 236 14.90 -32.34 11.68
N VAL A 237 14.29 -31.57 10.79
CA VAL A 237 14.34 -30.11 10.87
C VAL A 237 12.96 -29.50 10.99
N THR A 238 12.80 -28.60 11.96
CA THR A 238 11.56 -27.85 12.11
C THR A 238 11.84 -26.35 12.07
N ALA A 239 10.96 -25.62 11.39
CA ALA A 239 10.96 -24.16 11.45
C ALA A 239 9.80 -23.71 12.32
N SER A 240 10.10 -23.02 13.42
CA SER A 240 9.07 -22.51 14.31
C SER A 240 8.87 -21.02 14.06
N HIS A 241 7.65 -20.53 14.26
CA HIS A 241 7.40 -19.08 14.20
C HIS A 241 7.83 -18.45 12.89
N THR A 242 7.36 -18.98 11.78
CA THR A 242 7.65 -18.37 10.50
C THR A 242 6.65 -17.24 10.25
N CYS A 243 6.51 -16.33 11.22
CA CYS A 243 5.50 -15.27 11.17
C CYS A 243 5.64 -14.39 9.92
N ALA A 244 6.88 -14.10 9.53
CA ALA A 244 7.12 -13.28 8.33
C ALA A 244 6.44 -13.86 7.08
N MET A 245 6.29 -15.18 7.01
CA MET A 245 5.63 -15.77 5.84
C MET A 245 4.21 -15.22 5.68
N GLY A 246 3.54 -14.91 6.79
CA GLY A 246 2.24 -14.27 6.74
C GLY A 246 2.26 -12.86 6.17
N SER A 247 3.44 -12.31 5.92
CA SER A 247 3.56 -11.01 5.26
C SER A 247 4.36 -11.07 3.94
N TYR A 248 4.77 -12.26 3.49
CA TYR A 248 5.63 -12.35 2.30
C TYR A 248 4.96 -11.83 1.04
N ASP A 249 5.78 -11.31 0.15
CA ASP A 249 5.34 -11.10 -1.21
C ASP A 249 4.78 -12.45 -1.73
N ASN A 250 3.64 -12.40 -2.39
CA ASN A 250 2.97 -13.62 -2.81
C ASN A 250 3.64 -14.39 -3.93
N ALA A 251 4.29 -13.68 -4.86
CA ALA A 251 5.01 -14.35 -5.94
C ALA A 251 6.23 -15.08 -5.38
N TYR A 252 6.95 -14.41 -4.50
CA TYR A 252 8.05 -15.06 -3.78
C TYR A 252 7.56 -16.26 -2.99
N CYS A 253 6.45 -16.11 -2.28
CA CYS A 253 5.98 -17.19 -1.42
C CYS A 253 5.60 -18.42 -2.23
N SER A 254 4.96 -18.20 -3.38
CA SER A 254 4.65 -19.31 -4.27
C SER A 254 5.91 -20.06 -4.72
N LYS A 255 6.94 -19.30 -5.08
CA LYS A 255 8.21 -19.89 -5.49
C LYS A 255 8.85 -20.65 -4.32
N LEU A 256 8.83 -20.02 -3.15
CA LEU A 256 9.40 -20.60 -1.93
C LEU A 256 8.79 -21.95 -1.56
N PHE A 257 7.47 -22.10 -1.78
CA PHE A 257 6.78 -23.35 -1.42
C PHE A 257 7.35 -24.58 -2.14
N ARG A 258 7.93 -24.38 -3.31
CA ARG A 258 8.51 -25.50 -4.02
C ARG A 258 9.71 -26.06 -3.24
N LEU A 259 10.55 -25.15 -2.72
CA LEU A 259 11.67 -25.54 -1.88
C LEU A 259 11.15 -26.15 -0.57
N LEU A 260 10.12 -25.53 0.01
CA LEU A 260 9.62 -25.99 1.30
C LEU A 260 9.16 -27.43 1.20
N LYS A 261 8.42 -27.74 0.14
CA LYS A 261 7.98 -29.10 -0.13
C LYS A 261 9.15 -30.07 -0.35
N ALA A 262 10.10 -29.66 -1.19
CA ALA A 262 11.24 -30.51 -1.52
C ALA A 262 12.13 -30.77 -0.30
N SER A 263 12.19 -29.80 0.61
CA SER A 263 13.10 -29.89 1.75
C SER A 263 12.63 -30.92 2.78
N GLY A 264 11.32 -31.08 2.88
CA GLY A 264 10.72 -32.04 3.80
C GLY A 264 10.69 -31.57 5.24
N ILE A 265 11.01 -30.30 5.51
CA ILE A 265 11.01 -29.81 6.89
C ILE A 265 9.60 -29.63 7.47
N ASN A 266 9.53 -29.55 8.80
CA ASN A 266 8.27 -29.37 9.51
C ASN A 266 8.09 -27.92 9.92
N PHE A 267 6.85 -27.55 10.22
CA PHE A 267 6.53 -26.19 10.66
C PHE A 267 5.74 -26.21 11.95
N ILE A 268 6.06 -25.31 12.87
CA ILE A 268 5.24 -25.14 14.06
C ILE A 268 4.71 -23.72 14.11
N SER A 269 3.42 -23.58 14.36
CA SER A 269 2.80 -22.27 14.51
C SER A 269 2.27 -22.12 15.93
N CYS A 270 2.43 -20.93 16.52
CA CYS A 270 1.95 -20.66 17.86
C CYS A 270 0.94 -19.50 17.80
N PRO A 271 -0.29 -19.82 17.40
CA PRO A 271 -1.27 -18.78 17.06
C PRO A 271 -1.66 -17.84 18.21
N THR A 272 -1.82 -18.33 19.43
CA THR A 272 -2.16 -17.41 20.52
C THR A 272 -0.99 -16.48 20.79
N GLU A 273 0.23 -16.99 20.68
CA GLU A 273 1.40 -16.16 20.95
C GLU A 273 1.56 -15.11 19.87
N SER A 274 1.44 -15.55 18.63
CA SER A 274 1.69 -14.66 17.50
C SER A 274 0.64 -13.58 17.34
N ILE A 275 -0.63 -13.92 17.60
CA ILE A 275 -1.66 -12.90 17.53
C ILE A 275 -1.40 -11.81 18.59
N HIS A 276 -0.78 -12.20 19.69
CA HIS A 276 -0.42 -11.26 20.76
C HIS A 276 0.83 -10.44 20.42
N LEU A 277 1.89 -11.11 19.97
CA LEU A 277 3.18 -10.44 19.75
C LEU A 277 3.30 -9.77 18.38
N GLN A 278 2.57 -10.28 17.38
CA GLN A 278 2.68 -9.75 16.03
C GLN A 278 1.62 -8.67 15.79
N GLY A 279 1.77 -7.94 14.68
CA GLY A 279 0.87 -6.85 14.37
C GLY A 279 1.06 -5.63 15.26
N ARG A 280 2.09 -5.64 16.09
CA ARG A 280 2.31 -4.54 17.05
C ARG A 280 2.92 -3.30 16.43
N PHE A 281 3.45 -3.43 15.21
CA PHE A 281 4.08 -2.30 14.55
C PHE A 281 3.25 -1.78 13.39
N ASP A 282 2.05 -2.34 13.24
CA ASP A 282 1.04 -1.78 12.33
C ASP A 282 0.18 -0.79 13.08
N SER A 283 -0.46 0.11 12.35
CA SER A 283 -1.63 0.77 12.90
C SER A 283 -2.88 -0.01 12.48
N TRP A 284 -3.55 0.49 11.46
CA TRP A 284 -4.81 -0.08 10.99
C TRP A 284 -4.80 0.04 9.47
N PRO A 285 -5.17 -1.04 8.75
CA PRO A 285 -5.54 -2.35 9.33
C PRO A 285 -4.37 -3.06 9.98
N LYS A 286 -4.67 -3.96 10.90
CA LYS A 286 -3.65 -4.63 11.69
C LYS A 286 -3.53 -6.07 11.24
N ARG A 287 -2.34 -6.46 10.80
CA ARG A 287 -2.14 -7.82 10.29
C ARG A 287 -2.23 -8.88 11.40
N ARG A 288 -2.65 -10.08 11.02
CA ARG A 288 -2.73 -11.19 11.97
C ARG A 288 -1.33 -11.62 12.39
N GLY A 289 -0.42 -11.69 11.42
CA GLY A 289 0.97 -12.03 11.67
C GLY A 289 1.28 -13.49 11.92
N VAL A 290 0.39 -14.37 11.48
CA VAL A 290 0.58 -15.80 11.66
C VAL A 290 1.01 -16.41 10.32
N THR A 291 1.83 -17.45 10.36
CA THR A 291 2.29 -18.12 9.14
C THR A 291 1.12 -18.72 8.33
N ARG A 292 1.41 -19.22 7.13
CA ARG A 292 0.33 -19.65 6.23
C ARG A 292 0.01 -21.12 6.46
N VAL A 293 -0.55 -21.41 7.63
CA VAL A 293 -0.78 -22.78 8.07
C VAL A 293 -1.68 -23.58 7.12
N ALA A 294 -2.80 -23.00 6.73
CA ALA A 294 -3.72 -23.73 5.86
C ALA A 294 -3.07 -24.07 4.52
N GLU A 295 -2.30 -23.10 4.01
CA GLU A 295 -1.65 -23.23 2.72
C GLU A 295 -0.49 -24.26 2.76
N LEU A 296 0.30 -24.24 3.83
CA LEU A 296 1.31 -25.30 4.03
C LEU A 296 0.65 -26.69 4.04
N ASP A 297 -0.41 -26.84 4.82
CA ASP A 297 -1.07 -28.14 4.98
C ASP A 297 -1.65 -28.63 3.64
N ARG A 298 -2.29 -27.73 2.90
CA ARG A 298 -2.82 -28.07 1.59
C ARG A 298 -1.72 -28.48 0.61
N ALA A 299 -0.53 -27.95 0.81
CA ALA A 299 0.62 -28.28 -0.03
C ALA A 299 1.25 -29.62 0.37
N GLY A 300 0.72 -30.24 1.41
CA GLY A 300 1.25 -31.52 1.87
C GLY A 300 2.44 -31.37 2.80
N ILE A 301 2.60 -30.20 3.38
CA ILE A 301 3.74 -29.90 4.26
C ILE A 301 3.24 -30.07 5.68
N ASN A 302 4.02 -30.74 6.53
CA ASN A 302 3.60 -30.99 7.90
C ASN A 302 3.65 -29.73 8.75
N VAL A 303 2.51 -29.34 9.32
CA VAL A 303 2.45 -28.16 10.20
C VAL A 303 1.64 -28.51 11.44
N CYS A 304 1.96 -27.88 12.57
CA CYS A 304 1.20 -28.15 13.79
C CYS A 304 1.15 -26.91 14.69
N PHE A 305 0.37 -26.99 15.77
CA PHE A 305 0.19 -25.86 16.68
C PHE A 305 0.83 -26.09 18.04
N ALA A 306 1.27 -25.00 18.68
CA ALA A 306 1.93 -25.10 19.97
C ALA A 306 1.59 -23.92 20.86
N GLN A 307 1.75 -24.10 22.17
CA GLN A 307 1.46 -23.05 23.13
C GLN A 307 2.53 -21.95 23.23
N ASP A 308 3.80 -22.34 23.10
CA ASP A 308 4.95 -21.42 23.18
C ASP A 308 5.23 -20.95 24.62
N SER A 309 4.29 -20.23 25.21
CA SER A 309 4.49 -19.62 26.52
C SER A 309 3.38 -19.92 27.50
N ILE A 310 3.75 -20.09 28.75
CA ILE A 310 2.78 -20.05 29.83
C ILE A 310 3.27 -19.09 30.92
N GLN A 311 2.57 -17.96 31.03
CA GLN A 311 2.82 -16.92 32.02
C GLN A 311 4.29 -16.49 32.07
N ASP A 312 4.80 -16.01 30.95
CA ASP A 312 6.22 -15.71 30.88
C ASP A 312 6.45 -14.24 30.43
N PRO A 313 7.70 -13.81 30.17
CA PRO A 313 7.84 -12.39 29.84
C PRO A 313 7.17 -11.97 28.52
N TRP A 314 6.80 -12.92 27.67
CA TRP A 314 6.21 -12.61 26.37
C TRP A 314 4.68 -12.69 26.37
N TYR A 315 4.13 -13.51 27.27
CA TYR A 315 2.72 -13.86 27.20
C TYR A 315 2.15 -14.13 28.58
N PRO A 316 1.16 -13.33 29.01
CA PRO A 316 0.76 -13.38 30.43
C PRO A 316 -0.23 -14.48 30.78
N LEU A 317 -0.78 -15.15 29.77
CA LEU A 317 -1.77 -16.19 30.02
C LEU A 317 -1.18 -17.60 29.85
N GLY A 318 -2.04 -18.59 29.61
CA GLY A 318 -1.60 -19.97 29.44
C GLY A 318 -2.04 -20.89 30.57
N ASN A 319 -2.52 -22.09 30.24
CA ASN A 319 -2.98 -23.01 31.27
C ASN A 319 -2.63 -24.47 30.99
N GLY A 320 -1.93 -24.71 29.89
CA GLY A 320 -1.51 -26.06 29.52
C GLY A 320 -2.43 -26.74 28.50
N ASN A 321 -3.55 -26.11 28.18
CA ASN A 321 -4.58 -26.76 27.33
C ASN A 321 -4.39 -26.51 25.83
N ILE A 322 -3.86 -27.50 25.13
CA ILE A 322 -3.58 -27.35 23.69
C ILE A 322 -4.86 -27.21 22.84
N LEU A 323 -5.99 -27.65 23.36
CA LEU A 323 -7.25 -27.49 22.62
C LEU A 323 -7.64 -26.02 22.49
N ARG A 324 -7.21 -25.20 23.44
CA ARG A 324 -7.49 -23.78 23.36
C ARG A 324 -6.68 -23.19 22.20
N ILE A 325 -5.44 -23.64 22.07
CA ILE A 325 -4.55 -23.21 20.99
C ILE A 325 -5.07 -23.65 19.62
N LEU A 326 -5.51 -24.90 19.55
CA LEU A 326 -6.12 -25.41 18.34
C LEU A 326 -7.28 -24.53 17.92
N ASP A 327 -8.17 -24.21 18.86
CA ASP A 327 -9.31 -23.35 18.57
C ASP A 327 -8.84 -22.02 17.95
N ALA A 328 -7.88 -21.38 18.61
CA ALA A 328 -7.33 -20.12 18.16
C ALA A 328 -6.76 -20.23 16.75
N GLY A 329 -5.98 -21.28 16.54
CA GLY A 329 -5.33 -21.49 15.26
C GLY A 329 -6.33 -21.66 14.14
N LEU A 330 -7.35 -22.47 14.37
CA LEU A 330 -8.36 -22.69 13.33
C LEU A 330 -9.08 -21.39 12.94
N HIS A 331 -9.32 -20.52 13.91
CA HIS A 331 -9.98 -19.23 13.63
C HIS A 331 -9.05 -18.28 12.87
N ILE A 332 -7.85 -18.07 13.41
CA ILE A 332 -6.93 -17.08 12.85
C ILE A 332 -6.42 -17.48 11.46
N CYS A 333 -6.29 -18.78 11.23
CA CYS A 333 -5.75 -19.30 9.98
C CYS A 333 -6.83 -19.62 8.95
N HIS A 334 -8.07 -19.28 9.26
CA HIS A 334 -9.21 -19.53 8.36
C HIS A 334 -9.33 -20.99 7.99
N MET A 335 -9.36 -21.83 9.01
CA MET A 335 -9.48 -23.27 8.84
C MET A 335 -10.71 -23.78 9.59
N LEU A 336 -11.83 -23.11 9.38
CA LEU A 336 -13.08 -23.55 9.98
C LEU A 336 -14.00 -24.20 8.96
N GLY A 337 -13.43 -24.70 7.86
CA GLY A 337 -14.23 -25.38 6.86
C GLY A 337 -14.66 -26.75 7.40
N TYR A 338 -15.68 -27.33 6.79
CA TYR A 338 -16.18 -28.64 7.21
C TYR A 338 -15.09 -29.72 7.22
N ASP A 339 -14.35 -29.82 6.12
CA ASP A 339 -13.26 -30.80 6.04
C ASP A 339 -12.14 -30.52 7.03
N ASP A 340 -11.84 -29.23 7.25
CA ASP A 340 -10.83 -28.83 8.24
C ASP A 340 -11.22 -29.38 9.63
N LEU A 341 -12.47 -29.15 10.02
CA LEU A 341 -12.95 -29.52 11.36
C LEU A 341 -13.00 -31.03 11.60
N GLN A 342 -13.26 -31.81 10.55
CA GLN A 342 -13.30 -33.26 10.68
C GLN A 342 -11.94 -33.94 10.96
N ARG A 343 -10.85 -33.23 10.69
CA ARG A 343 -9.51 -33.78 10.94
C ARG A 343 -8.60 -32.82 11.72
N CYS A 344 -9.19 -31.83 12.38
CA CYS A 344 -8.38 -30.77 13.02
C CYS A 344 -7.48 -31.27 14.14
N LEU A 345 -7.79 -32.43 14.70
CA LEU A 345 -6.93 -32.94 15.79
C LEU A 345 -5.53 -33.34 15.30
N ASP A 346 -5.38 -33.52 13.98
CA ASP A 346 -4.06 -33.72 13.36
C ASP A 346 -3.02 -32.71 13.87
N PHE A 347 -3.45 -31.46 14.02
CA PHE A 347 -2.51 -30.36 14.29
C PHE A 347 -1.97 -30.32 15.71
N VAL A 348 -2.54 -31.15 16.59
CA VAL A 348 -2.07 -31.20 17.98
C VAL A 348 -1.78 -32.63 18.43
N THR A 349 -1.82 -33.57 17.49
CA THR A 349 -1.42 -34.94 17.76
C THR A 349 -0.44 -35.47 16.70
N ASP A 350 -0.97 -36.11 15.66
CA ASP A 350 -0.15 -36.73 14.61
C ASP A 350 0.93 -35.83 14.01
N ASN A 351 0.57 -34.61 13.63
CA ASN A 351 1.52 -33.75 12.93
C ASN A 351 2.63 -33.31 13.88
N SER A 352 2.24 -33.05 15.11
CA SER A 352 3.21 -32.67 16.15
C SER A 352 4.17 -33.83 16.47
N ALA A 353 3.63 -35.05 16.53
CA ALA A 353 4.49 -36.22 16.75
C ALA A 353 5.50 -36.39 15.62
N ARG A 354 5.09 -36.05 14.40
CA ARG A 354 5.99 -36.13 13.26
C ARG A 354 7.12 -35.10 13.37
N ALA A 355 6.78 -33.91 13.83
CA ALA A 355 7.77 -32.84 14.02
C ALA A 355 8.81 -33.26 15.06
N LEU A 356 8.36 -33.99 16.06
CA LEU A 356 9.24 -34.45 17.12
C LEU A 356 9.92 -35.79 16.76
N CYS A 357 9.66 -36.29 15.54
CA CYS A 357 10.24 -37.56 15.09
C CYS A 357 9.99 -38.70 16.06
N LEU A 358 8.77 -38.83 16.56
CA LEU A 358 8.48 -39.87 17.54
C LEU A 358 8.38 -41.26 16.90
N GLY A 359 8.02 -41.28 15.62
CA GLY A 359 7.90 -42.52 14.86
C GLY A 359 7.02 -43.54 15.55
N ASP A 360 7.53 -44.77 15.67
CA ASP A 360 6.75 -45.86 16.24
C ASP A 360 6.54 -45.78 17.74
N ASN A 361 7.05 -44.73 18.37
CA ASN A 361 6.78 -44.53 19.80
C ASN A 361 5.50 -43.71 20.03
N TYR A 362 4.77 -43.46 18.95
CA TYR A 362 3.55 -42.66 19.01
C TYR A 362 2.49 -43.24 18.08
N GLY A 363 1.23 -43.22 18.52
CA GLY A 363 0.13 -43.64 17.66
C GLY A 363 -0.60 -44.88 18.14
N LEU A 364 -1.90 -44.94 17.89
CA LEU A 364 -2.70 -46.09 18.28
C LEU A 364 -2.61 -47.20 17.25
N ALA A 365 -1.55 -48.00 17.37
CA ALA A 365 -1.35 -49.16 16.52
C ALA A 365 -0.83 -50.29 17.39
N GLU A 366 -1.20 -51.51 17.05
CA GLU A 366 -0.71 -52.66 17.81
C GLU A 366 0.81 -52.69 17.82
N GLY A 367 1.39 -52.98 18.97
CA GLY A 367 2.84 -53.04 19.09
C GLY A 367 3.46 -51.76 19.60
N ARG A 368 2.71 -50.67 19.54
CA ARG A 368 3.21 -49.36 19.98
C ARG A 368 2.94 -49.15 21.47
N PRO A 369 3.66 -48.21 22.11
CA PRO A 369 3.47 -47.95 23.54
C PRO A 369 2.01 -47.64 23.90
N ALA A 370 1.57 -48.15 25.03
CA ALA A 370 0.23 -47.89 25.51
C ALA A 370 0.14 -46.50 26.15
N ASN A 371 0.25 -45.47 25.30
CA ASN A 371 0.08 -44.09 25.71
C ASN A 371 -1.13 -43.55 24.96
N LEU A 372 -2.18 -43.21 25.68
CA LEU A 372 -3.40 -42.74 25.06
C LEU A 372 -4.33 -42.01 26.02
N LEU A 373 -5.29 -41.29 25.44
CA LEU A 373 -6.27 -40.53 26.20
C LEU A 373 -7.68 -40.94 25.82
N ILE A 374 -8.59 -40.76 26.75
CA ILE A 374 -10.01 -40.81 26.43
C ILE A 374 -10.56 -39.39 26.57
N LEU A 375 -11.06 -38.84 25.47
CA LEU A 375 -11.57 -37.46 25.42
C LEU A 375 -13.09 -37.47 25.53
N ASP A 376 -13.66 -36.49 26.21
CA ASP A 376 -15.11 -36.41 26.38
C ASP A 376 -15.78 -35.82 25.13
N ALA A 377 -15.61 -36.50 24.00
CA ALA A 377 -16.21 -36.12 22.74
C ALA A 377 -16.11 -37.31 21.80
N GLU A 378 -16.90 -37.32 20.72
CA GLU A 378 -16.96 -38.50 19.85
C GLU A 378 -16.18 -38.35 18.53
N ASN A 379 -15.76 -37.13 18.22
CA ASN A 379 -15.00 -36.87 16.99
C ASN A 379 -14.22 -35.55 17.09
N ASP A 380 -13.43 -35.23 16.07
CA ASP A 380 -12.58 -34.02 16.07
C ASP A 380 -13.38 -32.72 16.25
N TYR A 381 -14.46 -32.61 15.49
CA TYR A 381 -15.31 -31.41 15.51
C TYR A 381 -15.86 -31.12 16.90
N GLU A 382 -16.44 -32.14 17.54
CA GLU A 382 -16.97 -31.95 18.89
C GLU A 382 -15.87 -31.67 19.90
N ALA A 383 -14.71 -32.29 19.72
CA ALA A 383 -13.59 -32.08 20.62
C ALA A 383 -13.22 -30.59 20.69
N VAL A 384 -13.08 -29.94 19.53
CA VAL A 384 -12.70 -28.53 19.51
C VAL A 384 -13.87 -27.60 19.86
N ARG A 385 -15.07 -27.98 19.43
CA ARG A 385 -16.24 -27.14 19.70
C ARG A 385 -16.54 -27.08 21.18
N ARG A 386 -16.44 -28.22 21.84
CA ARG A 386 -16.77 -28.32 23.26
C ARG A 386 -15.56 -28.11 24.18
N GLN A 387 -14.37 -28.01 23.60
CA GLN A 387 -13.12 -28.02 24.36
C GLN A 387 -13.11 -29.23 25.29
N ALA A 388 -13.27 -30.41 24.70
CA ALA A 388 -13.51 -31.64 25.44
C ALA A 388 -12.47 -31.92 26.51
N ARG A 389 -12.95 -32.28 27.69
CA ARG A 389 -12.09 -32.61 28.81
C ARG A 389 -11.41 -33.95 28.60
N VAL A 390 -10.19 -34.07 29.09
CA VAL A 390 -9.49 -35.34 29.08
C VAL A 390 -9.94 -36.12 30.28
N LEU A 391 -10.63 -37.23 30.04
CA LEU A 391 -11.23 -38.00 31.11
C LEU A 391 -10.25 -39.01 31.70
N THR A 392 -9.38 -39.55 30.85
CA THR A 392 -8.39 -40.53 31.28
C THR A 392 -7.12 -40.34 30.49
N SER A 393 -5.98 -40.38 31.18
CA SER A 393 -4.69 -40.38 30.51
C SER A 393 -3.96 -41.64 30.92
N ILE A 394 -3.56 -42.42 29.93
CA ILE A 394 -2.86 -43.68 30.17
C ILE A 394 -1.47 -43.56 29.61
N ARG A 395 -0.47 -43.95 30.39
CA ARG A 395 0.91 -43.84 29.96
C ARG A 395 1.65 -45.10 30.37
N HIS A 396 2.31 -45.73 29.41
CA HIS A 396 2.98 -47.01 29.63
C HIS A 396 2.04 -48.06 30.24
N GLY A 397 0.76 -48.01 29.84
CA GLY A 397 -0.21 -49.00 30.26
C GLY A 397 -0.87 -48.75 31.60
N LYS A 398 -0.56 -47.63 32.25
CA LYS A 398 -1.14 -47.31 33.55
C LYS A 398 -1.90 -46.00 33.50
N VAL A 399 -3.00 -45.92 34.25
CA VAL A 399 -3.74 -44.66 34.33
C VAL A 399 -2.94 -43.66 35.19
N ILE A 400 -2.63 -42.50 34.61
CA ILE A 400 -1.90 -41.49 35.37
C ILE A 400 -2.77 -40.27 35.66
N LEU A 401 -3.97 -40.27 35.08
CA LEU A 401 -4.94 -39.21 35.33
C LEU A 401 -6.35 -39.74 35.11
N GLN A 402 -7.25 -39.40 36.03
CA GLN A 402 -8.65 -39.74 35.89
C GLN A 402 -9.49 -38.55 36.33
N ARG A 403 -10.31 -38.05 35.42
CA ARG A 403 -11.24 -36.97 35.67
C ARG A 403 -12.64 -37.55 35.65
N GLU A 404 -13.51 -37.03 36.51
CA GLU A 404 -14.90 -37.42 36.44
C GLU A 404 -15.58 -36.65 35.32
N VAL A 405 -16.58 -37.26 34.70
CA VAL A 405 -17.39 -36.57 33.70
C VAL A 405 -18.16 -35.46 34.40
N GLU A 406 -18.15 -34.27 33.80
CA GLU A 406 -18.81 -33.11 34.38
C GLU A 406 -20.29 -33.40 34.59
N HIS A 407 -20.80 -33.06 35.77
CA HIS A 407 -22.22 -33.23 36.05
C HIS A 407 -22.85 -31.94 36.55
N ILE A 408 -23.84 -31.47 35.80
CA ILE A 408 -24.54 -30.24 36.14
C ILE A 408 -25.89 -30.58 36.74
N ARG A 409 -26.21 -29.96 37.86
CA ARG A 409 -27.49 -30.17 38.53
C ARG A 409 -28.39 -28.95 38.31
N TYR A 410 -29.68 -29.21 38.10
CA TYR A 410 -30.66 -28.16 37.87
C TYR A 410 -31.85 -28.37 38.79
N PRO A 411 -32.63 -27.32 39.07
CA PRO A 411 -33.82 -27.48 39.90
C PRO A 411 -35.04 -27.89 39.06
N MET B 1 18.90 -10.06 -58.43
CA MET B 1 17.54 -9.61 -58.70
C MET B 1 17.38 -8.16 -58.27
N LYS B 2 16.41 -7.48 -58.86
CA LYS B 2 16.15 -6.10 -58.53
C LYS B 2 14.80 -5.92 -57.85
N ILE B 3 14.77 -5.12 -56.80
CA ILE B 3 13.53 -4.72 -56.19
C ILE B 3 13.35 -3.22 -56.43
N ILE B 4 12.22 -2.83 -57.02
CA ILE B 4 11.97 -1.42 -57.29
C ILE B 4 10.73 -0.91 -56.56
N ASN B 5 10.61 0.42 -56.46
CA ASN B 5 9.46 1.08 -55.86
C ASN B 5 9.25 0.71 -54.40
N ALA B 6 10.35 0.43 -53.70
CA ALA B 6 10.26 0.06 -52.30
C ALA B 6 10.37 1.28 -51.37
N ARG B 7 9.57 1.29 -50.30
CA ARG B 7 9.79 2.27 -49.23
C ARG B 7 10.86 1.71 -48.30
N LEU B 8 11.58 2.60 -47.62
CA LEU B 8 12.49 2.22 -46.54
C LEU B 8 11.97 2.89 -45.28
N ARG B 9 12.29 2.33 -44.13
CA ARG B 9 11.77 2.85 -42.87
C ARG B 9 12.15 4.31 -42.66
N ARG B 10 11.18 5.10 -42.19
CA ARG B 10 11.38 6.50 -41.81
C ARG B 10 11.98 7.37 -42.92
N GLN B 11 11.71 6.99 -44.17
CA GLN B 11 12.12 7.76 -45.33
C GLN B 11 10.91 7.97 -46.25
N GLU B 12 10.95 9.03 -47.05
CA GLU B 12 9.80 9.35 -47.90
C GLU B 12 9.93 8.80 -49.32
N ALA B 13 11.15 8.67 -49.81
CA ALA B 13 11.36 8.32 -51.22
C ALA B 13 11.13 6.84 -51.51
N LEU B 14 11.05 6.52 -52.80
CA LEU B 14 11.03 5.14 -53.26
C LEU B 14 12.46 4.74 -53.60
N PHE B 15 12.79 3.47 -53.38
CA PHE B 15 14.16 3.00 -53.59
C PHE B 15 14.21 1.72 -54.40
N THR B 16 15.31 1.59 -55.13
CA THR B 16 15.65 0.37 -55.84
C THR B 16 16.77 -0.35 -55.09
N LEU B 17 16.59 -1.63 -54.83
CA LEU B 17 17.60 -2.44 -54.18
C LEU B 17 18.15 -3.47 -55.15
N ASP B 18 19.46 -3.45 -55.37
CA ASP B 18 20.12 -4.40 -56.27
C ASP B 18 20.75 -5.54 -55.49
N LEU B 19 20.30 -6.76 -55.74
CA LEU B 19 20.84 -7.92 -55.04
C LEU B 19 21.64 -8.79 -56.01
N GLN B 20 22.89 -9.07 -55.66
CA GLN B 20 23.75 -9.91 -56.49
C GLN B 20 24.60 -10.81 -55.59
N ASP B 21 24.80 -12.05 -56.01
CA ASP B 21 25.70 -12.97 -55.32
C ASP B 21 25.44 -13.06 -53.82
N GLY B 22 24.17 -13.05 -53.44
CA GLY B 22 23.81 -13.25 -52.05
C GLY B 22 23.92 -12.04 -51.15
N ILE B 23 24.36 -10.91 -51.69
CA ILE B 23 24.49 -9.69 -50.87
C ILE B 23 23.79 -8.50 -51.51
N ILE B 24 23.64 -7.43 -50.71
CA ILE B 24 23.08 -6.19 -51.21
C ILE B 24 24.13 -5.38 -51.96
N HIS B 25 23.99 -5.33 -53.27
CA HIS B 25 24.97 -4.64 -54.11
C HIS B 25 24.80 -3.13 -54.09
N ARG B 26 23.56 -2.67 -54.21
CA ARG B 26 23.30 -1.25 -54.38
C ARG B 26 21.92 -0.88 -53.85
N ILE B 27 21.85 0.26 -53.17
CA ILE B 27 20.58 0.83 -52.77
C ILE B 27 20.50 2.24 -53.34
N THR B 28 19.48 2.49 -54.15
CA THR B 28 19.39 3.77 -54.87
C THR B 28 17.99 4.38 -54.76
N ALA B 29 17.94 5.64 -54.31
CA ALA B 29 16.69 6.39 -54.30
C ALA B 29 16.23 6.63 -55.73
N GLN B 30 14.92 6.56 -55.95
CA GLN B 30 14.36 6.83 -57.27
C GLN B 30 13.76 8.24 -57.31
N ALA B 31 13.91 8.91 -58.45
CA ALA B 31 13.32 10.23 -58.64
C ALA B 31 11.80 10.14 -58.59
N ALA B 32 11.27 9.00 -59.00
CA ALA B 32 9.82 8.78 -58.98
C ALA B 32 9.53 7.29 -59.08
N MET B 33 8.25 6.96 -59.09
CA MET B 33 7.86 5.55 -59.24
C MET B 33 8.18 5.05 -60.65
N GLN B 34 8.67 3.83 -60.74
CA GLN B 34 9.13 3.26 -62.01
C GLN B 34 8.34 2.02 -62.41
N THR B 35 8.52 1.61 -63.66
CA THR B 35 7.90 0.41 -64.21
C THR B 35 8.86 -0.77 -64.07
N ALA B 36 8.34 -1.93 -63.67
CA ALA B 36 9.18 -3.10 -63.45
C ALA B 36 9.55 -3.80 -64.74
N ASP B 37 10.84 -4.10 -64.90
CA ASP B 37 11.30 -4.89 -66.03
C ASP B 37 11.12 -6.37 -65.71
N ALA B 38 11.51 -7.24 -66.63
CA ALA B 38 11.41 -8.67 -66.42
C ALA B 38 12.38 -9.12 -65.33
N GLY B 39 11.90 -9.97 -64.43
CA GLY B 39 12.73 -10.50 -63.36
C GLY B 39 12.93 -9.53 -62.21
N ALA B 40 12.27 -8.37 -62.29
CA ALA B 40 12.36 -7.37 -61.25
C ALA B 40 11.10 -7.40 -60.39
N ILE B 41 11.30 -7.26 -59.08
CA ILE B 41 10.18 -7.26 -58.15
C ILE B 41 9.69 -5.83 -57.91
N ASP B 42 8.42 -5.58 -58.21
CA ASP B 42 7.80 -4.30 -57.98
C ASP B 42 7.19 -4.30 -56.58
N ALA B 43 7.80 -3.58 -55.65
CA ALA B 43 7.31 -3.54 -54.29
C ALA B 43 6.07 -2.64 -54.15
N GLN B 44 5.75 -1.87 -55.19
CA GLN B 44 4.52 -1.09 -55.23
C GLN B 44 4.32 -0.20 -54.01
N GLY B 45 5.38 0.48 -53.60
CA GLY B 45 5.27 1.43 -52.51
C GLY B 45 5.24 0.77 -51.15
N ARG B 46 5.46 -0.54 -51.11
CA ARG B 46 5.55 -1.26 -49.84
C ARG B 46 6.95 -1.16 -49.23
N LEU B 47 7.00 -1.34 -47.92
CA LEU B 47 8.23 -1.26 -47.15
C LEU B 47 9.12 -2.48 -47.37
N ALA B 48 10.41 -2.24 -47.60
CA ALA B 48 11.40 -3.31 -47.53
C ALA B 48 12.13 -3.17 -46.19
N ILE B 49 12.21 -4.27 -45.43
CA ILE B 49 12.92 -4.26 -44.16
C ILE B 49 13.86 -5.45 -44.06
N PRO B 50 14.87 -5.36 -43.19
CA PRO B 50 15.62 -6.58 -42.86
C PRO B 50 14.67 -7.55 -42.15
N PRO B 51 15.03 -8.83 -42.04
CA PRO B 51 14.06 -9.81 -41.54
C PRO B 51 13.63 -9.55 -40.09
N PHE B 52 12.45 -10.02 -39.72
CA PHE B 52 12.07 -10.00 -38.33
C PHE B 52 12.98 -10.91 -37.52
N VAL B 53 13.17 -10.56 -36.26
CA VAL B 53 14.01 -11.35 -35.38
C VAL B 53 13.15 -11.89 -34.25
N GLU B 54 13.35 -13.17 -33.91
CA GLU B 54 12.76 -13.74 -32.71
C GLU B 54 13.89 -14.02 -31.72
N PRO B 55 14.18 -13.05 -30.86
CA PRO B 55 15.40 -13.16 -30.05
C PRO B 55 15.23 -13.97 -28.77
N HIS B 56 14.05 -14.54 -28.54
CA HIS B 56 13.80 -15.29 -27.31
C HIS B 56 12.60 -16.22 -27.47
N ILE B 57 12.86 -17.50 -27.70
CA ILE B 57 11.78 -18.49 -27.76
C ILE B 57 12.28 -19.82 -27.16
N HIS B 58 11.36 -20.66 -26.70
CA HIS B 58 11.71 -21.97 -26.14
C HIS B 58 11.26 -23.06 -27.11
N LEU B 59 12.12 -23.38 -28.08
CA LEU B 59 11.78 -24.35 -29.10
C LEU B 59 11.69 -25.77 -28.56
N ASP B 60 12.38 -26.06 -27.46
CA ASP B 60 12.30 -27.41 -26.91
C ASP B 60 10.92 -27.75 -26.37
N ALA B 61 10.20 -26.73 -25.90
CA ALA B 61 8.91 -26.92 -25.27
C ALA B 61 7.74 -26.61 -26.20
N THR B 62 8.05 -26.04 -27.36
CA THR B 62 7.00 -25.64 -28.29
C THR B 62 6.05 -26.80 -28.69
N LEU B 63 4.77 -26.48 -28.77
CA LEU B 63 3.72 -27.41 -29.22
C LEU B 63 3.53 -28.59 -28.26
N THR B 64 3.76 -28.34 -26.97
CA THR B 64 3.56 -29.36 -25.94
C THR B 64 2.45 -29.00 -24.96
N ALA B 65 1.77 -27.89 -25.21
CA ALA B 65 0.68 -27.44 -24.34
C ALA B 65 -0.31 -28.56 -24.10
N GLY B 66 -0.55 -28.86 -22.82
CA GLY B 66 -1.53 -29.87 -22.47
C GLY B 66 -0.99 -31.27 -22.24
N GLU B 67 0.32 -31.46 -22.46
CA GLU B 67 0.94 -32.79 -22.35
C GLU B 67 1.83 -32.90 -21.12
N PRO B 68 1.48 -33.77 -20.16
CA PRO B 68 0.30 -34.64 -20.15
C PRO B 68 -0.93 -33.97 -19.50
N GLU B 69 -0.75 -32.78 -18.97
CA GLU B 69 -1.89 -32.03 -18.43
C GLU B 69 -1.66 -30.54 -18.58
N TRP B 70 -2.70 -29.76 -18.32
CA TRP B 70 -2.65 -28.32 -18.55
C TRP B 70 -2.14 -27.53 -17.33
N ASN B 71 -1.56 -26.37 -17.62
CA ASN B 71 -1.17 -25.38 -16.61
C ASN B 71 -2.44 -24.64 -16.20
N ARG B 72 -3.07 -25.07 -15.12
CA ARG B 72 -4.37 -24.52 -14.77
C ARG B 72 -4.29 -23.12 -14.18
N SER B 73 -3.26 -22.86 -13.37
CA SER B 73 -3.14 -21.57 -12.69
C SER B 73 -2.64 -20.47 -13.62
N GLY B 74 -2.03 -20.86 -14.73
CA GLY B 74 -1.44 -19.90 -15.65
C GLY B 74 -0.23 -19.18 -15.06
N THR B 75 0.56 -19.91 -14.26
CA THR B 75 1.72 -19.31 -13.61
C THR B 75 3.03 -19.89 -14.11
N LEU B 76 4.10 -19.13 -13.91
CA LEU B 76 5.45 -19.60 -14.25
C LEU B 76 5.71 -20.93 -13.56
N PHE B 77 5.37 -21.01 -12.28
CA PHE B 77 5.79 -22.15 -11.47
C PHE B 77 5.06 -23.43 -11.83
N GLU B 78 3.75 -23.35 -12.06
CA GLU B 78 3.04 -24.53 -12.54
C GLU B 78 3.53 -24.92 -13.93
N GLY B 79 3.87 -23.92 -14.75
CA GLY B 79 4.45 -24.17 -16.05
C GLY B 79 5.70 -25.04 -15.95
N ILE B 80 6.57 -24.69 -15.01
CA ILE B 80 7.77 -25.48 -14.75
C ILE B 80 7.43 -26.91 -14.33
N THR B 81 6.45 -27.07 -13.44
CA THR B 81 5.99 -28.40 -13.03
C THR B 81 5.47 -29.23 -14.20
N ARG B 82 4.67 -28.61 -15.06
CA ARG B 82 4.13 -29.30 -16.22
C ARG B 82 5.24 -29.69 -17.19
N TRP B 83 6.21 -28.80 -17.33
CA TRP B 83 7.33 -29.08 -18.23
C TRP B 83 8.19 -30.23 -17.69
N SER B 84 8.41 -30.28 -16.38
CA SER B 84 9.10 -31.43 -15.77
C SER B 84 8.40 -32.74 -16.09
N GLN B 85 7.07 -32.74 -16.07
CA GLN B 85 6.31 -33.93 -16.45
C GLN B 85 6.55 -34.30 -17.91
N ARG B 86 6.51 -33.29 -18.79
CA ARG B 86 6.68 -33.51 -20.22
C ARG B 86 8.09 -34.01 -20.53
N LYS B 87 9.07 -33.58 -19.75
CA LYS B 87 10.44 -34.00 -19.96
C LYS B 87 10.61 -35.51 -19.84
N ALA B 88 9.76 -36.15 -19.03
CA ALA B 88 9.79 -37.60 -18.89
C ALA B 88 9.52 -38.34 -20.20
N SER B 89 8.98 -37.65 -21.20
CA SER B 89 8.69 -38.33 -22.46
C SER B 89 9.31 -37.63 -23.67
N ILE B 90 10.14 -36.63 -23.41
CA ILE B 90 10.88 -35.94 -24.47
C ILE B 90 11.84 -36.94 -25.15
N THR B 91 11.88 -36.91 -26.48
CA THR B 91 12.96 -37.58 -27.22
C THR B 91 13.52 -36.59 -28.25
N PRO B 92 14.73 -36.87 -28.77
CA PRO B 92 15.28 -35.96 -29.78
C PRO B 92 14.42 -35.86 -31.04
N GLU B 93 13.81 -36.96 -31.49
CA GLU B 93 13.02 -36.90 -32.71
C GLU B 93 11.70 -36.15 -32.47
N ASP B 94 11.14 -36.33 -31.27
CA ASP B 94 9.95 -35.57 -30.86
C ASP B 94 10.26 -34.07 -30.82
N THR B 95 11.42 -33.71 -30.28
CA THR B 95 11.83 -32.31 -30.20
C THR B 95 12.06 -31.74 -31.60
N ARG B 96 12.70 -32.50 -32.48
CA ARG B 96 13.01 -32.03 -33.82
C ARG B 96 11.75 -31.72 -34.62
N GLN B 97 10.76 -32.60 -34.52
CA GLN B 97 9.53 -32.41 -35.30
C GLN B 97 8.76 -31.18 -34.83
N ARG B 98 8.68 -31.00 -33.52
CA ARG B 98 8.00 -29.83 -32.97
C ARG B 98 8.75 -28.53 -33.31
N ALA B 99 10.07 -28.55 -33.14
CA ALA B 99 10.87 -27.35 -33.38
C ALA B 99 10.77 -26.95 -34.86
N LEU B 100 10.81 -27.94 -35.75
CA LEU B 100 10.76 -27.64 -37.18
C LEU B 100 9.42 -27.05 -37.60
N LYS B 101 8.35 -27.53 -36.98
CA LYS B 101 7.02 -27.01 -37.27
C LYS B 101 6.92 -25.54 -36.82
N THR B 102 7.40 -25.24 -35.62
CA THR B 102 7.37 -23.88 -35.12
C THR B 102 8.30 -22.97 -35.93
N ILE B 103 9.45 -23.48 -36.31
CA ILE B 103 10.33 -22.74 -37.20
C ILE B 103 9.63 -22.39 -38.52
N GLY B 104 8.80 -23.31 -39.02
CA GLY B 104 8.01 -23.04 -40.20
C GLY B 104 7.07 -21.85 -40.01
N MET B 105 6.40 -21.81 -38.85
CA MET B 105 5.55 -20.68 -38.49
C MET B 105 6.32 -19.37 -38.47
N LEU B 106 7.49 -19.36 -37.83
CA LEU B 106 8.33 -18.16 -37.79
C LEU B 106 8.69 -17.69 -39.21
N ARG B 107 9.11 -18.65 -40.04
CA ARG B 107 9.46 -18.38 -41.43
C ARG B 107 8.29 -17.75 -42.18
N ASP B 108 7.08 -18.28 -41.96
CA ASP B 108 5.89 -17.77 -42.60
C ASP B 108 5.65 -16.31 -42.24
N PHE B 109 6.13 -15.90 -41.07
CA PHE B 109 5.96 -14.52 -40.64
C PHE B 109 7.21 -13.66 -40.74
N GLY B 110 8.15 -14.07 -41.58
CA GLY B 110 9.27 -13.24 -41.94
C GLY B 110 10.47 -13.30 -41.01
N VAL B 111 10.45 -14.23 -40.08
CA VAL B 111 11.55 -14.35 -39.14
C VAL B 111 12.71 -15.16 -39.72
N GLN B 112 13.91 -14.56 -39.77
CA GLN B 112 15.07 -15.27 -40.30
C GLN B 112 16.20 -15.42 -39.29
N HIS B 113 15.98 -14.89 -38.08
CA HIS B 113 16.97 -14.95 -37.01
C HIS B 113 16.26 -15.34 -35.74
N VAL B 114 16.75 -16.40 -35.10
CA VAL B 114 16.08 -16.92 -33.92
C VAL B 114 17.09 -17.26 -32.83
N ARG B 115 16.80 -16.87 -31.59
CA ARG B 115 17.56 -17.37 -30.46
C ARG B 115 16.64 -18.23 -29.60
N THR B 116 16.99 -19.51 -29.45
CA THR B 116 16.17 -20.41 -28.67
C THR B 116 16.83 -20.79 -27.36
N HIS B 117 16.04 -20.84 -26.29
CA HIS B 117 16.55 -21.40 -25.05
C HIS B 117 16.26 -22.89 -25.04
N VAL B 118 17.16 -23.67 -24.44
CA VAL B 118 16.96 -25.12 -24.35
C VAL B 118 17.28 -25.54 -22.93
N ASP B 119 16.32 -26.20 -22.29
CA ASP B 119 16.51 -26.68 -20.93
C ASP B 119 17.63 -27.72 -20.90
N VAL B 120 18.73 -27.40 -20.22
CA VAL B 120 19.84 -28.34 -20.08
C VAL B 120 19.88 -28.97 -18.68
N THR B 121 18.85 -28.70 -17.87
CA THR B 121 18.67 -29.46 -16.64
C THR B 121 17.90 -30.72 -16.97
N ASP B 122 18.58 -31.58 -17.74
CA ASP B 122 18.06 -32.85 -18.21
C ASP B 122 19.33 -33.61 -18.53
N PRO B 123 19.67 -34.58 -17.68
CA PRO B 123 20.99 -35.21 -17.84
C PRO B 123 21.17 -35.92 -19.19
N SER B 124 20.07 -36.23 -19.88
CA SER B 124 20.18 -36.84 -21.20
C SER B 124 20.55 -35.81 -22.27
N LEU B 125 20.31 -34.54 -21.98
CA LEU B 125 20.56 -33.43 -22.92
C LEU B 125 19.97 -33.69 -24.31
N ALA B 126 18.82 -34.36 -24.33
CA ALA B 126 18.17 -34.78 -25.57
C ALA B 126 17.79 -33.60 -26.45
N ALA B 127 17.09 -32.63 -25.87
CA ALA B 127 16.59 -31.50 -26.66
C ALA B 127 17.75 -30.66 -27.19
N LEU B 128 18.80 -30.50 -26.36
CA LEU B 128 19.96 -29.71 -26.78
C LEU B 128 20.60 -30.33 -28.01
N GLN B 129 20.81 -31.64 -27.96
CA GLN B 129 21.39 -32.33 -29.11
C GLN B 129 20.49 -32.24 -30.34
N ALA B 130 19.18 -32.37 -30.12
CA ALA B 130 18.21 -32.23 -31.20
C ALA B 130 18.26 -30.83 -31.81
N LEU B 131 18.33 -29.81 -30.95
CA LEU B 131 18.35 -28.44 -31.44
C LEU B 131 19.69 -28.05 -32.08
N LEU B 132 20.80 -28.58 -31.58
CA LEU B 132 22.09 -28.36 -32.26
C LEU B 132 22.01 -28.84 -33.70
N ALA B 133 21.36 -29.98 -33.90
CA ALA B 133 21.20 -30.54 -35.25
C ALA B 133 20.21 -29.73 -36.08
N VAL B 134 19.15 -29.25 -35.45
CA VAL B 134 18.14 -28.44 -36.15
C VAL B 134 18.76 -27.14 -36.67
N LYS B 135 19.70 -26.58 -35.92
CA LYS B 135 20.41 -25.38 -36.35
C LYS B 135 21.01 -25.56 -37.74
N GLN B 136 21.57 -26.74 -38.01
CA GLN B 136 22.09 -27.05 -39.33
C GLN B 136 20.99 -27.39 -40.33
N GLU B 137 20.03 -28.22 -39.90
CA GLU B 137 18.95 -28.64 -40.80
C GLU B 137 18.14 -27.46 -41.32
N ALA B 138 17.88 -26.50 -40.44
CA ALA B 138 17.01 -25.37 -40.78
C ALA B 138 17.75 -24.12 -41.26
N ALA B 139 19.05 -24.26 -41.54
CA ALA B 139 19.86 -23.12 -41.97
C ALA B 139 19.38 -22.49 -43.30
N ASP B 140 18.69 -23.26 -44.13
CA ASP B 140 18.09 -22.69 -45.35
C ASP B 140 16.99 -21.66 -45.01
N LEU B 141 16.44 -21.76 -43.81
CA LEU B 141 15.37 -20.85 -43.40
C LEU B 141 15.79 -19.79 -42.40
N ILE B 142 16.61 -20.19 -41.42
CA ILE B 142 16.92 -19.30 -40.30
C ILE B 142 18.36 -19.46 -39.81
N ASP B 143 18.85 -18.44 -39.13
CA ASP B 143 20.10 -18.52 -38.39
C ASP B 143 19.74 -18.68 -36.93
N LEU B 144 19.99 -19.87 -36.39
CA LEU B 144 19.55 -20.19 -35.04
C LEU B 144 20.70 -20.08 -34.04
N GLN B 145 20.47 -19.35 -32.95
CA GLN B 145 21.39 -19.34 -31.81
C GLN B 145 20.77 -20.21 -30.73
N ILE B 146 21.60 -20.91 -29.99
CA ILE B 146 21.13 -21.82 -28.95
C ILE B 146 21.66 -21.41 -27.58
N VAL B 147 20.75 -21.26 -26.60
CA VAL B 147 21.12 -20.91 -25.23
C VAL B 147 21.00 -22.11 -24.29
N ALA B 148 22.08 -22.43 -23.57
CA ALA B 148 22.04 -23.42 -22.51
C ALA B 148 21.29 -22.84 -21.31
N PHE B 149 20.05 -23.28 -21.15
CA PHE B 149 19.11 -22.70 -20.19
C PHE B 149 18.89 -23.66 -19.02
N PRO B 150 19.39 -23.32 -17.83
CA PRO B 150 19.23 -24.26 -16.73
C PRO B 150 17.87 -24.07 -16.06
N GLN B 151 16.82 -24.68 -16.63
CA GLN B 151 15.45 -24.39 -16.19
C GLN B 151 15.24 -24.61 -14.71
N GLU B 152 15.83 -25.68 -14.18
CA GLU B 152 15.59 -26.02 -12.78
C GLU B 152 16.68 -25.50 -11.85
N GLY B 153 17.52 -24.62 -12.40
CA GLY B 153 18.57 -23.95 -11.63
C GLY B 153 19.94 -24.56 -11.84
N ILE B 154 20.97 -23.76 -11.63
CA ILE B 154 22.35 -24.23 -11.73
C ILE B 154 22.81 -24.82 -10.40
N GLU B 155 22.43 -24.16 -9.31
CA GLU B 155 22.99 -24.52 -8.01
C GLU B 155 22.16 -25.54 -7.24
N SER B 156 20.91 -25.73 -7.63
CA SER B 156 20.03 -26.66 -6.91
C SER B 156 20.00 -28.00 -7.59
N TYR B 157 19.90 -27.96 -8.92
CA TYR B 157 19.76 -29.16 -9.71
C TYR B 157 21.05 -29.97 -9.67
N PRO B 158 20.92 -31.30 -9.52
CA PRO B 158 22.05 -32.24 -9.45
C PRO B 158 22.99 -32.08 -10.65
N ASN B 159 24.27 -31.85 -10.39
CA ASN B 159 25.28 -31.62 -11.43
C ASN B 159 24.95 -30.46 -12.36
N GLY B 160 24.26 -29.45 -11.82
CA GLY B 160 23.84 -28.30 -12.61
C GLY B 160 24.99 -27.59 -13.32
N ARG B 161 26.09 -27.35 -12.60
CA ARG B 161 27.23 -26.68 -13.20
C ARG B 161 27.88 -27.54 -14.29
N GLU B 162 28.00 -28.84 -14.01
CA GLU B 162 28.56 -29.78 -14.98
C GLU B 162 27.73 -29.84 -16.27
N LEU B 163 26.41 -29.81 -16.11
CA LEU B 163 25.52 -29.84 -17.28
C LEU B 163 25.63 -28.56 -18.12
N MET B 164 25.75 -27.42 -17.47
CA MET B 164 25.95 -26.17 -18.19
C MET B 164 27.26 -26.22 -18.97
N THR B 165 28.32 -26.68 -18.31
CA THR B 165 29.63 -26.78 -18.94
C THR B 165 29.58 -27.74 -20.12
N ARG B 166 28.97 -28.90 -19.95
CA ARG B 166 28.88 -29.85 -21.05
C ARG B 166 28.06 -29.28 -22.21
N ALA B 167 26.99 -28.55 -21.89
CA ALA B 167 26.15 -27.96 -22.93
C ALA B 167 26.95 -26.94 -23.76
N ILE B 168 27.81 -26.17 -23.09
CA ILE B 168 28.66 -25.22 -23.79
C ILE B 168 29.72 -25.99 -24.63
N GLU B 169 30.28 -27.03 -24.05
CA GLU B 169 31.31 -27.80 -24.73
C GLU B 169 30.76 -28.43 -25.99
N MET B 170 29.50 -28.82 -25.93
CA MET B 170 28.80 -29.42 -27.06
C MET B 170 28.48 -28.41 -28.14
N GLY B 171 28.51 -27.12 -27.81
CA GLY B 171 28.38 -26.08 -28.82
C GLY B 171 27.27 -25.05 -28.69
N ALA B 172 26.59 -24.99 -27.54
CA ALA B 172 25.60 -23.92 -27.36
C ALA B 172 26.30 -22.57 -27.44
N ASP B 173 25.70 -21.64 -28.18
CA ASP B 173 26.34 -20.37 -28.51
C ASP B 173 26.20 -19.38 -27.35
N VAL B 174 25.18 -19.59 -26.52
CA VAL B 174 24.84 -18.64 -25.47
C VAL B 174 24.71 -19.33 -24.12
N VAL B 175 25.17 -18.67 -23.07
CA VAL B 175 25.04 -19.21 -21.72
C VAL B 175 23.81 -18.59 -21.06
N GLY B 176 22.91 -19.43 -20.56
CA GLY B 176 21.70 -18.95 -19.91
C GLY B 176 21.78 -18.97 -18.39
N GLY B 177 20.66 -18.70 -17.75
CA GLY B 177 20.59 -18.74 -16.30
C GLY B 177 19.18 -18.44 -15.83
N ILE B 178 18.94 -18.58 -14.53
CA ILE B 178 17.63 -18.32 -13.95
C ILE B 178 17.79 -17.97 -12.45
N PRO B 179 18.60 -16.93 -12.15
CA PRO B 179 18.97 -16.66 -10.76
C PRO B 179 17.80 -16.48 -9.79
N HIS B 180 16.70 -15.89 -10.24
CA HIS B 180 15.57 -15.66 -9.35
C HIS B 180 14.90 -16.97 -8.94
N TYR B 181 15.22 -18.05 -9.65
CA TYR B 181 14.61 -19.33 -9.35
C TYR B 181 15.49 -20.23 -8.49
N GLU B 182 16.74 -19.82 -8.26
CA GLU B 182 17.61 -20.61 -7.41
C GLU B 182 17.01 -20.63 -6.00
N ASN B 183 17.28 -21.70 -5.26
CA ASN B 183 16.63 -21.92 -3.98
C ASN B 183 16.82 -20.84 -2.91
N THR B 184 17.97 -20.17 -2.92
CA THR B 184 18.21 -19.06 -1.99
C THR B 184 18.83 -17.89 -2.73
N ARG B 185 18.74 -16.71 -2.13
CA ARG B 185 19.31 -15.51 -2.72
C ARG B 185 20.82 -15.66 -2.98
N ASP B 186 21.54 -16.21 -2.01
CA ASP B 186 22.99 -16.35 -2.13
C ASP B 186 23.33 -17.30 -3.30
N LYS B 187 22.47 -18.29 -3.54
CA LYS B 187 22.70 -19.19 -4.68
C LYS B 187 22.32 -18.53 -5.99
N GLY B 188 21.32 -17.65 -5.96
CA GLY B 188 21.01 -16.86 -7.14
C GLY B 188 22.25 -16.07 -7.52
N VAL B 189 22.86 -15.42 -6.53
CA VAL B 189 24.08 -14.64 -6.77
C VAL B 189 25.22 -15.50 -7.32
N SER B 190 25.53 -16.62 -6.67
CA SER B 190 26.63 -17.44 -7.14
C SER B 190 26.36 -18.04 -8.53
N SER B 191 25.09 -18.28 -8.86
CA SER B 191 24.80 -18.82 -10.20
C SER B 191 25.20 -17.79 -11.27
N VAL B 192 25.05 -16.50 -10.97
CA VAL B 192 25.40 -15.47 -11.95
C VAL B 192 26.92 -15.40 -12.12
N MET B 193 27.65 -15.47 -11.00
CA MET B 193 29.11 -15.48 -11.04
C MET B 193 29.60 -16.69 -11.85
N PHE B 194 29.01 -17.84 -11.58
CA PHE B 194 29.39 -19.04 -12.34
C PHE B 194 29.13 -18.89 -13.84
N LEU B 195 27.94 -18.42 -14.22
CA LEU B 195 27.60 -18.43 -15.63
C LEU B 195 28.41 -17.39 -16.39
N MET B 196 28.72 -16.27 -15.74
CA MET B 196 29.55 -15.25 -16.37
C MET B 196 30.97 -15.76 -16.56
N ASP B 197 31.46 -16.54 -15.58
CA ASP B 197 32.77 -17.16 -15.68
C ASP B 197 32.78 -18.15 -16.84
N LEU B 198 31.71 -18.92 -16.96
CA LEU B 198 31.61 -19.93 -18.01
C LEU B 198 31.61 -19.26 -19.38
N ALA B 199 30.79 -18.21 -19.53
CA ALA B 199 30.74 -17.48 -20.79
C ALA B 199 32.07 -16.83 -21.15
N GLN B 200 32.73 -16.24 -20.15
CA GLN B 200 33.99 -15.55 -20.42
C GLN B 200 35.06 -16.56 -20.82
N ARG B 201 35.13 -17.68 -20.10
CA ARG B 201 36.15 -18.69 -20.33
C ARG B 201 36.02 -19.22 -21.76
N TYR B 202 34.79 -19.47 -22.19
CA TYR B 202 34.57 -20.11 -23.50
C TYR B 202 34.27 -19.12 -24.61
N GLY B 203 34.26 -17.84 -24.28
CA GLY B 203 33.96 -16.81 -25.27
C GLY B 203 32.56 -16.92 -25.87
N ARG B 204 31.56 -17.10 -25.02
CA ARG B 204 30.17 -17.19 -25.49
C ARG B 204 29.35 -15.97 -25.10
N LEU B 205 28.17 -15.85 -25.72
CA LEU B 205 27.22 -14.80 -25.37
C LEU B 205 26.47 -15.23 -24.13
N VAL B 206 25.69 -14.30 -23.57
CA VAL B 206 24.95 -14.54 -22.34
C VAL B 206 23.52 -14.05 -22.52
N ASP B 207 22.56 -14.85 -22.09
CA ASP B 207 21.16 -14.43 -22.13
C ASP B 207 20.44 -15.10 -20.97
N VAL B 208 20.14 -14.31 -19.94
CA VAL B 208 19.68 -14.83 -18.67
C VAL B 208 18.21 -14.55 -18.41
N HIS B 209 17.49 -15.56 -17.95
CA HIS B 209 16.11 -15.37 -17.46
C HIS B 209 16.28 -14.70 -16.11
N CYS B 210 16.10 -13.39 -16.07
CA CYS B 210 16.76 -12.67 -14.98
C CYS B 210 15.93 -12.48 -13.70
N ASP B 211 14.79 -11.84 -13.79
CA ASP B 211 13.93 -11.65 -12.62
C ASP B 211 12.48 -11.81 -13.07
N GLU B 212 12.14 -13.01 -13.55
CA GLU B 212 10.82 -13.29 -14.10
C GLU B 212 9.82 -13.57 -12.96
N ILE B 213 9.53 -12.55 -12.17
CA ILE B 213 8.71 -12.75 -10.98
C ILE B 213 8.24 -11.35 -10.53
N ASP B 214 7.11 -11.27 -9.83
CA ASP B 214 6.57 -9.96 -9.44
C ASP B 214 7.11 -9.43 -8.12
N ASP B 215 8.13 -10.10 -7.59
CA ASP B 215 8.72 -9.74 -6.29
C ASP B 215 9.67 -8.55 -6.45
N PRO B 216 9.34 -7.41 -5.79
CA PRO B 216 10.18 -6.21 -5.86
C PRO B 216 11.59 -6.44 -5.31
N GLN B 217 11.79 -7.51 -4.55
CA GLN B 217 13.13 -7.78 -4.04
C GLN B 217 13.94 -8.77 -4.87
N SER B 218 13.40 -9.15 -6.02
CA SER B 218 14.18 -9.93 -6.99
C SER B 218 15.07 -8.98 -7.79
N ARG B 219 16.33 -8.92 -7.38
CA ARG B 219 17.25 -7.91 -7.91
C ARG B 219 18.52 -8.54 -8.42
N PHE B 220 18.39 -9.62 -9.16
CA PHE B 220 19.56 -10.28 -9.72
C PHE B 220 20.10 -9.52 -10.93
N LEU B 221 19.24 -8.71 -11.55
CA LEU B 221 19.68 -7.85 -12.63
C LEU B 221 20.91 -7.01 -12.26
N GLU B 222 20.97 -6.46 -11.05
CA GLU B 222 22.11 -5.62 -10.68
C GLU B 222 23.41 -6.43 -10.68
N VAL B 223 23.34 -7.70 -10.30
CA VAL B 223 24.54 -8.56 -10.25
C VAL B 223 25.01 -8.86 -11.67
N LEU B 224 24.06 -9.23 -12.52
CA LEU B 224 24.35 -9.49 -13.93
C LEU B 224 24.94 -8.26 -14.61
N ALA B 225 24.33 -7.08 -14.40
CA ALA B 225 24.83 -5.87 -15.06
C ALA B 225 26.22 -5.49 -14.59
N GLU B 226 26.46 -5.65 -13.28
CA GLU B 226 27.78 -5.30 -12.75
C GLU B 226 28.86 -6.26 -13.22
N GLU B 227 28.52 -7.55 -13.33
CA GLU B 227 29.50 -8.51 -13.84
C GLU B 227 29.82 -8.17 -15.30
N ALA B 228 28.79 -7.86 -16.08
CA ALA B 228 28.97 -7.46 -17.47
C ALA B 228 29.87 -6.24 -17.56
N ARG B 229 29.60 -5.26 -16.70
CA ARG B 229 30.35 -4.00 -16.72
C ARG B 229 31.82 -4.21 -16.38
N VAL B 230 32.09 -4.92 -15.30
CA VAL B 230 33.45 -5.16 -14.84
C VAL B 230 34.28 -6.01 -15.81
N ARG B 231 33.61 -6.94 -16.49
CA ARG B 231 34.30 -7.85 -17.40
C ARG B 231 34.39 -7.30 -18.82
N GLY B 232 33.74 -6.17 -19.06
CA GLY B 232 33.73 -5.56 -20.38
C GLY B 232 32.93 -6.37 -21.39
N MET B 233 31.87 -7.01 -20.93
CA MET B 233 31.12 -7.98 -21.74
C MET B 233 29.72 -7.48 -22.12
N GLY B 234 29.41 -6.23 -21.79
CA GLY B 234 28.06 -5.71 -21.93
C GLY B 234 27.35 -6.00 -23.24
N ALA B 235 28.04 -5.78 -24.35
CA ALA B 235 27.44 -5.98 -25.67
C ALA B 235 27.04 -7.45 -25.90
N GLN B 236 27.72 -8.35 -25.20
N GLN B 236 27.72 -8.34 -25.20
CA GLN B 236 27.47 -9.77 -25.37
CA GLN B 236 27.49 -9.79 -25.34
C GLN B 236 26.54 -10.33 -24.29
C GLN B 236 26.41 -10.31 -24.40
N VAL B 237 25.92 -9.43 -23.53
CA VAL B 237 25.00 -9.84 -22.47
C VAL B 237 23.59 -9.33 -22.66
N THR B 238 22.61 -10.22 -22.45
CA THR B 238 21.21 -9.85 -22.48
C THR B 238 20.52 -10.29 -21.20
N ALA B 239 19.66 -9.43 -20.66
CA ALA B 239 18.75 -9.80 -19.57
C ALA B 239 17.35 -9.97 -20.17
N SER B 240 16.81 -11.18 -20.11
CA SER B 240 15.43 -11.42 -20.55
C SER B 240 14.49 -11.45 -19.35
N HIS B 241 13.22 -11.09 -19.56
CA HIS B 241 12.20 -11.18 -18.51
C HIS B 241 12.61 -10.47 -17.21
N THR B 242 12.91 -9.18 -17.29
CA THR B 242 13.16 -8.42 -16.07
C THR B 242 11.83 -7.89 -15.54
N CYS B 243 10.85 -8.79 -15.40
CA CYS B 243 9.50 -8.40 -14.97
C CYS B 243 9.49 -7.70 -13.63
N ALA B 244 10.38 -8.13 -12.73
CA ALA B 244 10.42 -7.55 -11.38
C ALA B 244 10.68 -6.06 -11.43
N MET B 245 11.40 -5.61 -12.45
CA MET B 245 11.68 -4.19 -12.61
C MET B 245 10.39 -3.36 -12.74
N GLY B 246 9.33 -3.97 -13.28
CA GLY B 246 8.04 -3.29 -13.34
C GLY B 246 7.39 -3.17 -11.97
N SER B 247 8.02 -3.75 -10.95
CA SER B 247 7.51 -3.59 -9.59
C SER B 247 8.54 -2.98 -8.63
N TYR B 248 9.70 -2.54 -9.14
CA TYR B 248 10.76 -2.02 -8.26
C TYR B 248 10.40 -0.74 -7.51
N ASP B 249 10.93 -0.60 -6.31
CA ASP B 249 11.01 0.70 -5.66
C ASP B 249 11.56 1.71 -6.67
N ASN B 250 10.91 2.87 -6.77
CA ASN B 250 11.30 3.84 -7.80
C ASN B 250 12.65 4.51 -7.53
N ALA B 251 12.97 4.72 -6.27
CA ALA B 251 14.28 5.31 -5.96
C ALA B 251 15.40 4.32 -6.30
N TYR B 252 15.25 3.08 -5.88
CA TYR B 252 16.19 2.04 -6.30
C TYR B 252 16.31 1.97 -7.82
N CYS B 253 15.19 1.97 -8.51
CA CYS B 253 15.23 1.76 -9.96
C CYS B 253 15.97 2.87 -10.69
N SER B 254 15.76 4.11 -10.24
CA SER B 254 16.50 5.25 -10.79
C SER B 254 18.02 5.09 -10.60
N LYS B 255 18.43 4.67 -9.41
CA LYS B 255 19.83 4.39 -9.15
C LYS B 255 20.35 3.25 -10.04
N LEU B 256 19.55 2.20 -10.16
CA LEU B 256 19.92 1.04 -10.96
C LEU B 256 20.14 1.40 -12.46
N PHE B 257 19.32 2.28 -13.01
CA PHE B 257 19.47 2.70 -14.41
C PHE B 257 20.86 3.22 -14.73
N ARG B 258 21.50 3.86 -13.76
CA ARG B 258 22.87 4.36 -13.96
C ARG B 258 23.82 3.22 -14.30
N LEU B 259 23.72 2.14 -13.54
CA LEU B 259 24.52 0.95 -13.79
C LEU B 259 24.11 0.26 -15.11
N LEU B 260 22.80 0.18 -15.35
CA LEU B 260 22.32 -0.51 -16.54
C LEU B 260 22.88 0.16 -17.79
N LYS B 261 22.88 1.50 -17.80
CA LYS B 261 23.39 2.23 -18.95
C LYS B 261 24.91 2.05 -19.07
N ALA B 262 25.61 2.09 -17.93
CA ALA B 262 27.05 1.91 -17.90
C ALA B 262 27.46 0.51 -18.36
N SER B 263 26.64 -0.49 -18.02
CA SER B 263 26.98 -1.87 -18.33
C SER B 263 26.92 -2.17 -19.82
N GLY B 264 26.02 -1.49 -20.53
CA GLY B 264 25.82 -1.74 -21.95
C GLY B 264 25.03 -3.01 -22.30
N ILE B 265 24.39 -3.64 -21.33
CA ILE B 265 23.67 -4.87 -21.65
C ILE B 265 22.35 -4.61 -22.37
N ASN B 266 21.85 -5.67 -22.99
CA ASN B 266 20.59 -5.63 -23.73
C ASN B 266 19.46 -6.20 -22.90
N PHE B 267 18.24 -5.86 -23.32
CA PHE B 267 17.04 -6.29 -22.63
C PHE B 267 16.05 -6.90 -23.61
N ILE B 268 15.42 -8.00 -23.19
CA ILE B 268 14.32 -8.57 -23.98
C ILE B 268 13.08 -8.68 -23.11
N SER B 269 11.98 -8.14 -23.63
CA SER B 269 10.68 -8.22 -22.97
C SER B 269 9.75 -9.09 -23.81
N CYS B 270 8.93 -9.90 -23.13
CA CYS B 270 7.97 -10.76 -23.80
C CYS B 270 6.59 -10.40 -23.28
N PRO B 271 5.97 -9.38 -23.90
CA PRO B 271 4.75 -8.79 -23.32
C PRO B 271 3.51 -9.69 -23.36
N THR B 272 3.31 -10.51 -24.39
CA THR B 272 2.14 -11.37 -24.39
C THR B 272 2.33 -12.42 -23.31
N GLU B 273 3.57 -12.85 -23.13
CA GLU B 273 3.84 -13.91 -22.16
C GLU B 273 3.69 -13.39 -20.74
N SER B 274 4.32 -12.25 -20.46
CA SER B 274 4.28 -11.67 -19.13
C SER B 274 2.92 -11.19 -18.70
N ILE B 275 2.13 -10.64 -19.61
CA ILE B 275 0.79 -10.20 -19.22
C ILE B 275 -0.05 -11.42 -18.81
N HIS B 276 0.27 -12.57 -19.41
CA HIS B 276 -0.37 -13.85 -19.05
C HIS B 276 0.15 -14.43 -17.73
N LEU B 277 1.48 -14.50 -17.57
CA LEU B 277 2.08 -15.18 -16.42
C LEU B 277 2.22 -14.28 -15.19
N GLN B 278 2.28 -12.97 -15.42
CA GLN B 278 2.48 -12.04 -14.31
C GLN B 278 1.14 -11.50 -13.83
N GLY B 279 1.14 -10.86 -12.66
CA GLY B 279 -0.10 -10.38 -12.07
C GLY B 279 -0.94 -11.47 -11.45
N ARG B 280 -0.42 -12.69 -11.39
CA ARG B 280 -1.21 -13.85 -10.95
C ARG B 280 -1.35 -13.96 -9.44
N PHE B 281 -0.48 -13.26 -8.72
CA PHE B 281 -0.49 -13.33 -7.28
C PHE B 281 -1.04 -12.05 -6.66
N ASP B 282 -1.52 -11.15 -7.52
CA ASP B 282 -2.21 -9.94 -7.06
C ASP B 282 -3.68 -10.26 -7.02
N SER B 283 -4.45 -9.50 -6.24
CA SER B 283 -5.89 -9.55 -6.48
C SER B 283 -6.23 -8.36 -7.40
N TRP B 284 -6.67 -7.26 -6.78
CA TRP B 284 -7.05 -6.06 -7.50
C TRP B 284 -6.62 -4.86 -6.66
N PRO B 285 -6.02 -3.83 -7.28
CA PRO B 285 -5.68 -3.74 -8.71
C PRO B 285 -4.60 -4.73 -9.08
N LYS B 286 -4.59 -5.12 -10.35
CA LYS B 286 -3.72 -6.17 -10.82
C LYS B 286 -2.60 -5.59 -11.67
N ARG B 287 -1.34 -5.82 -11.28
CA ARG B 287 -0.22 -5.18 -11.98
C ARG B 287 -0.03 -5.79 -13.38
N ARG B 288 0.48 -4.97 -14.30
CA ARG B 288 0.81 -5.46 -15.65
C ARG B 288 1.93 -6.48 -15.60
N GLY B 289 2.95 -6.21 -14.79
CA GLY B 289 4.05 -7.14 -14.60
C GLY B 289 5.09 -7.18 -15.71
N VAL B 290 5.15 -6.13 -16.52
CA VAL B 290 6.10 -6.06 -17.62
C VAL B 290 7.23 -5.11 -17.25
N THR B 291 8.44 -5.36 -17.75
CA THR B 291 9.57 -4.48 -17.43
C THR B 291 9.36 -3.05 -17.99
N ARG B 292 10.23 -2.12 -17.59
CA ARG B 292 10.03 -0.72 -17.95
C ARG B 292 10.60 -0.41 -19.35
N VAL B 293 9.97 -0.97 -20.37
CA VAL B 293 10.48 -0.94 -21.74
C VAL B 293 10.68 0.48 -22.28
N ALA B 294 9.65 1.31 -22.14
CA ALA B 294 9.72 2.66 -22.67
C ALA B 294 10.84 3.45 -21.97
N GLU B 295 10.98 3.25 -20.67
CA GLU B 295 11.98 3.96 -19.87
C GLU B 295 13.40 3.51 -20.21
N LEU B 296 13.61 2.21 -20.40
CA LEU B 296 14.90 1.72 -20.84
C LEU B 296 15.24 2.36 -22.19
N ASP B 297 14.27 2.34 -23.11
CA ASP B 297 14.50 2.88 -24.44
C ASP B 297 14.84 4.37 -24.39
N ARG B 298 14.10 5.12 -23.57
CA ARG B 298 14.37 6.56 -23.40
C ARG B 298 15.74 6.82 -22.82
N ALA B 299 16.23 5.90 -21.99
CA ALA B 299 17.55 6.06 -21.37
C ALA B 299 18.68 5.70 -22.33
N GLY B 300 18.33 5.28 -23.54
CA GLY B 300 19.33 4.91 -24.51
C GLY B 300 19.81 3.47 -24.33
N ILE B 301 19.02 2.68 -23.62
CA ILE B 301 19.34 1.29 -23.42
C ILE B 301 18.60 0.45 -24.46
N ASN B 302 19.28 -0.54 -25.05
CA ASN B 302 18.68 -1.35 -26.10
C ASN B 302 17.67 -2.37 -25.57
N VAL B 303 16.44 -2.31 -26.05
CA VAL B 303 15.42 -3.24 -25.59
C VAL B 303 14.58 -3.68 -26.79
N CYS B 304 14.07 -4.91 -26.73
CA CYS B 304 13.30 -5.47 -27.84
C CYS B 304 12.23 -6.45 -27.37
N PHE B 305 11.36 -6.87 -28.28
CA PHE B 305 10.24 -7.73 -27.93
C PHE B 305 10.43 -9.14 -28.50
N ALA B 306 9.91 -10.12 -27.77
CA ALA B 306 9.98 -11.52 -28.20
C ALA B 306 8.71 -12.31 -27.86
N GLN B 307 8.51 -13.43 -28.54
CA GLN B 307 7.31 -14.25 -28.33
C GLN B 307 7.39 -15.16 -27.10
N ASP B 308 8.61 -15.64 -26.81
CA ASP B 308 8.87 -16.53 -25.67
C ASP B 308 8.34 -17.94 -25.89
N SER B 309 7.03 -18.08 -26.01
CA SER B 309 6.40 -19.40 -26.12
C SER B 309 5.45 -19.51 -27.30
N ILE B 310 5.40 -20.69 -27.91
CA ILE B 310 4.31 -21.07 -28.80
C ILE B 310 3.70 -22.41 -28.38
N GLN B 311 2.46 -22.35 -27.88
CA GLN B 311 1.69 -23.51 -27.46
C GLN B 311 2.45 -24.48 -26.55
N ASP B 312 2.93 -23.96 -25.43
CA ASP B 312 3.81 -24.73 -24.57
C ASP B 312 3.25 -24.81 -23.14
N PRO B 313 3.98 -25.39 -22.16
CA PRO B 313 3.34 -25.48 -20.84
C PRO B 313 3.00 -24.14 -20.18
N TRP B 314 3.59 -23.06 -20.67
CA TRP B 314 3.40 -21.74 -20.07
C TRP B 314 2.35 -20.88 -20.77
N TYR B 315 2.18 -21.09 -22.07
CA TYR B 315 1.39 -20.18 -22.90
C TYR B 315 0.64 -20.97 -23.98
N PRO B 316 -0.71 -20.89 -23.99
CA PRO B 316 -1.46 -21.80 -24.87
C PRO B 316 -1.62 -21.33 -26.32
N LEU B 317 -1.25 -20.10 -26.62
CA LEU B 317 -1.43 -19.56 -27.96
C LEU B 317 -0.11 -19.41 -28.68
N GLY B 318 -0.06 -18.57 -29.72
CA GLY B 318 1.16 -18.38 -30.47
C GLY B 318 1.00 -18.86 -31.89
N ASN B 319 1.48 -18.07 -32.85
CA ASN B 319 1.36 -18.45 -34.25
C ASN B 319 2.59 -18.05 -35.04
N GLY B 320 3.57 -17.47 -34.36
CA GLY B 320 4.83 -17.11 -35.02
C GLY B 320 4.93 -15.65 -35.45
N ASN B 321 3.84 -14.91 -35.33
CA ASN B 321 3.76 -13.53 -35.83
C ASN B 321 4.23 -12.49 -34.81
N ILE B 322 5.42 -11.95 -35.03
CA ILE B 322 6.03 -11.01 -34.10
C ILE B 322 5.29 -9.66 -34.09
N LEU B 323 4.52 -9.37 -35.14
CA LEU B 323 3.80 -8.10 -35.14
C LEU B 323 2.68 -8.07 -34.10
N ARG B 324 2.16 -9.24 -33.73
CA ARG B 324 1.10 -9.31 -32.73
C ARG B 324 1.73 -9.00 -31.37
N ILE B 325 2.96 -9.46 -31.20
CA ILE B 325 3.73 -9.22 -29.98
C ILE B 325 4.10 -7.73 -29.87
N LEU B 326 4.51 -7.14 -30.98
CA LEU B 326 4.78 -5.70 -31.02
C LEU B 326 3.55 -4.87 -30.62
N ASP B 327 2.40 -5.24 -31.17
CA ASP B 327 1.13 -4.58 -30.86
C ASP B 327 0.87 -4.65 -29.36
N ALA B 328 0.97 -5.87 -28.82
CA ALA B 328 0.74 -6.07 -27.39
C ALA B 328 1.69 -5.19 -26.55
N GLY B 329 2.97 -5.19 -26.94
CA GLY B 329 3.99 -4.45 -26.21
C GLY B 329 3.77 -2.95 -26.16
N LEU B 330 3.45 -2.36 -27.31
CA LEU B 330 3.20 -0.92 -27.36
C LEU B 330 2.01 -0.50 -26.50
N HIS B 331 1.00 -1.37 -26.44
CA HIS B 331 -0.18 -1.12 -25.61
C HIS B 331 0.17 -1.20 -24.12
N ILE B 332 0.77 -2.32 -23.71
CA ILE B 332 1.01 -2.60 -22.30
C ILE B 332 2.08 -1.68 -21.70
N CYS B 333 3.02 -1.27 -22.54
CA CYS B 333 4.13 -0.44 -22.10
C CYS B 333 3.88 1.05 -22.30
N HIS B 334 2.65 1.40 -22.66
CA HIS B 334 2.29 2.79 -22.93
C HIS B 334 3.21 3.45 -23.95
N MET B 335 3.39 2.79 -25.10
CA MET B 335 4.22 3.33 -26.16
C MET B 335 3.40 3.54 -27.42
N LEU B 336 2.26 4.20 -27.26
CA LEU B 336 1.40 4.51 -28.40
C LEU B 336 1.40 6.00 -28.76
N GLY B 337 2.42 6.72 -28.29
CA GLY B 337 2.66 8.08 -28.72
C GLY B 337 3.00 8.14 -30.21
N TYR B 338 2.79 9.31 -30.80
CA TYR B 338 3.05 9.49 -32.24
C TYR B 338 4.51 9.19 -32.57
N ASP B 339 5.42 9.65 -31.72
N ASP B 339 5.41 9.65 -31.71
CA ASP B 339 6.84 9.39 -31.94
CA ASP B 339 6.84 9.41 -31.87
C ASP B 339 7.17 7.90 -31.81
C ASP B 339 7.20 7.93 -31.77
N ASP B 340 6.52 7.22 -30.87
CA ASP B 340 6.73 5.78 -30.69
C ASP B 340 6.34 5.00 -31.93
N LEU B 341 5.18 5.31 -32.50
CA LEU B 341 4.62 4.55 -33.61
C LEU B 341 5.42 4.69 -34.90
N GLN B 342 6.08 5.84 -35.07
CA GLN B 342 6.87 6.07 -36.28
C GLN B 342 8.18 5.28 -36.34
N ARG B 343 8.59 4.71 -35.22
CA ARG B 343 9.82 3.93 -35.18
C ARG B 343 9.64 2.57 -34.50
N CYS B 344 8.40 2.12 -34.32
CA CYS B 344 8.14 0.95 -33.47
C CYS B 344 8.74 -0.36 -33.99
N LEU B 345 8.98 -0.43 -35.31
CA LEU B 345 9.61 -1.64 -35.86
C LEU B 345 11.04 -1.89 -35.32
N ASP B 346 11.66 -0.88 -34.72
CA ASP B 346 12.98 -1.03 -34.07
C ASP B 346 12.98 -2.22 -33.13
N PHE B 347 11.87 -2.37 -32.40
CA PHE B 347 11.78 -3.33 -31.31
C PHE B 347 11.67 -4.78 -31.75
N VAL B 348 11.48 -4.99 -33.05
CA VAL B 348 11.37 -6.34 -33.59
C VAL B 348 12.35 -6.59 -34.74
N THR B 349 13.17 -5.60 -35.04
CA THR B 349 14.19 -5.77 -36.07
C THR B 349 15.56 -5.35 -35.55
N ASP B 350 15.87 -4.07 -35.67
CA ASP B 350 17.19 -3.54 -35.35
C ASP B 350 17.65 -3.82 -33.93
N ASN B 351 16.76 -3.59 -32.95
CA ASN B 351 17.14 -3.76 -31.55
C ASN B 351 17.39 -5.22 -31.22
N SER B 352 16.59 -6.10 -31.80
CA SER B 352 16.75 -7.53 -31.59
C SER B 352 18.02 -8.06 -32.24
N ALA B 353 18.35 -7.54 -33.42
CA ALA B 353 19.60 -7.91 -34.08
C ALA B 353 20.81 -7.53 -33.23
N ARG B 354 20.74 -6.37 -32.58
CA ARG B 354 21.80 -5.92 -31.70
C ARG B 354 21.93 -6.85 -30.49
N ALA B 355 20.81 -7.25 -29.92
CA ALA B 355 20.82 -8.20 -28.80
C ALA B 355 21.48 -9.53 -29.20
N LEU B 356 21.27 -9.96 -30.45
CA LEU B 356 21.86 -11.21 -30.92
C LEU B 356 23.27 -11.02 -31.49
N CYS B 357 23.79 -9.81 -31.38
CA CYS B 357 25.11 -9.46 -31.89
C CYS B 357 25.32 -9.81 -33.35
N LEU B 358 24.30 -9.58 -34.17
CA LEU B 358 24.36 -9.96 -35.60
C LEU B 358 25.37 -9.11 -36.38
N GLY B 359 25.58 -7.87 -35.95
CA GLY B 359 26.53 -7.00 -36.62
C GLY B 359 26.22 -6.76 -38.10
N ASP B 360 27.27 -6.80 -38.92
CA ASP B 360 27.13 -6.55 -40.36
C ASP B 360 26.46 -7.70 -41.12
N ASN B 361 25.99 -8.72 -40.41
CA ASN B 361 25.23 -9.78 -41.06
C ASN B 361 23.74 -9.49 -41.09
N TYR B 362 23.38 -8.27 -40.69
CA TYR B 362 21.99 -7.86 -40.59
C TYR B 362 21.83 -6.42 -41.06
N GLY B 363 20.71 -6.13 -41.71
CA GLY B 363 20.40 -4.74 -42.04
C GLY B 363 20.54 -4.42 -43.50
N LEU B 364 19.76 -3.46 -43.97
CA LEU B 364 19.79 -3.08 -45.37
C LEU B 364 20.89 -2.03 -45.61
N ALA B 365 22.08 -2.52 -45.94
CA ALA B 365 23.21 -1.68 -46.28
C ALA B 365 24.01 -2.44 -47.32
N GLU B 366 24.66 -1.71 -48.21
CA GLU B 366 25.45 -2.35 -49.26
C GLU B 366 26.56 -3.22 -48.67
N GLY B 367 26.79 -4.38 -49.25
CA GLY B 367 27.79 -5.31 -48.76
C GLY B 367 27.25 -6.34 -47.79
N ARG B 368 26.11 -6.05 -47.16
CA ARG B 368 25.53 -6.96 -46.19
C ARG B 368 24.71 -8.02 -46.91
N PRO B 369 24.40 -9.14 -46.22
CA PRO B 369 23.67 -10.24 -46.85
C PRO B 369 22.30 -9.82 -47.39
N ALA B 370 21.91 -10.39 -48.52
CA ALA B 370 20.60 -10.12 -49.12
C ALA B 370 19.50 -10.87 -48.39
N ASN B 371 19.27 -10.49 -47.13
CA ASN B 371 18.16 -11.03 -46.36
C ASN B 371 17.20 -9.89 -46.07
N LEU B 372 15.98 -10.00 -46.56
CA LEU B 372 15.02 -8.91 -46.39
C LEU B 372 13.58 -9.34 -46.70
N LEU B 373 12.62 -8.53 -46.26
CA LEU B 373 11.20 -8.81 -46.44
C LEU B 373 10.56 -7.64 -47.15
N ILE B 374 9.52 -7.93 -47.94
CA ILE B 374 8.59 -6.86 -48.34
C ILE B 374 7.31 -6.99 -47.52
N LEU B 375 6.99 -5.95 -46.75
CA LEU B 375 5.83 -5.91 -45.87
C LEU B 375 4.71 -5.11 -46.51
N ASP B 376 3.46 -5.53 -46.29
CA ASP B 376 2.30 -4.91 -46.92
C ASP B 376 1.88 -3.63 -46.21
N ALA B 377 2.81 -2.69 -46.09
CA ALA B 377 2.56 -1.39 -45.47
C ALA B 377 3.66 -0.44 -45.91
N GLU B 378 3.40 0.86 -45.87
CA GLU B 378 4.35 1.84 -46.36
C GLU B 378 5.28 2.41 -45.27
N ASN B 379 4.91 2.19 -44.01
CA ASN B 379 5.70 2.71 -42.88
C ASN B 379 5.46 1.92 -41.59
N ASP B 380 6.18 2.28 -40.53
CA ASP B 380 6.07 1.60 -39.24
C ASP B 380 4.65 1.62 -38.68
N TYR B 381 4.02 2.79 -38.75
CA TYR B 381 2.69 2.99 -38.18
C TYR B 381 1.66 2.09 -38.86
N GLU B 382 1.65 2.08 -40.18
CA GLU B 382 0.70 1.24 -40.90
C GLU B 382 1.00 -0.24 -40.71
N ALA B 383 2.28 -0.59 -40.59
CA ALA B 383 2.67 -1.98 -40.37
C ALA B 383 2.01 -2.54 -39.10
N VAL B 384 2.12 -1.79 -38.00
CA VAL B 384 1.57 -2.27 -36.74
C VAL B 384 0.04 -2.12 -36.70
N ARG B 385 -0.49 -1.06 -37.32
CA ARG B 385 -1.93 -0.80 -37.28
C ARG B 385 -2.71 -1.89 -38.03
N ARG B 386 -2.18 -2.30 -39.18
CA ARG B 386 -2.87 -3.27 -40.02
C ARG B 386 -2.39 -4.71 -39.81
N GLN B 387 -1.38 -4.88 -38.96
CA GLN B 387 -0.70 -6.17 -38.80
C GLN B 387 -0.28 -6.69 -40.16
N ALA B 388 0.51 -5.87 -40.86
CA ALA B 388 0.81 -6.05 -42.27
C ALA B 388 1.39 -7.43 -42.58
N ARG B 389 0.88 -8.06 -43.64
CA ARG B 389 1.38 -9.38 -44.00
C ARG B 389 2.74 -9.30 -44.67
N VAL B 390 3.52 -10.36 -44.55
CA VAL B 390 4.79 -10.45 -45.23
C VAL B 390 4.53 -10.96 -46.65
N LEU B 391 4.78 -10.11 -47.64
CA LEU B 391 4.46 -10.48 -49.02
C LEU B 391 5.56 -11.29 -49.66
N THR B 392 6.80 -11.01 -49.26
CA THR B 392 7.96 -11.67 -49.84
C THR B 392 9.04 -11.79 -48.76
N SER B 393 9.66 -12.96 -48.66
CA SER B 393 10.81 -13.11 -47.80
C SER B 393 11.97 -13.57 -48.66
N ILE B 394 13.08 -12.84 -48.57
CA ILE B 394 14.25 -13.14 -49.38
C ILE B 394 15.39 -13.49 -48.45
N ARG B 395 16.02 -14.63 -48.70
CA ARG B 395 17.15 -15.06 -47.91
C ARG B 395 18.32 -15.41 -48.82
N HIS B 396 19.49 -14.82 -48.53
CA HIS B 396 20.71 -15.05 -49.32
C HIS B 396 20.46 -14.77 -50.80
N GLY B 397 19.62 -13.77 -51.07
CA GLY B 397 19.34 -13.38 -52.44
C GLY B 397 18.29 -14.20 -53.16
N LYS B 398 17.71 -15.20 -52.49
CA LYS B 398 16.69 -16.03 -53.12
C LYS B 398 15.32 -15.86 -52.46
N VAL B 399 14.25 -15.87 -53.24
CA VAL B 399 12.92 -15.77 -52.65
C VAL B 399 12.57 -17.10 -51.98
N ILE B 400 12.28 -17.06 -50.68
CA ILE B 400 11.94 -18.27 -49.96
C ILE B 400 10.48 -18.31 -49.54
N LEU B 401 9.78 -17.19 -49.76
CA LEU B 401 8.36 -17.11 -49.45
C LEU B 401 7.71 -16.02 -50.31
N GLN B 402 6.54 -16.31 -50.85
CA GLN B 402 5.74 -15.31 -51.54
C GLN B 402 4.26 -15.48 -51.18
N ARG B 403 3.64 -14.40 -50.75
CA ARG B 403 2.19 -14.31 -50.59
C ARG B 403 1.63 -13.38 -51.66
N GLU B 404 0.36 -13.54 -51.97
CA GLU B 404 -0.35 -12.59 -52.80
C GLU B 404 -0.87 -11.47 -51.90
N VAL B 405 -0.91 -10.24 -52.42
CA VAL B 405 -1.58 -9.16 -51.72
C VAL B 405 -3.05 -9.54 -51.60
N GLU B 406 -3.66 -9.26 -50.45
CA GLU B 406 -5.04 -9.67 -50.23
C GLU B 406 -5.99 -8.97 -51.19
N HIS B 407 -6.94 -9.72 -51.73
CA HIS B 407 -7.97 -9.15 -52.56
C HIS B 407 -9.35 -9.54 -52.03
N ILE B 408 -10.08 -8.54 -51.54
CA ILE B 408 -11.42 -8.75 -51.03
C ILE B 408 -12.43 -8.43 -52.12
N ARG B 409 -13.40 -9.31 -52.33
CA ARG B 409 -14.41 -9.06 -53.35
C ARG B 409 -15.74 -8.72 -52.69
N TYR B 410 -16.47 -7.80 -53.31
CA TYR B 410 -17.74 -7.34 -52.77
C TYR B 410 -18.80 -7.48 -53.84
N PRO B 411 -19.54 -8.58 -53.84
CA PRO B 411 -20.61 -8.78 -54.83
C PRO B 411 -21.85 -7.94 -54.51
N ALA B 412 -22.19 -6.96 -55.36
CA ALA B 412 -21.45 -6.64 -56.56
C ALA B 412 -20.95 -5.20 -56.47
N MET C 1 38.79 38.61 29.79
CA MET C 1 37.62 39.50 29.74
C MET C 1 36.43 38.88 30.48
N LYS C 2 35.68 39.71 31.19
CA LYS C 2 34.47 39.24 31.86
C LYS C 2 33.25 39.47 30.97
N ILE C 3 32.38 38.47 30.92
CA ILE C 3 31.05 38.64 30.35
C ILE C 3 30.06 38.62 31.50
N ILE C 4 29.24 39.67 31.64
CA ILE C 4 28.30 39.71 32.75
C ILE C 4 26.84 39.69 32.27
N ASN C 5 25.92 39.42 33.20
CA ASN C 5 24.49 39.37 32.89
C ASN C 5 24.16 38.39 31.78
N ALA C 6 24.87 37.28 31.75
CA ALA C 6 24.61 36.27 30.71
C ALA C 6 23.61 35.23 31.19
N ARG C 7 22.75 34.79 30.30
CA ARG C 7 21.92 33.63 30.60
C ARG C 7 22.65 32.40 30.09
N LEU C 8 22.42 31.26 30.74
CA LEU C 8 22.92 29.98 30.24
C LEU C 8 21.72 29.10 29.92
N ARG C 9 21.91 28.10 29.06
CA ARG C 9 20.79 27.26 28.62
C ARG C 9 20.11 26.55 29.79
N ARG C 10 18.78 26.58 29.78
CA ARG C 10 17.97 25.84 30.75
C ARG C 10 18.27 26.22 32.20
N GLN C 11 18.72 27.46 32.40
CA GLN C 11 18.92 27.97 33.75
C GLN C 11 18.24 29.32 33.93
N GLU C 12 17.98 29.66 35.17
CA GLU C 12 17.22 30.85 35.49
C GLU C 12 18.12 32.06 35.78
N ALA C 13 19.24 31.83 36.46
CA ALA C 13 20.07 32.92 36.97
C ALA C 13 20.84 33.65 35.86
N LEU C 14 21.35 34.83 36.20
CA LEU C 14 22.29 35.53 35.35
C LEU C 14 23.69 35.11 35.79
N PHE C 15 24.62 35.05 34.85
CA PHE C 15 25.96 34.55 35.12
C PHE C 15 27.04 35.47 34.62
N THR C 16 28.17 35.41 35.31
CA THR C 16 29.38 36.06 34.87
C THR C 16 30.35 34.98 34.41
N LEU C 17 30.91 35.15 33.22
CA LEU C 17 31.93 34.24 32.72
C LEU C 17 33.22 35.00 32.59
N ASP C 18 34.25 34.51 33.26
CA ASP C 18 35.54 35.19 33.28
C ASP C 18 36.45 34.43 32.34
N LEU C 19 36.87 35.10 31.27
CA LEU C 19 37.73 34.49 30.26
C LEU C 19 39.14 35.05 30.38
N GLN C 20 40.13 34.18 30.52
CA GLN C 20 41.50 34.64 30.68
C GLN C 20 42.45 33.78 29.83
N ASP C 21 43.31 34.42 29.05
CA ASP C 21 44.32 33.73 28.26
C ASP C 21 43.80 32.58 27.40
N GLY C 22 42.64 32.76 26.78
CA GLY C 22 42.09 31.76 25.88
C GLY C 22 41.30 30.64 26.53
N ILE C 23 41.14 30.74 27.85
CA ILE C 23 40.49 29.70 28.65
C ILE C 23 39.29 30.27 29.41
N ILE C 24 38.25 29.46 29.60
CA ILE C 24 37.18 29.82 30.50
C ILE C 24 37.69 29.63 31.90
N HIS C 25 37.90 30.74 32.60
CA HIS C 25 38.48 30.68 33.93
C HIS C 25 37.45 30.38 35.02
N ARG C 26 36.28 30.99 34.92
CA ARG C 26 35.32 30.92 36.01
C ARG C 26 33.93 31.23 35.49
N ILE C 27 32.96 30.45 35.98
CA ILE C 27 31.56 30.70 35.67
C ILE C 27 30.84 30.82 37.00
N THR C 28 30.23 31.98 37.25
CA THR C 28 29.63 32.26 38.54
C THR C 28 28.24 32.87 38.39
N ALA C 29 27.27 32.32 39.12
CA ALA C 29 25.94 32.90 39.18
C ALA C 29 25.98 34.23 39.93
N GLN C 30 25.30 35.23 39.40
CA GLN C 30 25.19 36.53 40.04
C GLN C 30 23.97 36.55 40.94
N ALA C 31 24.06 37.30 42.04
CA ALA C 31 22.93 37.46 42.93
C ALA C 31 21.83 38.26 42.23
N ALA C 32 22.26 39.19 41.39
CA ALA C 32 21.34 40.09 40.71
C ALA C 32 21.98 40.64 39.43
N MET C 33 21.19 41.38 38.68
CA MET C 33 21.66 42.11 37.51
C MET C 33 22.78 43.07 37.94
N GLN C 34 23.81 43.24 37.11
CA GLN C 34 24.95 44.11 37.46
C GLN C 34 25.29 45.12 36.36
N THR C 35 26.08 46.13 36.73
CA THR C 35 26.64 47.06 35.73
C THR C 35 28.07 46.66 35.36
N ALA C 36 28.40 46.77 34.09
CA ALA C 36 29.71 46.31 33.61
C ALA C 36 30.82 47.30 33.94
N ASP C 37 31.95 46.75 34.39
CA ASP C 37 33.14 47.58 34.58
C ASP C 37 33.83 47.78 33.23
N ALA C 38 34.90 48.57 33.25
CA ALA C 38 35.67 48.83 32.05
C ALA C 38 36.21 47.52 31.50
N GLY C 39 36.01 47.28 30.21
CA GLY C 39 36.57 46.12 29.56
C GLY C 39 35.65 44.91 29.53
N ALA C 40 34.67 44.90 30.42
CA ALA C 40 33.72 43.77 30.47
C ALA C 40 32.67 43.89 29.37
N ILE C 41 32.17 42.74 28.92
CA ILE C 41 31.06 42.70 27.99
C ILE C 41 29.78 42.49 28.79
N ASP C 42 28.79 43.34 28.53
CA ASP C 42 27.47 43.18 29.15
C ASP C 42 26.59 42.38 28.18
N ALA C 43 26.28 41.15 28.55
CA ALA C 43 25.44 40.30 27.72
C ALA C 43 23.97 40.73 27.77
N GLN C 44 23.64 41.60 28.74
CA GLN C 44 22.30 42.15 28.85
C GLN C 44 21.18 41.10 28.88
N GLY C 45 21.40 40.01 29.59
CA GLY C 45 20.38 38.99 29.75
C GLY C 45 20.29 38.05 28.56
N ARG C 46 21.19 38.21 27.59
CA ARG C 46 21.23 37.28 26.45
C ARG C 46 21.91 35.97 26.79
N LEU C 47 21.57 34.93 26.05
CA LEU C 47 22.13 33.61 26.24
C LEU C 47 23.59 33.52 25.77
N ALA C 48 24.44 32.91 26.59
CA ALA C 48 25.78 32.53 26.15
C ALA C 48 25.78 31.02 25.90
N ILE C 49 26.31 30.60 24.75
CA ILE C 49 26.40 29.18 24.43
C ILE C 49 27.78 28.89 23.85
N PRO C 50 28.20 27.61 23.87
CA PRO C 50 29.36 27.23 23.06
C PRO C 50 29.03 27.40 21.56
N PRO C 51 30.05 27.38 20.69
CA PRO C 51 29.76 27.75 19.29
C PRO C 51 28.87 26.76 18.57
N PHE C 52 28.17 27.23 17.54
CA PHE C 52 27.45 26.31 16.68
C PHE C 52 28.42 25.38 15.98
N VAL C 53 27.95 24.18 15.66
CA VAL C 53 28.77 23.20 14.97
C VAL C 53 28.12 22.90 13.63
N GLU C 54 28.93 22.76 12.58
CA GLU C 54 28.46 22.29 11.28
C GLU C 54 29.15 20.95 11.02
N PRO C 55 28.49 19.84 11.41
CA PRO C 55 29.14 18.53 11.46
C PRO C 55 29.09 17.80 10.13
N HIS C 56 28.52 18.42 9.11
CA HIS C 56 28.37 17.78 7.81
C HIS C 56 28.12 18.81 6.71
N ILE C 57 29.17 19.13 5.96
CA ILE C 57 29.04 20.02 4.83
C ILE C 57 30.00 19.55 3.73
N HIS C 58 29.69 19.89 2.49
CA HIS C 58 30.57 19.58 1.36
C HIS C 58 31.27 20.85 0.85
N LEU C 59 32.37 21.22 1.51
CA LEU C 59 33.07 22.43 1.12
C LEU C 59 33.72 22.37 -0.26
N ASP C 60 34.07 21.19 -0.74
CA ASP C 60 34.67 21.08 -2.08
C ASP C 60 33.68 21.46 -3.19
N ALA C 61 32.40 21.20 -2.96
CA ALA C 61 31.37 21.48 -3.96
C ALA C 61 30.66 22.82 -3.77
N THR C 62 30.88 23.48 -2.63
CA THR C 62 30.15 24.70 -2.30
C THR C 62 30.31 25.79 -3.37
N LEU C 63 29.21 26.50 -3.63
CA LEU C 63 29.21 27.65 -4.54
C LEU C 63 29.44 27.30 -6.01
N THR C 64 29.04 26.11 -6.42
CA THR C 64 29.16 25.69 -7.82
C THR C 64 27.82 25.41 -8.49
N ALA C 65 26.72 25.74 -7.82
CA ALA C 65 25.38 25.51 -8.39
C ALA C 65 25.24 26.10 -9.80
N GLY C 66 24.82 25.28 -10.76
CA GLY C 66 24.63 25.72 -12.12
C GLY C 66 25.83 25.59 -13.05
N GLU C 67 26.97 25.17 -12.51
CA GLU C 67 28.20 25.02 -13.30
C GLU C 67 28.52 23.55 -13.56
N PRO C 68 28.49 23.11 -14.83
CA PRO C 68 28.17 23.86 -16.06
C PRO C 68 26.67 23.90 -16.37
N GLU C 69 25.87 23.09 -15.69
CA GLU C 69 24.42 23.18 -15.82
C GLU C 69 23.71 22.88 -14.50
N TRP C 70 22.40 23.11 -14.47
CA TRP C 70 21.61 22.91 -13.25
C TRP C 70 21.11 21.47 -13.05
N ASN C 71 20.93 21.09 -11.78
CA ASN C 71 20.23 19.87 -11.39
C ASN C 71 18.73 20.08 -11.60
N ARG C 72 18.23 19.69 -12.77
CA ARG C 72 16.84 19.98 -13.10
C ARG C 72 15.84 19.09 -12.34
N SER C 73 16.22 17.86 -12.05
CA SER C 73 15.30 16.94 -11.35
C SER C 73 15.23 17.16 -9.83
N GLY C 74 16.25 17.80 -9.26
CA GLY C 74 16.37 17.95 -7.83
C GLY C 74 16.63 16.63 -7.10
N THR C 75 17.37 15.73 -7.74
CA THR C 75 17.61 14.40 -7.16
C THR C 75 19.08 14.25 -6.80
N LEU C 76 19.36 13.31 -5.90
CA LEU C 76 20.74 13.02 -5.53
C LEU C 76 21.54 12.62 -6.75
N PHE C 77 20.93 11.78 -7.59
CA PHE C 77 21.69 11.16 -8.67
C PHE C 77 22.05 12.15 -9.77
N GLU C 78 21.11 13.03 -10.13
CA GLU C 78 21.48 14.06 -11.10
C GLU C 78 22.54 15.00 -10.49
N GLY C 79 22.45 15.26 -9.20
CA GLY C 79 23.46 16.07 -8.54
C GLY C 79 24.86 15.47 -8.70
N ILE C 80 24.95 14.16 -8.60
CA ILE C 80 26.22 13.45 -8.75
C ILE C 80 26.76 13.60 -10.17
N THR C 81 25.86 13.52 -11.15
CA THR C 81 26.22 13.72 -12.56
C THR C 81 26.74 15.13 -12.81
N ARG C 82 26.00 16.14 -12.34
CA ARG C 82 26.42 17.53 -12.48
C ARG C 82 27.76 17.78 -11.79
N TRP C 83 27.94 17.18 -10.61
CA TRP C 83 29.21 17.31 -9.91
C TRP C 83 30.34 16.69 -10.71
N SER C 84 30.09 15.53 -11.33
CA SER C 84 31.09 14.91 -12.21
C SER C 84 31.52 15.85 -13.31
N GLN C 85 30.56 16.60 -13.87
CA GLN C 85 30.89 17.58 -14.90
C GLN C 85 31.74 18.70 -14.31
N ARG C 86 31.39 19.13 -13.09
CA ARG C 86 32.10 20.22 -12.42
C ARG C 86 33.54 19.85 -12.05
N LYS C 87 33.75 18.60 -11.67
CA LYS C 87 35.08 18.11 -11.27
C LYS C 87 36.12 18.25 -12.37
N ALA C 88 35.66 18.26 -13.62
CA ALA C 88 36.57 18.40 -14.75
C ALA C 88 37.28 19.75 -14.78
N SER C 89 36.73 20.75 -14.10
CA SER C 89 37.31 22.08 -14.10
C SER C 89 37.72 22.54 -12.70
N ILE C 90 37.80 21.60 -11.76
CA ILE C 90 38.25 21.89 -10.41
C ILE C 90 39.75 22.16 -10.38
N THR C 91 40.15 23.24 -9.71
CA THR C 91 41.56 23.50 -9.43
C THR C 91 41.73 23.75 -7.93
N PRO C 92 42.96 23.53 -7.41
CA PRO C 92 43.22 23.84 -6.00
C PRO C 92 42.82 25.25 -5.61
N GLU C 93 43.17 26.24 -6.43
CA GLU C 93 42.88 27.63 -6.10
C GLU C 93 41.38 27.94 -6.12
N ASP C 94 40.69 27.40 -7.12
CA ASP C 94 39.23 27.45 -7.21
C ASP C 94 38.58 26.88 -5.95
N THR C 95 39.04 25.72 -5.52
CA THR C 95 38.51 25.09 -4.31
C THR C 95 38.77 25.95 -3.07
N ARG C 96 40.00 26.41 -2.93
CA ARG C 96 40.35 27.26 -1.79
C ARG C 96 39.44 28.48 -1.66
N GLN C 97 39.27 29.21 -2.76
CA GLN C 97 38.49 30.44 -2.70
C GLN C 97 37.02 30.22 -2.35
N ARG C 98 36.41 29.19 -2.92
CA ARG C 98 35.01 28.88 -2.63
C ARG C 98 34.84 28.38 -1.21
N ALA C 99 35.77 27.54 -0.77
CA ALA C 99 35.72 27.01 0.59
C ALA C 99 35.88 28.13 1.63
N LEU C 100 36.78 29.07 1.35
CA LEU C 100 37.03 30.18 2.26
C LEU C 100 35.83 31.11 2.36
N LYS C 101 35.16 31.35 1.23
CA LYS C 101 33.97 32.18 1.24
C LYS C 101 32.85 31.56 2.09
N THR C 102 32.62 30.25 1.91
CA THR C 102 31.59 29.55 2.70
C THR C 102 31.97 29.46 4.19
N ILE C 103 33.24 29.25 4.48
CA ILE C 103 33.69 29.31 5.86
C ILE C 103 33.38 30.69 6.49
N GLY C 104 33.55 31.74 5.69
CA GLY C 104 33.14 33.07 6.11
C GLY C 104 31.67 33.17 6.49
N MET C 105 30.80 32.58 5.67
CA MET C 105 29.38 32.54 5.99
C MET C 105 29.10 31.82 7.30
N LEU C 106 29.71 30.64 7.48
CA LEU C 106 29.54 29.85 8.69
C LEU C 106 30.01 30.65 9.91
N ARG C 107 31.17 31.29 9.78
CA ARG C 107 31.70 32.18 10.83
C ARG C 107 30.72 33.28 11.20
N ASP C 108 30.12 33.91 10.19
CA ASP C 108 29.11 34.96 10.39
C ASP C 108 27.91 34.48 11.20
N PHE C 109 27.68 33.17 11.18
CA PHE C 109 26.55 32.60 11.92
C PHE C 109 26.99 31.80 13.15
N GLY C 110 28.20 32.08 13.62
CA GLY C 110 28.66 31.56 14.91
C GLY C 110 29.18 30.13 14.90
N VAL C 111 29.43 29.58 13.72
CA VAL C 111 29.96 28.22 13.61
C VAL C 111 31.48 28.25 13.77
N GLN C 112 32.01 27.49 14.72
CA GLN C 112 33.47 27.43 14.90
C GLN C 112 34.02 26.02 14.75
N HIS C 113 33.14 25.07 14.51
CA HIS C 113 33.54 23.68 14.31
C HIS C 113 32.85 23.14 13.06
N VAL C 114 33.64 22.62 12.14
CA VAL C 114 33.10 22.19 10.84
C VAL C 114 33.72 20.86 10.46
N ARG C 115 32.89 19.95 9.97
CA ARG C 115 33.40 18.72 9.36
C ARG C 115 32.97 18.72 7.91
N THR C 116 33.95 18.78 7.02
CA THR C 116 33.66 18.78 5.59
C THR C 116 33.96 17.43 4.94
N HIS C 117 33.09 17.01 4.04
CA HIS C 117 33.39 15.85 3.20
C HIS C 117 34.10 16.37 1.96
N VAL C 118 35.06 15.59 1.47
CA VAL C 118 35.77 15.98 0.25
C VAL C 118 35.79 14.76 -0.66
N ASP C 119 35.29 14.92 -1.88
CA ASP C 119 35.27 13.84 -2.85
C ASP C 119 36.69 13.41 -3.18
N VAL C 120 37.03 12.15 -2.91
CA VAL C 120 38.35 11.63 -3.24
C VAL C 120 38.33 10.67 -4.43
N THR C 121 37.16 10.46 -5.04
CA THR C 121 37.12 9.73 -6.31
C THR C 121 37.51 10.72 -7.38
N ASP C 122 38.80 11.05 -7.38
CA ASP C 122 39.38 12.05 -8.26
C ASP C 122 40.88 11.78 -8.22
N PRO C 123 41.45 11.27 -9.32
CA PRO C 123 42.85 10.84 -9.29
C PRO C 123 43.83 11.95 -8.90
N SER C 124 43.46 13.20 -9.14
CA SER C 124 44.32 14.33 -8.80
C SER C 124 44.34 14.60 -7.28
N LEU C 125 43.25 14.25 -6.60
CA LEU C 125 43.06 14.59 -5.19
C LEU C 125 43.26 16.09 -4.95
N ALA C 126 42.88 16.88 -5.96
CA ALA C 126 43.10 18.33 -5.95
C ALA C 126 42.37 19.05 -4.82
N ALA C 127 41.08 18.74 -4.64
CA ALA C 127 40.28 19.41 -3.62
C ALA C 127 40.73 19.00 -2.23
N LEU C 128 41.15 17.73 -2.08
CA LEU C 128 41.66 17.27 -0.80
C LEU C 128 42.91 18.04 -0.39
N GLN C 129 43.85 18.18 -1.33
CA GLN C 129 45.07 18.94 -1.05
C GLN C 129 44.75 20.37 -0.63
N ALA C 130 43.79 20.98 -1.33
CA ALA C 130 43.41 22.35 -1.05
C ALA C 130 42.78 22.49 0.34
N LEU C 131 41.88 21.58 0.68
CA LEU C 131 41.19 21.68 1.95
C LEU C 131 42.08 21.33 3.13
N LEU C 132 43.08 20.48 2.89
CA LEU C 132 44.09 20.21 3.92
C LEU C 132 44.84 21.49 4.27
N ALA C 133 45.06 22.35 3.27
CA ALA C 133 45.73 23.62 3.49
C ALA C 133 44.77 24.65 4.09
N VAL C 134 43.52 24.65 3.63
CA VAL C 134 42.48 25.50 4.21
C VAL C 134 42.30 25.23 5.70
N LYS C 135 42.39 23.96 6.09
CA LYS C 135 42.34 23.57 7.49
C LYS C 135 43.34 24.38 8.34
N GLN C 136 44.53 24.62 7.81
CA GLN C 136 45.52 25.45 8.51
C GLN C 136 45.21 26.94 8.35
N GLU C 137 44.92 27.36 7.12
CA GLU C 137 44.71 28.77 6.82
C GLU C 137 43.54 29.37 7.62
N ALA C 138 42.49 28.60 7.83
CA ALA C 138 41.28 29.12 8.45
C ALA C 138 41.16 28.84 9.96
N ALA C 139 42.26 28.43 10.58
CA ALA C 139 42.25 28.00 11.97
C ALA C 139 41.95 29.16 12.92
N ASP C 140 42.14 30.38 12.45
CA ASP C 140 41.76 31.54 13.25
C ASP C 140 40.24 31.67 13.36
N LEU C 141 39.51 30.98 12.50
CA LEU C 141 38.05 31.03 12.50
C LEU C 141 37.37 29.75 12.95
N ILE C 142 37.93 28.62 12.55
CA ILE C 142 37.25 27.35 12.73
C ILE C 142 38.21 26.20 12.96
N ASP C 143 37.72 25.16 13.62
CA ASP C 143 38.43 23.89 13.68
C ASP C 143 37.78 22.99 12.64
N LEU C 144 38.53 22.68 11.58
CA LEU C 144 37.99 21.94 10.44
C LEU C 144 38.43 20.47 10.48
N GLN C 145 37.46 19.56 10.35
CA GLN C 145 37.76 18.15 10.12
C GLN C 145 37.50 17.78 8.66
N ILE C 146 38.33 16.89 8.12
CA ILE C 146 38.20 16.52 6.70
C ILE C 146 37.90 15.03 6.52
N VAL C 147 36.80 14.75 5.83
CA VAL C 147 36.38 13.36 5.55
C VAL C 147 36.74 12.96 4.13
N ALA C 148 37.46 11.85 3.99
CA ALA C 148 37.73 11.27 2.69
C ALA C 148 36.46 10.62 2.16
N PHE C 149 35.81 11.28 1.20
CA PHE C 149 34.49 10.88 0.74
C PHE C 149 34.56 10.33 -0.69
N PRO C 150 34.32 9.03 -0.87
CA PRO C 150 34.40 8.43 -2.20
C PRO C 150 33.06 8.58 -2.91
N GLN C 151 32.82 9.75 -3.50
CA GLN C 151 31.51 10.09 -4.06
C GLN C 151 31.01 9.05 -5.07
N GLU C 152 31.93 8.54 -5.87
CA GLU C 152 31.53 7.65 -6.95
C GLU C 152 31.73 6.18 -6.60
N GLY C 153 31.98 5.91 -5.32
CA GLY C 153 32.04 4.54 -4.83
C GLY C 153 33.45 4.11 -4.54
N ILE C 154 33.60 3.21 -3.59
CA ILE C 154 34.89 2.61 -3.29
C ILE C 154 35.16 1.41 -4.19
N GLU C 155 34.13 0.61 -4.45
CA GLU C 155 34.30 -0.68 -5.11
C GLU C 155 34.12 -0.69 -6.63
N SER C 156 33.54 0.34 -7.21
CA SER C 156 33.41 0.33 -8.67
C SER C 156 34.16 1.45 -9.39
N TYR C 157 34.49 2.50 -8.65
CA TYR C 157 35.35 3.54 -9.20
C TYR C 157 36.77 2.98 -9.34
N PRO C 158 37.44 3.28 -10.47
CA PRO C 158 38.81 2.79 -10.70
C PRO C 158 39.77 3.19 -9.56
N ASN C 159 40.45 2.21 -8.97
CA ASN C 159 41.38 2.43 -7.88
C ASN C 159 40.76 3.05 -6.63
N GLY C 160 39.46 2.83 -6.43
CA GLY C 160 38.74 3.42 -5.31
C GLY C 160 39.38 3.15 -3.96
N ARG C 161 39.81 1.91 -3.74
CA ARG C 161 40.44 1.56 -2.47
C ARG C 161 41.78 2.26 -2.30
N GLU C 162 42.57 2.32 -3.36
CA GLU C 162 43.85 3.02 -3.28
C GLU C 162 43.68 4.52 -3.05
N LEU C 163 42.69 5.12 -3.72
CA LEU C 163 42.43 6.55 -3.55
C LEU C 163 42.03 6.91 -2.11
N MET C 164 41.15 6.10 -1.51
CA MET C 164 40.79 6.25 -0.11
C MET C 164 42.02 6.13 0.79
N THR C 165 42.87 5.16 0.49
CA THR C 165 44.05 4.92 1.31
C THR C 165 45.03 6.09 1.23
N ARG C 166 45.29 6.58 0.02
CA ARG C 166 46.16 7.73 -0.14
C ARG C 166 45.59 8.97 0.53
N ALA C 167 44.26 9.13 0.48
CA ALA C 167 43.63 10.29 1.11
C ALA C 167 43.85 10.29 2.61
N ILE C 168 43.71 9.11 3.22
CA ILE C 168 43.97 8.95 4.63
C ILE C 168 45.45 9.17 4.92
N GLU C 169 46.31 8.63 4.07
CA GLU C 169 47.75 8.85 4.23
C GLU C 169 48.14 10.32 4.09
N MET C 170 47.38 11.07 3.31
CA MET C 170 47.66 12.50 3.11
C MET C 170 47.22 13.36 4.29
N GLY C 171 46.34 12.82 5.14
CA GLY C 171 45.99 13.52 6.36
C GLY C 171 44.52 13.64 6.68
N ALA C 172 43.65 13.05 5.85
CA ALA C 172 42.22 13.14 6.14
C ALA C 172 41.93 12.58 7.53
N ASP C 173 41.17 13.33 8.32
CA ASP C 173 40.89 12.96 9.71
C ASP C 173 39.85 11.85 9.83
N VAL C 174 39.01 11.72 8.80
CA VAL C 174 37.80 10.93 8.90
C VAL C 174 37.66 10.10 7.63
N VAL C 175 37.26 8.85 7.78
CA VAL C 175 37.01 7.94 6.65
C VAL C 175 35.54 7.97 6.28
N GLY C 176 35.23 8.29 5.04
CA GLY C 176 33.84 8.32 4.58
C GLY C 176 33.43 7.07 3.83
N GLY C 177 32.24 7.10 3.25
CA GLY C 177 31.77 5.99 2.46
C GLY C 177 30.43 6.32 1.83
N ILE C 178 29.96 5.44 0.94
CA ILE C 178 28.66 5.65 0.31
C ILE C 178 28.05 4.29 -0.10
N PRO C 179 27.82 3.40 0.88
CA PRO C 179 27.52 2.01 0.51
C PRO C 179 26.28 1.85 -0.35
N HIS C 180 25.26 2.69 -0.14
CA HIS C 180 24.02 2.56 -0.90
C HIS C 180 24.22 2.93 -2.37
N TYR C 181 25.32 3.63 -2.68
CA TYR C 181 25.57 4.01 -4.06
C TYR C 181 26.44 3.00 -4.81
N GLU C 182 27.02 2.05 -4.09
CA GLU C 182 27.79 0.99 -4.76
C GLU C 182 26.89 0.18 -5.71
N ASN C 183 27.47 -0.36 -6.77
CA ASN C 183 26.69 -0.93 -7.86
C ASN C 183 25.83 -2.14 -7.50
N THR C 184 26.25 -2.91 -6.50
CA THR C 184 25.47 -4.06 -6.04
C THR C 184 25.46 -4.07 -4.52
N ARG C 185 24.47 -4.75 -3.95
CA ARG C 185 24.36 -4.83 -2.50
C ARG C 185 25.63 -5.46 -1.88
N ASP C 186 26.15 -6.52 -2.50
CA ASP C 186 27.33 -7.19 -1.96
C ASP C 186 28.53 -6.26 -1.94
N LYS C 187 28.63 -5.38 -2.94
CA LYS C 187 29.71 -4.41 -2.96
C LYS C 187 29.51 -3.26 -1.98
N GLY C 188 28.26 -2.94 -1.70
CA GLY C 188 27.94 -1.99 -0.66
C GLY C 188 28.45 -2.52 0.67
N VAL C 189 28.21 -3.80 0.93
CA VAL C 189 28.68 -4.45 2.16
C VAL C 189 30.20 -4.52 2.22
N SER C 190 30.86 -4.94 1.14
CA SER C 190 32.31 -5.01 1.18
C SER C 190 32.95 -3.63 1.38
N SER C 191 32.30 -2.58 0.87
CA SER C 191 32.85 -1.23 1.02
C SER C 191 32.88 -0.82 2.49
N VAL C 192 31.85 -1.24 3.24
CA VAL C 192 31.79 -0.93 4.67
C VAL C 192 32.88 -1.68 5.42
N MET C 193 33.08 -2.94 5.08
CA MET C 193 34.15 -3.73 5.69
C MET C 193 35.51 -3.06 5.44
N PHE C 194 35.72 -2.62 4.20
CA PHE C 194 36.98 -1.98 3.82
C PHE C 194 37.21 -0.68 4.58
N LEU C 195 36.20 0.20 4.61
CA LEU C 195 36.42 1.53 5.17
C LEU C 195 36.59 1.44 6.68
N MET C 196 35.89 0.50 7.32
CA MET C 196 36.10 0.28 8.75
C MET C 196 37.50 -0.27 9.03
N ASP C 197 37.99 -1.18 8.16
CA ASP C 197 39.37 -1.68 8.32
C ASP C 197 40.38 -0.54 8.18
N LEU C 198 40.12 0.35 7.21
CA LEU C 198 41.00 1.47 6.94
C LEU C 198 41.07 2.41 8.14
N ALA C 199 39.90 2.80 8.64
CA ALA C 199 39.83 3.69 9.80
C ALA C 199 40.45 3.08 11.04
N GLN C 200 40.22 1.79 11.25
CA GLN C 200 40.74 1.13 12.45
C GLN C 200 42.26 1.02 12.38
N ARG C 201 42.76 0.73 11.19
CA ARG C 201 44.19 0.57 10.95
C ARG C 201 44.96 1.88 11.16
N TYR C 202 44.39 2.99 10.71
CA TYR C 202 45.07 4.27 10.76
C TYR C 202 44.61 5.13 11.93
N GLY C 203 43.71 4.60 12.75
CA GLY C 203 43.18 5.31 13.91
C GLY C 203 42.42 6.58 13.56
N ARG C 204 41.50 6.49 12.61
CA ARG C 204 40.77 7.67 12.16
C ARG C 204 39.31 7.56 12.57
N LEU C 205 38.60 8.69 12.54
CA LEU C 205 37.15 8.67 12.76
C LEU C 205 36.44 8.17 11.49
N VAL C 206 35.15 7.91 11.62
CA VAL C 206 34.36 7.43 10.48
C VAL C 206 33.08 8.23 10.34
N ASP C 207 32.75 8.63 9.12
CA ASP C 207 31.48 9.30 8.87
C ASP C 207 30.99 8.95 7.46
N VAL C 208 29.96 8.13 7.42
CA VAL C 208 29.56 7.49 6.16
C VAL C 208 28.22 8.03 5.67
N HIS C 209 28.13 8.31 4.36
CA HIS C 209 26.85 8.63 3.73
C HIS C 209 26.11 7.32 3.59
N CYS C 210 25.18 7.05 4.50
CA CYS C 210 24.79 5.66 4.71
C CYS C 210 23.70 5.09 3.78
N ASP C 211 22.50 5.62 3.87
CA ASP C 211 21.39 5.11 3.09
C ASP C 211 20.60 6.34 2.65
N GLU C 212 21.25 7.19 1.86
CA GLU C 212 20.62 8.44 1.42
C GLU C 212 19.73 8.14 0.21
N ILE C 213 18.64 7.43 0.47
CA ILE C 213 17.77 6.98 -0.60
C ILE C 213 16.46 6.53 0.04
N ASP C 214 15.37 6.59 -0.71
CA ASP C 214 14.06 6.25 -0.15
C ASP C 214 13.72 4.76 -0.19
N ASP C 215 14.65 3.95 -0.70
CA ASP C 215 14.47 2.51 -0.78
C ASP C 215 14.47 1.85 0.60
N PRO C 216 13.33 1.26 1.01
CA PRO C 216 13.23 0.61 2.32
C PRO C 216 14.16 -0.60 2.47
N GLN C 217 14.75 -1.05 1.38
CA GLN C 217 15.70 -2.16 1.50
C GLN C 217 17.15 -1.70 1.53
N SER C 218 17.38 -0.39 1.58
CA SER C 218 18.73 0.10 1.75
C SER C 218 19.08 0.04 3.24
N ARG C 219 19.75 -1.04 3.63
CA ARG C 219 20.01 -1.31 5.03
C ARG C 219 21.51 -1.45 5.34
N PHE C 220 22.31 -0.55 4.81
CA PHE C 220 23.74 -0.60 5.09
C PHE C 220 24.05 -0.10 6.50
N LEU C 221 23.10 0.62 7.09
CA LEU C 221 23.27 1.09 8.45
C LEU C 221 23.54 -0.07 9.40
N GLU C 222 22.83 -1.19 9.22
CA GLU C 222 23.03 -2.31 10.14
C GLU C 222 24.45 -2.85 10.02
N VAL C 223 25.02 -2.78 8.82
CA VAL C 223 26.37 -3.31 8.59
C VAL C 223 27.37 -2.41 9.30
N LEU C 224 27.17 -1.10 9.14
CA LEU C 224 28.05 -0.11 9.74
C LEU C 224 27.96 -0.18 11.26
N ALA C 225 26.75 -0.25 11.80
CA ALA C 225 26.61 -0.25 13.25
C ALA C 225 27.20 -1.52 13.86
N GLU C 226 27.01 -2.66 13.19
CA GLU C 226 27.56 -3.90 13.73
C GLU C 226 29.08 -3.90 13.73
N GLU C 227 29.69 -3.40 12.66
CA GLU C 227 31.15 -3.28 12.62
C GLU C 227 31.64 -2.36 13.74
N ALA C 228 30.91 -1.27 13.97
CA ALA C 228 31.29 -0.32 15.00
C ALA C 228 31.23 -1.00 16.37
N ARG C 229 30.17 -1.76 16.60
CA ARG C 229 29.96 -2.47 17.85
C ARG C 229 31.06 -3.50 18.13
N VAL C 230 31.29 -4.38 17.17
CA VAL C 230 32.29 -5.45 17.32
C VAL C 230 33.72 -4.91 17.49
N ARG C 231 34.02 -3.79 16.84
CA ARG C 231 35.37 -3.24 16.90
C ARG C 231 35.55 -2.26 18.05
N GLY C 232 34.48 -1.99 18.78
CA GLY C 232 34.52 -1.06 19.90
C GLY C 232 34.75 0.39 19.51
N MET C 233 34.26 0.80 18.34
CA MET C 233 34.54 2.15 17.86
C MET C 233 33.32 3.02 17.66
N GLY C 234 32.23 2.67 18.33
CA GLY C 234 30.99 3.41 18.21
C GLY C 234 31.15 4.91 18.35
N ALA C 235 31.85 5.35 19.38
CA ALA C 235 31.99 6.78 19.64
C ALA C 235 32.68 7.51 18.47
N GLN C 236 33.48 6.77 17.72
N GLN C 236 33.48 6.78 17.72
CA GLN C 236 34.23 7.36 16.60
CA GLN C 236 34.21 7.39 16.60
C GLN C 236 33.46 7.33 15.29
C GLN C 236 33.54 7.13 15.26
N VAL C 237 32.29 6.70 15.29
CA VAL C 237 31.53 6.46 14.06
C VAL C 237 30.25 7.28 13.99
N THR C 238 30.04 7.88 12.83
CA THR C 238 28.81 8.58 12.53
C THR C 238 28.15 8.05 11.27
N ALA C 239 26.83 7.91 11.32
CA ALA C 239 26.04 7.63 10.14
C ALA C 239 25.30 8.91 9.72
N SER C 240 25.65 9.42 8.54
CA SER C 240 24.98 10.60 8.00
C SER C 240 23.93 10.16 6.98
N HIS C 241 22.84 10.92 6.85
CA HIS C 241 21.83 10.67 5.79
C HIS C 241 21.27 9.24 5.82
N THR C 242 20.75 8.82 6.95
CA THR C 242 20.07 7.53 7.01
C THR C 242 18.62 7.71 6.59
N CYS C 243 18.40 8.38 5.45
CA CYS C 243 17.05 8.69 4.96
C CYS C 243 16.15 7.45 4.83
N ALA C 244 16.74 6.33 4.45
CA ALA C 244 15.97 5.11 4.24
C ALA C 244 15.28 4.68 5.53
N MET C 245 15.89 5.01 6.67
CA MET C 245 15.27 4.67 7.95
C MET C 245 13.88 5.27 8.06
N GLY C 246 13.67 6.42 7.43
CA GLY C 246 12.36 7.04 7.41
C GLY C 246 11.35 6.31 6.53
N SER C 247 11.80 5.27 5.83
CA SER C 247 10.89 4.39 5.08
C SER C 247 10.94 2.91 5.49
N TYR C 248 11.71 2.57 6.52
CA TYR C 248 11.89 1.15 6.90
C TYR C 248 10.60 0.51 7.36
N ASP C 249 10.50 -0.80 7.14
CA ASP C 249 9.54 -1.62 7.83
C ASP C 249 9.64 -1.37 9.33
N ASN C 250 8.50 -1.17 10.01
CA ASN C 250 8.55 -0.82 11.44
C ASN C 250 8.98 -1.94 12.39
N ALA C 251 8.70 -3.19 12.03
CA ALA C 251 9.15 -4.31 12.86
C ALA C 251 10.68 -4.42 12.76
N TYR C 252 11.19 -4.37 11.54
CA TYR C 252 12.64 -4.30 11.34
C TYR C 252 13.28 -3.13 12.09
N CYS C 253 12.70 -1.94 11.96
CA CYS C 253 13.33 -0.77 12.55
C CYS C 253 13.41 -0.90 14.08
N SER C 254 12.38 -1.47 14.68
CA SER C 254 12.38 -1.70 16.13
C SER C 254 13.51 -2.64 16.53
N LYS C 255 13.68 -3.73 15.77
N LYS C 255 13.66 -3.75 15.80
CA LYS C 255 14.79 -4.64 16.00
CA LYS C 255 14.81 -4.64 16.03
C LYS C 255 16.12 -3.92 15.82
C LYS C 255 16.12 -3.89 15.85
N LEU C 256 16.22 -3.13 14.76
CA LEU C 256 17.44 -2.40 14.45
C LEU C 256 17.88 -1.44 15.55
N PHE C 257 16.91 -0.79 16.19
CA PHE C 257 17.22 0.18 17.23
C PHE C 257 18.01 -0.42 18.39
N ARG C 258 17.80 -1.71 18.66
CA ARG C 258 18.52 -2.38 19.73
C ARG C 258 20.02 -2.39 19.41
N LEU C 259 20.35 -2.72 18.16
CA LEU C 259 21.72 -2.64 17.67
C LEU C 259 22.28 -1.21 17.63
N LEU C 260 21.49 -0.25 17.14
CA LEU C 260 21.95 1.12 17.05
C LEU C 260 22.36 1.62 18.43
N LYS C 261 21.58 1.28 19.46
CA LYS C 261 21.87 1.77 20.81
C LYS C 261 23.14 1.09 21.34
N ALA C 262 23.22 -0.22 21.18
CA ALA C 262 24.36 -1.00 21.63
C ALA C 262 25.66 -0.59 20.94
N SER C 263 25.56 -0.14 19.69
CA SER C 263 26.74 0.20 18.90
C SER C 263 27.39 1.51 19.36
N GLY C 264 26.57 2.44 19.84
CA GLY C 264 27.10 3.71 20.33
C GLY C 264 27.38 4.75 19.24
N ILE C 265 27.01 4.46 18.00
CA ILE C 265 27.32 5.39 16.91
C ILE C 265 26.45 6.65 16.93
N ASN C 266 26.91 7.66 16.20
CA ASN C 266 26.23 8.94 16.11
C ASN C 266 25.46 9.05 14.81
N PHE C 267 24.48 9.95 14.78
CA PHE C 267 23.67 10.19 13.59
C PHE C 267 23.64 11.67 13.21
N ILE C 268 23.72 11.94 11.91
CA ILE C 268 23.58 13.28 11.39
C ILE C 268 22.44 13.30 10.40
N SER C 269 21.55 14.27 10.55
CA SER C 269 20.42 14.43 9.64
C SER C 269 20.51 15.81 9.02
N CYS C 270 20.18 15.89 7.74
CA CYS C 270 20.25 17.15 6.99
C CYS C 270 18.87 17.45 6.44
N PRO C 271 18.00 18.03 7.28
CA PRO C 271 16.56 18.12 6.98
C PRO C 271 16.22 19.01 5.79
N THR C 272 16.92 20.13 5.60
CA THR C 272 16.62 20.96 4.43
C THR C 272 17.03 20.25 3.15
N GLU C 273 18.15 19.52 3.23
CA GLU C 273 18.68 18.83 2.04
C GLU C 273 17.78 17.66 1.70
N SER C 274 17.42 16.90 2.72
CA SER C 274 16.64 15.69 2.50
C SER C 274 15.21 16.00 2.09
N ILE C 275 14.63 17.07 2.63
CA ILE C 275 13.28 17.44 2.19
C ILE C 275 13.28 17.78 0.69
N HIS C 276 14.40 18.33 0.22
CA HIS C 276 14.56 18.72 -1.17
C HIS C 276 14.88 17.50 -2.06
N LEU C 277 15.82 16.66 -1.62
CA LEU C 277 16.32 15.54 -2.43
C LEU C 277 15.46 14.27 -2.36
N GLN C 278 14.79 14.08 -1.22
CA GLN C 278 13.97 12.89 -1.01
C GLN C 278 12.51 13.13 -1.40
N GLY C 279 11.75 12.04 -1.47
CA GLY C 279 10.38 12.07 -1.94
C GLY C 279 10.23 12.35 -3.42
N ARG C 280 11.33 12.31 -4.17
CA ARG C 280 11.30 12.68 -5.59
C ARG C 280 10.79 11.56 -6.48
N PHE C 281 10.69 10.36 -5.92
CA PHE C 281 10.27 9.22 -6.71
C PHE C 281 8.89 8.70 -6.29
N ASP C 282 8.26 9.40 -5.35
CA ASP C 282 6.86 9.20 -5.02
C ASP C 282 5.99 10.07 -5.90
N SER C 283 4.72 9.71 -6.03
CA SER C 283 3.74 10.69 -6.52
C SER C 283 3.07 11.34 -5.31
N TRP C 284 1.89 10.84 -4.96
CA TRP C 284 1.13 11.33 -3.81
C TRP C 284 0.47 10.14 -3.15
N PRO C 285 0.50 10.07 -1.80
CA PRO C 285 1.18 11.00 -0.89
C PRO C 285 2.70 10.96 -1.03
N LYS C 286 3.34 12.06 -0.69
CA LYS C 286 4.77 12.20 -0.86
C LYS C 286 5.47 12.12 0.51
N ARG C 287 6.37 11.16 0.66
CA ARG C 287 7.06 10.96 1.93
C ARG C 287 8.03 12.10 2.24
N ARG C 288 8.25 12.32 3.53
CA ARG C 288 9.21 13.32 3.99
C ARG C 288 10.64 12.92 3.64
N GLY C 289 10.96 11.65 3.82
CA GLY C 289 12.27 11.12 3.46
C GLY C 289 13.40 11.44 4.42
N VAL C 290 13.05 11.85 5.63
CA VAL C 290 14.05 12.17 6.64
C VAL C 290 14.15 11.01 7.65
N THR C 291 15.34 10.81 8.22
CA THR C 291 15.51 9.75 9.21
C THR C 291 14.66 9.99 10.47
N ARG C 292 14.60 8.99 11.36
CA ARG C 292 13.71 9.06 12.52
C ARG C 292 14.38 9.77 13.70
N VAL C 293 14.60 11.07 13.54
CA VAL C 293 15.40 11.84 14.49
C VAL C 293 14.84 11.84 15.91
N ALA C 294 13.55 12.11 16.04
CA ALA C 294 12.91 12.18 17.36
C ALA C 294 13.00 10.84 18.09
N GLU C 295 12.83 9.77 17.32
CA GLU C 295 12.86 8.42 17.84
C GLU C 295 14.29 8.02 18.26
N LEU C 296 15.28 8.36 17.46
CA LEU C 296 16.67 8.14 17.83
C LEU C 296 16.97 8.83 19.17
N ASP C 297 16.61 10.11 19.24
CA ASP C 297 16.88 10.91 20.43
C ASP C 297 16.18 10.35 21.68
N ARG C 298 14.93 9.92 21.52
CA ARG C 298 14.17 9.32 22.63
C ARG C 298 14.76 8.02 23.11
N ALA C 299 15.45 7.32 22.20
CA ALA C 299 16.11 6.07 22.53
C ALA C 299 17.49 6.27 23.15
N GLY C 300 17.88 7.52 23.36
CA GLY C 300 19.15 7.83 23.99
C GLY C 300 20.29 7.75 22.99
N ILE C 301 19.96 7.82 21.72
CA ILE C 301 20.96 7.81 20.66
C ILE C 301 21.29 9.24 20.22
N ASN C 302 22.57 9.54 20.08
CA ASN C 302 22.99 10.90 19.76
C ASN C 302 22.74 11.26 18.30
N VAL C 303 21.88 12.25 18.07
CA VAL C 303 21.57 12.70 16.72
C VAL C 303 21.69 14.22 16.64
N CYS C 304 22.06 14.74 15.48
CA CYS C 304 22.19 16.19 15.32
C CYS C 304 21.88 16.64 13.90
N PHE C 305 21.77 17.95 13.70
CA PHE C 305 21.41 18.52 12.39
C PHE C 305 22.59 19.18 11.67
N ALA C 306 22.54 19.17 10.35
CA ALA C 306 23.60 19.81 9.56
C ALA C 306 23.05 20.44 8.28
N GLN C 307 23.83 21.35 7.69
CA GLN C 307 23.45 22.01 6.43
C GLN C 307 23.65 21.19 5.14
N ASP C 308 24.69 20.34 5.12
CA ASP C 308 25.05 19.50 3.97
C ASP C 308 25.66 20.31 2.82
N SER C 309 24.86 21.21 2.26
CA SER C 309 25.20 21.92 1.04
C SER C 309 24.97 23.41 1.13
N ILE C 310 25.83 24.19 0.50
CA ILE C 310 25.54 25.59 0.28
C ILE C 310 25.77 25.90 -1.20
N GLN C 311 24.67 26.14 -1.91
CA GLN C 311 24.70 26.55 -3.32
C GLN C 311 25.55 25.64 -4.19
N ASP C 312 25.17 24.37 -4.25
CA ASP C 312 26.01 23.38 -4.92
C ASP C 312 25.17 22.55 -5.91
N PRO C 313 25.75 21.50 -6.52
CA PRO C 313 24.90 20.80 -7.51
C PRO C 313 23.66 20.12 -6.94
N TRP C 314 23.61 19.91 -5.63
CA TRP C 314 22.48 19.22 -5.01
C TRP C 314 21.42 20.18 -4.46
N TYR C 315 21.85 21.36 -4.02
CA TYR C 315 20.98 22.27 -3.27
C TYR C 315 21.29 23.71 -3.63
N PRO C 316 20.29 24.47 -4.12
CA PRO C 316 20.56 25.82 -4.67
C PRO C 316 20.59 26.95 -3.65
N LEU C 317 20.21 26.70 -2.40
CA LEU C 317 20.19 27.76 -1.41
C LEU C 317 21.31 27.58 -0.41
N GLY C 318 21.19 28.23 0.74
CA GLY C 318 22.18 28.11 1.79
C GLY C 318 22.85 29.43 2.10
N ASN C 319 23.01 29.74 3.38
CA ASN C 319 23.64 30.99 3.76
C ASN C 319 24.53 30.85 5.00
N GLY C 320 24.65 29.63 5.52
CA GLY C 320 25.53 29.37 6.65
C GLY C 320 24.83 29.31 7.99
N ASN C 321 23.54 29.63 8.01
CA ASN C 321 22.82 29.77 9.27
C ASN C 321 22.19 28.46 9.73
N ILE C 322 22.83 27.82 10.70
CA ILE C 322 22.39 26.52 11.21
C ILE C 322 21.03 26.61 11.93
N LEU C 323 20.63 27.80 12.39
CA LEU C 323 19.35 27.93 13.07
C LEU C 323 18.17 27.72 12.13
N ARG C 324 18.32 28.08 10.85
CA ARG C 324 17.30 27.80 9.86
C ARG C 324 17.13 26.28 9.68
N ILE C 325 18.24 25.57 9.74
CA ILE C 325 18.25 24.11 9.61
C ILE C 325 17.58 23.47 10.84
N LEU C 326 17.86 24.02 12.02
CA LEU C 326 17.21 23.55 13.24
C LEU C 326 15.70 23.71 13.14
N ASP C 327 15.26 24.89 12.70
CA ASP C 327 13.84 25.18 12.50
C ASP C 327 13.23 24.10 11.57
N ALA C 328 13.87 23.87 10.42
CA ALA C 328 13.38 22.89 9.45
C ALA C 328 13.28 21.50 10.06
N GLY C 329 14.31 21.12 10.80
CA GLY C 329 14.39 19.81 11.43
C GLY C 329 13.26 19.57 12.42
N LEU C 330 13.02 20.55 13.28
CA LEU C 330 12.00 20.40 14.31
C LEU C 330 10.61 20.26 13.70
N HIS C 331 10.37 20.91 12.56
CA HIS C 331 9.06 20.83 11.90
C HIS C 331 8.90 19.48 11.21
N ILE C 332 9.88 19.13 10.38
CA ILE C 332 9.74 17.93 9.54
C ILE C 332 9.78 16.67 10.41
N CYS C 333 10.50 16.74 11.53
CA CYS C 333 10.65 15.57 12.39
C CYS C 333 9.63 15.50 13.52
N HIS C 334 8.65 16.39 13.51
CA HIS C 334 7.60 16.42 14.53
C HIS C 334 8.18 16.56 15.94
N MET C 335 9.06 17.55 16.09
CA MET C 335 9.70 17.82 17.39
C MET C 335 9.42 19.24 17.84
N LEU C 336 8.14 19.58 17.88
CA LEU C 336 7.74 20.92 18.35
C LEU C 336 6.93 20.83 19.64
N GLY C 337 7.15 19.77 20.41
CA GLY C 337 6.54 19.68 21.72
C GLY C 337 7.25 20.68 22.63
N TYR C 338 6.60 21.05 23.73
CA TYR C 338 7.16 21.98 24.69
C TYR C 338 8.53 21.52 25.20
N ASP C 339 8.63 20.24 25.54
N ASP C 339 8.58 20.24 25.57
CA ASP C 339 9.90 19.70 26.03
CA ASP C 339 9.80 19.55 25.98
C ASP C 339 11.00 19.72 24.96
C ASP C 339 10.94 19.72 24.97
N ASP C 340 10.63 19.46 23.71
CA ASP C 340 11.58 19.51 22.61
C ASP C 340 12.18 20.91 22.44
N LEU C 341 11.30 21.92 22.47
CA LEU C 341 11.71 23.30 22.27
C LEU C 341 12.59 23.84 23.41
N GLN C 342 12.37 23.32 24.61
CA GLN C 342 13.17 23.72 25.78
C GLN C 342 14.64 23.29 25.70
N ARG C 343 14.95 22.33 24.84
CA ARG C 343 16.33 21.86 24.71
C ARG C 343 16.81 21.73 23.26
N CYS C 344 16.13 22.36 22.32
CA CYS C 344 16.39 22.11 20.91
C CYS C 344 17.79 22.54 20.45
N LEU C 345 18.43 23.46 21.15
CA LEU C 345 19.80 23.83 20.80
C LEU C 345 20.81 22.66 20.94
N ASP C 346 20.46 21.60 21.67
CA ASP C 346 21.31 20.40 21.72
C ASP C 346 21.68 19.93 20.30
N PHE C 347 20.73 20.04 19.38
CA PHE C 347 20.89 19.41 18.06
C PHE C 347 21.84 20.14 17.13
N VAL C 348 22.29 21.32 17.56
CA VAL C 348 23.23 22.09 16.75
C VAL C 348 24.43 22.57 17.57
N THR C 349 24.53 22.09 18.81
CA THR C 349 25.71 22.36 19.65
C THR C 349 26.26 21.09 20.28
N ASP C 350 25.78 20.76 21.48
CA ASP C 350 26.27 19.63 22.26
C ASP C 350 26.29 18.31 21.48
N ASN C 351 25.18 17.99 20.81
CA ASN C 351 25.09 16.70 20.13
C ASN C 351 26.08 16.62 18.96
N SER C 352 26.23 17.74 18.26
CA SER C 352 27.11 17.82 17.11
C SER C 352 28.57 17.74 17.56
N ALA C 353 28.90 18.39 18.67
CA ALA C 353 30.26 18.32 19.23
C ALA C 353 30.62 16.88 19.61
N ARG C 354 29.63 16.15 20.11
CA ARG C 354 29.81 14.75 20.46
C ARG C 354 30.11 13.93 19.22
N ALA C 355 29.37 14.17 18.13
CA ALA C 355 29.60 13.45 16.88
C ALA C 355 31.02 13.70 16.34
N LEU C 356 31.52 14.92 16.53
CA LEU C 356 32.87 15.28 16.09
C LEU C 356 33.96 14.90 17.09
N CYS C 357 33.57 14.24 18.19
CA CYS C 357 34.50 13.84 19.24
C CYS C 357 35.32 15.00 19.81
N LEU C 358 34.67 16.15 19.99
CA LEU C 358 35.40 17.33 20.46
C LEU C 358 35.82 17.25 21.94
N GLY C 359 35.05 16.52 22.74
CA GLY C 359 35.43 16.30 24.13
C GLY C 359 35.64 17.61 24.87
N ASP C 360 36.76 17.69 25.60
CA ASP C 360 37.05 18.86 26.45
C ASP C 360 37.45 20.13 25.70
N ASN C 361 37.49 20.09 24.37
CA ASN C 361 37.74 21.27 23.57
C ASN C 361 36.46 22.03 23.23
N TYR C 362 35.36 21.61 23.85
CA TYR C 362 34.06 22.18 23.56
C TYR C 362 33.24 22.27 24.85
N GLY C 363 32.45 23.32 25.00
CA GLY C 363 31.50 23.40 26.10
C GLY C 363 31.86 24.49 27.09
N LEU C 364 30.83 25.09 27.70
CA LEU C 364 31.06 26.15 28.69
C LEU C 364 31.34 25.56 30.05
N ALA C 365 32.61 25.30 30.31
CA ALA C 365 33.04 24.77 31.59
C ALA C 365 34.43 25.29 31.88
N GLU C 366 34.73 25.48 33.16
CA GLU C 366 36.03 25.99 33.57
C GLU C 366 37.15 25.07 33.05
N GLY C 367 38.21 25.67 32.53
CA GLY C 367 39.34 24.91 32.03
C GLY C 367 39.30 24.63 30.53
N ARG C 368 38.13 24.82 29.93
CA ARG C 368 37.98 24.57 28.50
C ARG C 368 38.23 25.84 27.69
N PRO C 369 38.42 25.70 26.36
CA PRO C 369 38.74 26.89 25.56
C PRO C 369 37.65 27.95 25.58
N ALA C 370 38.08 29.21 25.60
CA ALA C 370 37.15 30.33 25.59
C ALA C 370 36.59 30.54 24.18
N ASN C 371 35.78 29.59 23.73
CA ASN C 371 35.08 29.68 22.47
C ASN C 371 33.59 29.71 22.79
N LEU C 372 32.92 30.78 22.43
CA LEU C 372 31.51 30.91 22.77
C LEU C 372 30.82 32.03 22.00
N LEU C 373 29.49 32.04 22.06
CA LEU C 373 28.68 33.03 21.38
C LEU C 373 27.73 33.67 22.36
N ILE C 374 27.34 34.90 22.09
CA ILE C 374 26.19 35.51 22.74
C ILE C 374 25.09 35.62 21.68
N LEU C 375 23.95 35.01 21.95
CA LEU C 375 22.82 34.96 21.02
C LEU C 375 21.74 35.95 21.43
N ASP C 376 21.08 36.56 20.45
CA ASP C 376 20.02 37.53 20.75
C ASP C 376 18.73 36.85 21.19
N ALA C 377 18.81 36.09 22.28
CA ALA C 377 17.67 35.41 22.86
C ALA C 377 18.00 34.98 24.30
N GLU C 378 16.97 34.71 25.09
CA GLU C 378 17.15 34.35 26.50
C GLU C 378 17.15 32.83 26.77
N ASN C 379 16.68 32.06 25.79
CA ASN C 379 16.56 30.62 25.95
C ASN C 379 16.42 29.91 24.61
N ASP C 380 16.42 28.56 24.63
CA ASP C 380 16.37 27.74 23.40
C ASP C 380 15.13 28.07 22.56
N TYR C 381 13.98 28.11 23.23
CA TYR C 381 12.72 28.35 22.54
C TYR C 381 12.71 29.67 21.78
N GLU C 382 13.13 30.74 22.45
CA GLU C 382 13.15 32.04 21.81
C GLU C 382 14.20 32.05 20.70
N ALA C 383 15.32 31.37 20.91
CA ALA C 383 16.38 31.33 19.92
C ALA C 383 15.88 30.79 18.58
N VAL C 384 15.17 29.67 18.61
CA VAL C 384 14.68 29.10 17.36
C VAL C 384 13.47 29.87 16.84
N ARG C 385 12.63 30.40 17.73
CA ARG C 385 11.43 31.08 17.28
C ARG C 385 11.76 32.39 16.58
N ARG C 386 12.76 33.10 17.11
CA ARG C 386 13.10 34.39 16.52
C ARG C 386 14.23 34.29 15.52
N GLN C 387 14.80 33.10 15.38
CA GLN C 387 15.99 32.90 14.55
C GLN C 387 17.06 33.90 14.99
N ALA C 388 17.33 33.87 16.29
CA ALA C 388 18.16 34.87 16.97
C ALA C 388 19.52 35.08 16.32
N ARG C 389 19.92 36.35 16.22
CA ARG C 389 21.20 36.72 15.64
C ARG C 389 22.33 36.39 16.58
N VAL C 390 23.50 36.09 16.02
CA VAL C 390 24.69 35.93 16.84
C VAL C 390 25.22 37.33 17.08
N LEU C 391 25.17 37.80 18.32
CA LEU C 391 25.60 39.18 18.61
C LEU C 391 27.11 39.25 18.79
N THR C 392 27.69 38.18 19.31
CA THR C 392 29.11 38.16 19.62
C THR C 392 29.64 36.77 19.41
N SER C 393 30.77 36.67 18.73
CA SER C 393 31.46 35.39 18.62
C SER C 393 32.86 35.57 19.16
N ILE C 394 33.22 34.71 20.10
CA ILE C 394 34.52 34.77 20.76
C ILE C 394 35.24 33.46 20.52
N ARG C 395 36.47 33.55 20.04
CA ARG C 395 37.27 32.37 19.75
C ARG C 395 38.65 32.55 20.38
N HIS C 396 39.08 31.56 21.15
CA HIS C 396 40.32 31.62 21.93
C HIS C 396 40.40 32.88 22.79
N GLY C 397 39.26 33.27 23.35
CA GLY C 397 39.23 34.41 24.25
C GLY C 397 39.16 35.77 23.58
N LYS C 398 39.16 35.79 22.25
CA LYS C 398 39.13 37.07 21.54
C LYS C 398 37.86 37.23 20.72
N VAL C 399 37.34 38.45 20.65
CA VAL C 399 36.14 38.68 19.86
C VAL C 399 36.48 38.64 18.38
N ILE C 400 35.86 37.72 17.64
CA ILE C 400 36.12 37.61 16.20
C ILE C 400 34.93 38.12 15.37
N LEU C 401 33.80 38.38 16.03
CA LEU C 401 32.64 38.91 15.35
C LEU C 401 31.79 39.68 16.35
N GLN C 402 31.30 40.84 15.93
CA GLN C 402 30.36 41.64 16.71
C GLN C 402 29.25 42.21 15.83
N ARG C 403 28.00 41.93 16.21
CA ARG C 403 26.82 42.56 15.61
C ARG C 403 26.17 43.49 16.62
N GLU C 404 25.60 44.59 16.13
CA GLU C 404 24.74 45.41 16.98
C GLU C 404 23.36 44.77 17.11
N VAL C 405 22.69 45.00 18.23
CA VAL C 405 21.31 44.55 18.39
C VAL C 405 20.45 45.33 17.40
N GLU C 406 19.53 44.64 16.74
CA GLU C 406 18.65 45.29 15.77
C GLU C 406 17.87 46.44 16.42
N HIS C 407 17.83 47.57 15.74
CA HIS C 407 17.06 48.71 16.20
C HIS C 407 16.03 49.08 15.14
N ILE C 408 14.76 48.82 15.42
CA ILE C 408 13.70 49.19 14.50
C ILE C 408 13.14 50.55 14.87
N ARG C 409 13.11 51.47 13.91
CA ARG C 409 12.56 52.80 14.13
C ARG C 409 11.16 52.91 13.56
N TYR C 410 10.26 53.55 14.31
CA TYR C 410 8.91 53.82 13.86
C TYR C 410 8.62 55.31 13.91
N PRO C 411 8.63 55.98 12.77
CA PRO C 411 8.20 57.39 12.76
C PRO C 411 6.67 57.53 12.77
N ALA C 412 6.09 58.06 13.84
CA ALA C 412 6.80 58.50 15.03
C ALA C 412 6.39 57.64 16.22
N MET D 1 -31.19 -16.61 51.10
CA MET D 1 -30.04 -17.49 51.27
C MET D 1 -28.78 -16.67 51.53
N LYS D 2 -27.74 -17.34 52.01
CA LYS D 2 -26.52 -16.64 52.37
C LYS D 2 -25.31 -17.24 51.65
N ILE D 3 -24.46 -16.37 51.12
CA ILE D 3 -23.20 -16.76 50.51
C ILE D 3 -22.07 -16.14 51.33
N ILE D 4 -21.11 -16.95 51.75
CA ILE D 4 -19.97 -16.45 52.54
C ILE D 4 -18.65 -16.70 51.81
N ASN D 5 -17.59 -16.04 52.27
CA ASN D 5 -16.25 -16.23 51.71
C ASN D 5 -16.18 -15.94 50.20
N ALA D 6 -16.94 -14.96 49.75
CA ALA D 6 -16.95 -14.60 48.34
C ALA D 6 -16.04 -13.42 48.06
N ARG D 7 -15.30 -13.50 46.97
CA ARG D 7 -14.56 -12.34 46.49
C ARG D 7 -15.49 -11.56 45.59
N LEU D 8 -15.27 -10.25 45.51
CA LEU D 8 -15.94 -9.40 44.55
C LEU D 8 -14.87 -8.85 43.62
N ARG D 9 -15.27 -8.37 42.46
CA ARG D 9 -14.29 -7.97 41.45
C ARG D 9 -13.43 -6.79 41.90
N ARG D 10 -12.12 -6.90 41.64
CA ARG D 10 -11.16 -5.83 41.89
C ARG D 10 -11.14 -5.38 43.36
N GLN D 11 -11.44 -6.30 44.26
CA GLN D 11 -11.37 -6.03 45.69
C GLN D 11 -10.60 -7.14 46.39
N GLU D 12 -9.95 -6.81 47.50
CA GLU D 12 -9.16 -7.83 48.20
C GLU D 12 -9.94 -8.57 49.28
N ALA D 13 -10.94 -7.92 49.86
CA ALA D 13 -11.65 -8.51 51.00
C ALA D 13 -12.58 -9.64 50.58
N LEU D 14 -12.95 -10.49 51.54
CA LEU D 14 -13.99 -11.49 51.33
C LEU D 14 -15.32 -10.92 51.80
N PHE D 15 -16.41 -11.36 51.17
CA PHE D 15 -17.73 -10.79 51.45
C PHE D 15 -18.79 -11.84 51.70
N THR D 16 -19.71 -11.52 52.60
CA THR D 16 -20.94 -12.29 52.78
C THR D 16 -22.09 -11.58 52.08
N LEU D 17 -22.85 -12.32 51.29
CA LEU D 17 -24.00 -11.78 50.59
C LEU D 17 -25.28 -12.41 51.10
N ASP D 18 -26.22 -11.57 51.52
CA ASP D 18 -27.50 -12.02 52.02
C ASP D 18 -28.58 -11.77 50.97
N LEU D 19 -29.26 -12.83 50.53
CA LEU D 19 -30.31 -12.71 49.53
C LEU D 19 -31.67 -13.07 50.14
N GLN D 20 -32.66 -12.21 49.92
CA GLN D 20 -33.98 -12.41 50.49
C GLN D 20 -35.04 -11.91 49.52
N ASP D 21 -36.11 -12.68 49.36
CA ASP D 21 -37.23 -12.26 48.54
C ASP D 21 -36.83 -11.82 47.12
N GLY D 22 -35.90 -12.56 46.52
CA GLY D 22 -35.51 -12.31 45.14
C GLY D 22 -34.54 -11.17 44.93
N ILE D 23 -34.18 -10.47 46.00
CA ILE D 23 -33.26 -9.35 45.87
C ILE D 23 -32.04 -9.46 46.79
N ILE D 24 -31.00 -8.72 46.47
CA ILE D 24 -29.83 -8.64 47.33
C ILE D 24 -30.11 -7.79 48.58
N HIS D 25 -30.24 -8.43 49.73
CA HIS D 25 -30.58 -7.71 50.95
C HIS D 25 -29.39 -6.98 51.58
N ARG D 26 -28.23 -7.61 51.57
CA ARG D 26 -27.06 -7.07 52.27
C ARG D 26 -25.74 -7.62 51.72
N ILE D 27 -24.75 -6.75 51.61
CA ILE D 27 -23.40 -7.16 51.25
C ILE D 27 -22.43 -6.64 52.33
N THR D 28 -21.75 -7.57 53.00
CA THR D 28 -20.91 -7.20 54.14
C THR D 28 -19.52 -7.79 54.05
N ALA D 29 -18.50 -6.95 54.23
CA ALA D 29 -17.12 -7.41 54.22
C ALA D 29 -16.82 -8.23 55.48
N GLN D 30 -16.05 -9.30 55.32
CA GLN D 30 -15.62 -10.12 56.46
C GLN D 30 -14.19 -9.76 56.84
N ALA D 31 -13.83 -10.04 58.09
CA ALA D 31 -12.47 -9.83 58.55
C ALA D 31 -11.51 -10.81 57.89
N ALA D 32 -11.98 -12.03 57.69
CA ALA D 32 -11.16 -13.08 57.09
C ALA D 32 -12.03 -14.22 56.58
N MET D 33 -11.37 -15.27 56.10
CA MET D 33 -12.04 -16.51 55.75
C MET D 33 -12.76 -17.02 56.99
N GLN D 34 -14.03 -17.38 56.83
CA GLN D 34 -14.84 -17.86 57.95
C GLN D 34 -15.23 -19.33 57.79
N THR D 35 -15.35 -20.04 58.91
CA THR D 35 -15.87 -21.40 58.89
C THR D 35 -17.34 -21.38 58.46
N ALA D 36 -17.82 -22.51 57.93
CA ALA D 36 -19.16 -22.60 57.34
C ALA D 36 -20.28 -22.20 58.29
N ASP D 37 -21.46 -21.91 57.73
CA ASP D 37 -22.60 -21.48 58.54
C ASP D 37 -23.87 -22.23 58.17
N ALA D 38 -24.96 -21.91 58.87
CA ALA D 38 -26.27 -22.54 58.69
C ALA D 38 -26.69 -22.62 57.24
N GLY D 39 -26.21 -23.66 56.56
CA GLY D 39 -26.60 -23.88 55.17
C GLY D 39 -26.28 -22.70 54.27
N ALA D 40 -25.30 -21.89 54.66
CA ALA D 40 -24.83 -20.83 53.80
C ALA D 40 -24.03 -21.48 52.67
N ILE D 41 -24.03 -20.88 51.49
CA ILE D 41 -23.19 -21.36 50.43
C ILE D 41 -21.78 -20.82 50.67
N ASP D 42 -20.81 -21.72 50.74
CA ASP D 42 -19.42 -21.33 50.94
C ASP D 42 -18.75 -21.11 49.59
N ALA D 43 -18.51 -19.85 49.23
CA ALA D 43 -17.84 -19.54 47.98
C ALA D 43 -16.36 -19.95 48.01
N GLN D 44 -15.85 -20.28 49.19
CA GLN D 44 -14.47 -20.79 49.33
C GLN D 44 -13.42 -19.89 48.68
N GLY D 45 -13.66 -18.58 48.74
CA GLY D 45 -12.72 -17.60 48.21
C GLY D 45 -12.91 -17.36 46.72
N ARG D 46 -13.96 -17.94 46.16
CA ARG D 46 -14.23 -17.72 44.75
C ARG D 46 -14.97 -16.42 44.52
N LEU D 47 -14.88 -15.95 43.30
CA LEU D 47 -15.48 -14.68 42.90
C LEU D 47 -17.01 -14.79 42.75
N ALA D 48 -17.75 -13.85 43.35
CA ALA D 48 -19.16 -13.68 42.99
C ALA D 48 -19.32 -12.51 42.01
N ILE D 49 -20.05 -12.74 40.92
CA ILE D 49 -20.26 -11.71 39.90
C ILE D 49 -21.71 -11.68 39.48
N PRO D 50 -22.17 -10.55 38.93
CA PRO D 50 -23.48 -10.55 38.28
C PRO D 50 -23.40 -11.47 37.03
N PRO D 51 -24.54 -11.91 36.50
CA PRO D 51 -24.48 -12.94 35.45
C PRO D 51 -23.75 -12.48 34.20
N PHE D 52 -23.24 -13.43 33.42
CA PHE D 52 -22.72 -13.09 32.11
C PHE D 52 -23.84 -12.58 31.21
N VAL D 53 -23.49 -11.72 30.28
CA VAL D 53 -24.47 -11.19 29.33
C VAL D 53 -24.06 -11.59 27.92
N GLU D 54 -25.04 -12.02 27.12
CA GLU D 54 -24.81 -12.26 25.69
C GLU D 54 -25.60 -11.21 24.93
N PRO D 55 -24.96 -10.08 24.65
CA PRO D 55 -25.65 -8.90 24.11
C PRO D 55 -25.87 -8.98 22.60
N HIS D 56 -25.39 -10.03 21.96
CA HIS D 56 -25.54 -10.13 20.50
C HIS D 56 -25.42 -11.57 20.02
N ILE D 57 -26.57 -12.18 19.73
CA ILE D 57 -26.58 -13.54 19.20
C ILE D 57 -27.73 -13.63 18.22
N HIS D 58 -27.65 -14.53 17.25
CA HIS D 58 -28.73 -14.76 16.30
C HIS D 58 -29.43 -16.06 16.61
N LEU D 59 -30.40 -16.03 17.53
CA LEU D 59 -31.09 -17.25 17.94
C LEU D 59 -31.97 -17.86 16.85
N ASP D 60 -32.44 -17.06 15.90
CA ASP D 60 -33.29 -17.63 14.85
C ASP D 60 -32.51 -18.60 13.94
N ALA D 61 -31.21 -18.36 13.80
CA ALA D 61 -30.40 -19.17 12.88
C ALA D 61 -29.54 -20.22 13.57
N THR D 62 -29.54 -20.22 14.90
CA THR D 62 -28.65 -21.10 15.65
C THR D 62 -28.90 -22.58 15.34
N LEU D 63 -27.82 -23.38 15.33
CA LEU D 63 -27.93 -24.82 15.11
C LEU D 63 -28.46 -25.21 13.71
N THR D 64 -28.22 -24.37 12.71
CA THR D 64 -28.65 -24.68 11.34
C THR D 64 -27.47 -24.84 10.38
N ALA D 65 -26.25 -24.90 10.91
CA ALA D 65 -25.07 -25.02 10.05
C ALA D 65 -25.19 -26.24 9.16
N GLY D 66 -24.96 -26.04 7.86
CA GLY D 66 -24.97 -27.14 6.90
C GLY D 66 -26.31 -27.43 6.27
N GLU D 67 -27.34 -26.68 6.67
CA GLU D 67 -28.69 -26.87 6.15
C GLU D 67 -29.10 -25.74 5.23
N PRO D 68 -29.34 -26.03 3.95
CA PRO D 68 -29.20 -27.35 3.31
C PRO D 68 -27.79 -27.62 2.77
N GLU D 69 -26.92 -26.63 2.83
CA GLU D 69 -25.52 -26.86 2.48
C GLU D 69 -24.58 -25.91 3.24
N TRP D 70 -23.29 -26.15 3.15
CA TRP D 70 -22.32 -25.44 3.97
C TRP D 70 -21.84 -24.13 3.34
N ASN D 71 -21.51 -23.16 4.20
CA ASN D 71 -20.82 -21.94 3.82
C ASN D 71 -19.36 -22.28 3.49
N ARG D 72 -19.08 -22.53 2.23
CA ARG D 72 -17.76 -23.03 1.85
C ARG D 72 -16.68 -21.95 1.87
N SER D 73 -17.05 -20.71 1.60
CA SER D 73 -16.07 -19.63 1.53
C SER D 73 -15.78 -19.01 2.89
N GLY D 74 -16.63 -19.31 3.87
CA GLY D 74 -16.54 -18.69 5.19
C GLY D 74 -16.69 -17.18 5.17
N THR D 75 -17.58 -16.68 4.32
CA THR D 75 -17.80 -15.23 4.21
C THR D 75 -19.19 -14.82 4.66
N LEU D 76 -19.33 -13.55 5.02
CA LEU D 76 -20.61 -12.98 5.40
C LEU D 76 -21.62 -13.20 4.30
N PHE D 77 -21.20 -12.94 3.05
CA PHE D 77 -22.12 -12.94 1.93
C PHE D 77 -22.63 -14.34 1.59
N GLU D 78 -21.74 -15.33 1.56
CA GLU D 78 -22.21 -16.70 1.36
C GLU D 78 -23.11 -17.12 2.53
N GLY D 79 -22.80 -16.65 3.73
CA GLY D 79 -23.64 -16.97 4.87
C GLY D 79 -25.08 -16.52 4.66
N ILE D 80 -25.24 -15.32 4.11
CA ILE D 80 -26.55 -14.74 3.84
C ILE D 80 -27.27 -15.57 2.79
N THR D 81 -26.54 -16.02 1.77
CA THR D 81 -27.11 -16.92 0.76
C THR D 81 -27.59 -18.23 1.38
N ARG D 82 -26.77 -18.84 2.23
CA ARG D 82 -27.14 -20.11 2.86
C ARG D 82 -28.36 -19.94 3.75
N TRP D 83 -28.40 -18.84 4.49
CA TRP D 83 -29.51 -18.57 5.39
C TRP D 83 -30.79 -18.38 4.61
N SER D 84 -30.68 -17.70 3.47
CA SER D 84 -31.81 -17.49 2.58
C SER D 84 -32.43 -18.83 2.14
N GLN D 85 -31.57 -19.80 1.84
CA GLN D 85 -32.01 -21.17 1.56
C GLN D 85 -32.72 -21.82 2.76
N ARG D 86 -32.13 -21.66 3.95
CA ARG D 86 -32.66 -22.29 5.15
C ARG D 86 -34.01 -21.68 5.55
N LYS D 87 -34.19 -20.40 5.26
CA LYS D 87 -35.43 -19.70 5.59
C LYS D 87 -36.65 -20.37 4.96
N ALA D 88 -36.44 -21.06 3.84
CA ALA D 88 -37.52 -21.72 3.13
C ALA D 88 -38.15 -22.87 3.92
N SER D 89 -37.45 -23.37 4.94
CA SER D 89 -37.99 -24.46 5.74
C SER D 89 -38.09 -24.10 7.23
N ILE D 90 -38.01 -22.81 7.53
CA ILE D 90 -38.21 -22.33 8.89
C ILE D 90 -39.67 -22.47 9.30
N THR D 91 -39.91 -23.06 10.46
CA THR D 91 -41.23 -23.02 11.08
C THR D 91 -41.08 -22.48 12.50
N PRO D 92 -42.18 -21.99 13.09
CA PRO D 92 -42.13 -21.55 14.49
C PRO D 92 -41.68 -22.67 15.43
N GLU D 93 -42.14 -23.90 15.21
CA GLU D 93 -41.75 -24.98 16.11
C GLU D 93 -40.27 -25.36 15.97
N ASP D 94 -39.78 -25.33 14.73
CA ASP D 94 -38.37 -25.58 14.44
C ASP D 94 -37.51 -24.52 15.12
N THR D 95 -37.91 -23.26 14.98
CA THR D 95 -37.18 -22.15 15.59
C THR D 95 -37.17 -22.28 17.12
N ARG D 96 -38.33 -22.61 17.69
CA ARG D 96 -38.46 -22.72 19.14
C ARG D 96 -37.52 -23.78 19.71
N GLN D 97 -37.46 -24.95 19.06
CA GLN D 97 -36.61 -26.04 19.54
C GLN D 97 -35.12 -25.70 19.51
N ARG D 98 -34.66 -25.11 18.40
CA ARG D 98 -33.26 -24.72 18.30
C ARG D 98 -32.90 -23.58 19.26
N ALA D 99 -33.79 -22.60 19.38
CA ALA D 99 -33.54 -21.46 20.26
C ALA D 99 -33.43 -21.90 21.71
N LEU D 100 -34.35 -22.78 22.12
CA LEU D 100 -34.34 -23.29 23.50
C LEU D 100 -33.10 -24.12 23.82
N LYS D 101 -32.65 -24.93 22.86
CA LYS D 101 -31.40 -25.67 23.06
C LYS D 101 -30.21 -24.74 23.28
N THR D 102 -30.10 -23.70 22.46
CA THR D 102 -28.97 -22.78 22.57
C THR D 102 -29.08 -21.94 23.84
N ILE D 103 -30.31 -21.58 24.20
CA ILE D 103 -30.53 -20.90 25.47
C ILE D 103 -30.04 -21.77 26.62
N GLY D 104 -30.31 -23.07 26.53
CA GLY D 104 -29.78 -24.01 27.52
C GLY D 104 -28.27 -23.95 27.64
N MET D 105 -27.59 -23.83 26.50
CA MET D 105 -26.13 -23.72 26.48
C MET D 105 -25.67 -22.45 27.18
N LEU D 106 -26.36 -21.35 26.93
CA LEU D 106 -25.99 -20.06 27.52
C LEU D 106 -26.17 -20.11 29.04
N ARG D 107 -27.28 -20.71 29.47
CA ARG D 107 -27.57 -20.89 30.88
C ARG D 107 -26.48 -21.72 31.57
N ASP D 108 -26.04 -22.78 30.89
CA ASP D 108 -24.98 -23.65 31.41
C ASP D 108 -23.71 -22.86 31.66
N PHE D 109 -23.52 -21.77 30.91
CA PHE D 109 -22.34 -20.96 31.08
C PHE D 109 -22.59 -19.61 31.77
N GLY D 110 -23.69 -19.54 32.53
CA GLY D 110 -23.95 -18.42 33.42
C GLY D 110 -24.53 -17.16 32.79
N VAL D 111 -25.04 -17.28 31.57
CA VAL D 111 -25.67 -16.14 30.92
C VAL D 111 -27.13 -16.02 31.35
N GLN D 112 -27.53 -14.84 31.85
CA GLN D 112 -28.93 -14.64 32.23
C GLN D 112 -29.59 -13.49 31.47
N HIS D 113 -28.79 -12.80 30.64
CA HIS D 113 -29.30 -11.70 29.83
C HIS D 113 -28.84 -11.90 28.39
N VAL D 114 -29.80 -11.91 27.47
CA VAL D 114 -29.51 -12.20 26.07
C VAL D 114 -30.25 -11.21 25.17
N ARG D 115 -29.54 -10.65 24.20
CA ARG D 115 -30.20 -9.89 23.15
C ARG D 115 -30.05 -10.64 21.83
N THR D 116 -31.17 -11.06 21.25
CA THR D 116 -31.10 -11.82 20.01
C THR D 116 -31.57 -10.99 18.83
N HIS D 117 -30.84 -11.08 17.72
CA HIS D 117 -31.34 -10.49 16.49
C HIS D 117 -32.19 -11.55 15.82
N VAL D 118 -33.30 -11.13 15.21
CA VAL D 118 -34.14 -12.04 14.43
C VAL D 118 -34.37 -11.45 13.05
N ASP D 119 -34.16 -12.25 12.01
CA ASP D 119 -34.31 -11.80 10.64
C ASP D 119 -35.79 -11.53 10.34
N VAL D 120 -36.11 -10.27 10.01
CA VAL D 120 -37.49 -9.90 9.71
C VAL D 120 -37.70 -9.64 8.23
N THR D 121 -36.66 -9.88 7.42
CA THR D 121 -36.85 -9.92 5.97
C THR D 121 -37.30 -11.34 5.63
N ASP D 122 -38.50 -11.64 6.10
CA ASP D 122 -39.13 -12.96 5.95
C ASP D 122 -40.61 -12.63 6.10
N PRO D 123 -41.34 -12.69 4.99
CA PRO D 123 -42.75 -12.30 4.99
C PRO D 123 -43.59 -13.07 6.01
N SER D 124 -43.16 -14.29 6.39
CA SER D 124 -43.88 -15.09 7.37
C SER D 124 -43.70 -14.56 8.81
N LEU D 125 -42.56 -13.91 9.05
CA LEU D 125 -42.14 -13.50 10.40
C LEU D 125 -42.23 -14.67 11.40
N ALA D 126 -42.01 -15.87 10.90
CA ALA D 126 -42.17 -17.09 11.69
C ALA D 126 -41.22 -17.16 12.87
N ALA D 127 -39.94 -16.87 12.64
CA ALA D 127 -38.95 -16.94 13.72
C ALA D 127 -39.23 -15.90 14.78
N LEU D 128 -39.64 -14.71 14.35
CA LEU D 128 -39.95 -13.66 15.30
C LEU D 128 -41.13 -14.07 16.19
N GLN D 129 -42.15 -14.68 15.60
CA GLN D 129 -43.28 -15.18 16.36
C GLN D 129 -42.83 -16.18 17.41
N ALA D 130 -41.96 -17.10 17.02
CA ALA D 130 -41.48 -18.12 17.94
C ALA D 130 -40.64 -17.50 19.06
N LEU D 131 -39.81 -16.54 18.71
CA LEU D 131 -38.91 -15.97 19.71
C LEU D 131 -39.61 -15.05 20.70
N LEU D 132 -40.68 -14.40 20.26
CA LEU D 132 -41.49 -13.60 21.18
C LEU D 132 -42.13 -14.51 22.23
N ALA D 133 -42.55 -15.70 21.80
CA ALA D 133 -43.10 -16.69 22.73
C ALA D 133 -42.01 -17.25 23.65
N VAL D 134 -40.85 -17.56 23.07
CA VAL D 134 -39.71 -18.09 23.82
C VAL D 134 -39.26 -17.11 24.90
N LYS D 135 -39.38 -15.82 24.60
CA LYS D 135 -39.06 -14.78 25.56
C LYS D 135 -39.82 -15.00 26.87
N GLN D 136 -41.08 -15.42 26.76
CA GLN D 136 -41.88 -15.70 27.94
C GLN D 136 -41.58 -17.09 28.51
N GLU D 137 -41.45 -18.08 27.63
CA GLU D 137 -41.25 -19.47 28.05
C GLU D 137 -39.93 -19.68 28.80
N ALA D 138 -38.89 -18.96 28.38
CA ALA D 138 -37.56 -19.11 28.98
C ALA D 138 -37.24 -18.05 30.02
N ALA D 139 -38.25 -17.31 30.47
CA ALA D 139 -38.06 -16.26 31.47
C ALA D 139 -37.49 -16.78 32.80
N ASP D 140 -37.69 -18.06 33.08
CA ASP D 140 -37.13 -18.68 34.27
C ASP D 140 -35.61 -18.80 34.20
N LEU D 141 -35.04 -18.72 33.00
CA LEU D 141 -33.61 -18.85 32.80
C LEU D 141 -32.97 -17.53 32.41
N ILE D 142 -33.60 -16.78 31.53
CA ILE D 142 -32.98 -15.58 30.98
C ILE D 142 -33.96 -14.43 30.81
N ASP D 143 -33.42 -13.23 30.70
CA ASP D 143 -34.16 -12.07 30.24
C ASP D 143 -33.76 -11.82 28.79
N LEU D 144 -34.68 -12.07 27.86
CA LEU D 144 -34.39 -11.97 26.42
C LEU D 144 -34.86 -10.65 25.82
N GLN D 145 -33.99 -9.99 25.07
CA GLN D 145 -34.38 -8.84 24.25
C GLN D 145 -34.37 -9.31 22.81
N ILE D 146 -35.30 -8.80 22.01
CA ILE D 146 -35.38 -9.19 20.60
C ILE D 146 -35.18 -8.00 19.67
N VAL D 147 -34.22 -8.11 18.76
CA VAL D 147 -33.96 -7.10 17.75
C VAL D 147 -34.62 -7.47 16.40
N ALA D 148 -35.40 -6.54 15.86
CA ALA D 148 -35.91 -6.68 14.51
C ALA D 148 -34.78 -6.36 13.52
N PHE D 149 -34.20 -7.42 12.97
CA PHE D 149 -32.99 -7.36 12.16
C PHE D 149 -33.32 -7.62 10.70
N PRO D 150 -33.18 -6.60 9.84
CA PRO D 150 -33.55 -6.78 8.43
C PRO D 150 -32.38 -7.35 7.62
N GLN D 151 -32.17 -8.66 7.72
CA GLN D 151 -30.98 -9.27 7.12
C GLN D 151 -30.72 -8.90 5.66
N GLU D 152 -31.77 -8.89 4.85
CA GLU D 152 -31.57 -8.63 3.43
C GLU D 152 -31.79 -7.17 3.05
N GLY D 153 -31.86 -6.30 4.07
CA GLY D 153 -31.92 -4.87 3.85
C GLY D 153 -33.31 -4.29 4.05
N ILE D 154 -33.36 -3.04 4.49
CA ILE D 154 -34.62 -2.36 4.62
C ILE D 154 -35.08 -1.81 3.27
N GLU D 155 -34.15 -1.21 2.54
CA GLU D 155 -34.51 -0.49 1.31
C GLU D 155 -34.37 -1.41 0.11
N SER D 156 -33.69 -2.52 0.31
CA SER D 156 -33.25 -3.38 -0.79
C SER D 156 -34.05 -4.69 -0.89
N TYR D 157 -34.99 -4.88 0.05
CA TYR D 157 -35.80 -6.08 0.13
C TYR D 157 -37.27 -5.69 0.01
N PRO D 158 -38.10 -6.51 -0.68
CA PRO D 158 -39.52 -6.19 -0.89
C PRO D 158 -40.24 -5.88 0.41
N ASN D 159 -40.83 -4.69 0.50
CA ASN D 159 -41.62 -4.29 1.67
C ASN D 159 -40.82 -4.24 2.96
N GLY D 160 -39.52 -3.97 2.85
CA GLY D 160 -38.64 -3.97 4.00
C GLY D 160 -39.08 -3.04 5.13
N ARG D 161 -39.53 -1.85 4.79
CA ARG D 161 -40.01 -0.90 5.80
C ARG D 161 -41.27 -1.40 6.53
N GLU D 162 -42.21 -1.99 5.77
CA GLU D 162 -43.40 -2.60 6.35
C GLU D 162 -43.06 -3.73 7.30
N LEU D 163 -42.11 -4.57 6.89
CA LEU D 163 -41.70 -5.69 7.74
C LEU D 163 -41.07 -5.21 9.04
N MET D 164 -40.16 -4.24 8.95
CA MET D 164 -39.57 -3.64 10.16
C MET D 164 -40.65 -3.10 11.11
N THR D 165 -41.60 -2.36 10.54
CA THR D 165 -42.67 -1.75 11.32
C THR D 165 -43.55 -2.81 11.99
N ARG D 166 -43.92 -3.83 11.22
CA ARG D 166 -44.74 -4.92 11.75
C ARG D 166 -44.01 -5.65 12.88
N ALA D 167 -42.72 -5.90 12.71
CA ALA D 167 -41.94 -6.58 13.72
C ALA D 167 -41.93 -5.79 15.04
N ILE D 168 -41.79 -4.48 14.92
CA ILE D 168 -41.82 -3.60 16.10
C ILE D 168 -43.22 -3.63 16.73
N GLU D 169 -44.24 -3.61 15.90
CA GLU D 169 -45.59 -3.62 16.43
C GLU D 169 -45.90 -4.95 17.12
N MET D 170 -45.29 -6.03 16.63
CA MET D 170 -45.48 -7.35 17.23
C MET D 170 -44.82 -7.45 18.59
N GLY D 171 -43.86 -6.56 18.85
CA GLY D 171 -43.24 -6.49 20.16
C GLY D 171 -41.74 -6.63 20.26
N ALA D 172 -41.02 -6.58 19.14
CA ALA D 172 -39.57 -6.52 19.20
C ALA D 172 -39.16 -5.27 20.00
N ASP D 173 -38.28 -5.46 20.98
CA ASP D 173 -37.85 -4.39 21.88
C ASP D 173 -36.83 -3.47 21.25
N VAL D 174 -36.14 -3.95 20.21
CA VAL D 174 -34.99 -3.23 19.66
C VAL D 174 -35.11 -3.13 18.14
N VAL D 175 -34.78 -1.95 17.61
CA VAL D 175 -34.76 -1.75 16.16
C VAL D 175 -33.38 -2.05 15.56
N GLY D 176 -33.33 -2.93 14.56
CA GLY D 176 -32.06 -3.29 13.94
C GLY D 176 -31.80 -2.60 12.61
N GLY D 177 -30.73 -3.00 11.92
CA GLY D 177 -30.40 -2.44 10.63
C GLY D 177 -29.18 -3.11 10.02
N ILE D 178 -28.92 -2.86 8.75
CA ILE D 178 -27.72 -3.39 8.10
C ILE D 178 -27.27 -2.46 6.94
N PRO D 179 -26.99 -1.18 7.27
CA PRO D 179 -26.79 -0.16 6.22
C PRO D 179 -25.68 -0.49 5.24
N HIS D 180 -24.62 -1.15 5.68
CA HIS D 180 -23.52 -1.49 4.76
C HIS D 180 -23.93 -2.52 3.69
N TYR D 181 -25.05 -3.21 3.92
CA TYR D 181 -25.51 -4.23 2.97
C TYR D 181 -26.56 -3.70 1.99
N GLU D 182 -27.07 -2.49 2.26
CA GLU D 182 -28.01 -1.88 1.34
C GLU D 182 -27.34 -1.71 -0.03
N ASN D 183 -28.14 -1.74 -1.09
CA ASN D 183 -27.62 -1.84 -2.45
C ASN D 183 -26.79 -0.65 -2.92
N THR D 184 -27.11 0.54 -2.41
CA THR D 184 -26.31 1.73 -2.74
C THR D 184 -26.01 2.49 -1.47
N ARG D 185 -24.97 3.32 -1.53
CA ARG D 185 -24.59 4.13 -0.36
C ARG D 185 -25.75 5.01 0.09
N ASP D 186 -26.43 5.65 -0.86
CA ASP D 186 -27.56 6.51 -0.52
C ASP D 186 -28.70 5.76 0.18
N LYS D 187 -28.92 4.51 -0.20
CA LYS D 187 -29.93 3.69 0.46
C LYS D 187 -29.46 3.21 1.83
N GLY D 188 -28.15 3.06 2.01
CA GLY D 188 -27.63 2.78 3.33
C GLY D 188 -27.93 3.95 4.26
N VAL D 189 -27.78 5.17 3.75
CA VAL D 189 -28.02 6.37 4.56
C VAL D 189 -29.51 6.52 4.89
N SER D 190 -30.37 6.36 3.88
CA SER D 190 -31.81 6.46 4.10
C SER D 190 -32.28 5.39 5.08
N SER D 191 -31.67 4.20 5.02
CA SER D 191 -32.05 3.12 5.94
C SER D 191 -31.81 3.53 7.40
N VAL D 192 -30.70 4.24 7.67
CA VAL D 192 -30.44 4.69 9.03
C VAL D 192 -31.42 5.76 9.48
N MET D 193 -31.74 6.69 8.59
CA MET D 193 -32.75 7.71 8.92
C MET D 193 -34.10 7.05 9.24
N PHE D 194 -34.49 6.07 8.43
CA PHE D 194 -35.72 5.34 8.68
C PHE D 194 -35.74 4.57 10.01
N LEU D 195 -34.69 3.82 10.29
CA LEU D 195 -34.71 2.98 11.49
C LEU D 195 -34.66 3.84 12.76
N MET D 196 -33.96 4.97 12.72
CA MET D 196 -33.94 5.87 13.88
C MET D 196 -35.32 6.51 14.09
N ASP D 197 -35.97 6.90 13.01
CA ASP D 197 -37.34 7.43 13.10
C ASP D 197 -38.30 6.39 13.66
N LEU D 198 -38.13 5.14 13.23
CA LEU D 198 -38.95 4.02 13.72
C LEU D 198 -38.74 3.84 15.22
N ALA D 199 -37.48 3.82 15.66
CA ALA D 199 -37.18 3.65 17.08
C ALA D 199 -37.77 4.76 17.92
N GLN D 200 -37.71 5.99 17.42
CA GLN D 200 -38.26 7.12 18.15
C GLN D 200 -39.78 7.12 18.19
N ARG D 201 -40.40 6.76 17.07
CA ARG D 201 -41.85 6.74 16.99
C ARG D 201 -42.46 5.75 18.00
N TYR D 202 -41.80 4.62 18.18
CA TYR D 202 -42.31 3.55 19.05
C TYR D 202 -41.57 3.45 20.40
N GLY D 203 -40.61 4.33 20.64
CA GLY D 203 -39.83 4.30 21.87
C GLY D 203 -39.06 3.01 22.10
N ARG D 204 -38.28 2.60 21.10
CA ARG D 204 -37.53 1.35 21.21
C ARG D 204 -36.03 1.63 21.25
N LEU D 205 -35.25 0.64 21.66
CA LEU D 205 -33.81 0.73 21.61
C LEU D 205 -33.38 0.48 20.17
N VAL D 206 -32.10 0.71 19.90
CA VAL D 206 -31.52 0.49 18.56
C VAL D 206 -30.28 -0.35 18.67
N ASP D 207 -30.11 -1.32 17.78
CA ASP D 207 -28.87 -2.09 17.70
C ASP D 207 -28.63 -2.52 16.25
N VAL D 208 -27.65 -1.90 15.61
CA VAL D 208 -27.49 -2.00 14.16
C VAL D 208 -26.23 -2.79 13.79
N HIS D 209 -26.37 -3.71 12.83
CA HIS D 209 -25.22 -4.33 12.19
C HIS D 209 -24.62 -3.27 11.29
N CYS D 210 -23.57 -2.64 11.77
CA CYS D 210 -23.24 -1.34 11.20
C CYS D 210 -22.33 -1.33 9.97
N ASP D 211 -21.10 -1.79 10.10
CA ASP D 211 -20.19 -1.83 8.96
C ASP D 211 -19.41 -3.15 9.02
N GLU D 212 -20.13 -4.25 8.84
CA GLU D 212 -19.51 -5.58 8.99
C GLU D 212 -18.86 -5.98 7.67
N ILE D 213 -17.80 -5.28 7.32
CA ILE D 213 -17.18 -5.43 6.02
C ILE D 213 -15.80 -4.79 6.12
N ASP D 214 -14.83 -5.26 5.34
CA ASP D 214 -13.47 -4.74 5.47
C ASP D 214 -13.21 -3.50 4.62
N ASP D 215 -14.25 -2.95 4.01
CA ASP D 215 -14.15 -1.78 3.14
C ASP D 215 -13.95 -0.50 3.96
N PRO D 216 -12.77 0.14 3.83
CA PRO D 216 -12.45 1.39 4.56
C PRO D 216 -13.42 2.54 4.27
N GLN D 217 -14.21 2.44 3.20
CA GLN D 217 -15.19 3.47 2.91
C GLN D 217 -16.60 3.15 3.42
N SER D 218 -16.74 2.04 4.12
CA SER D 218 -18.03 1.74 4.73
C SER D 218 -18.13 2.59 6.00
N ARG D 219 -18.86 3.70 5.91
CA ARG D 219 -18.83 4.66 7.01
C ARG D 219 -20.24 5.01 7.50
N PHE D 220 -21.09 4.00 7.65
CA PHE D 220 -22.44 4.26 8.14
C PHE D 220 -22.47 4.53 9.64
N LEU D 221 -21.41 4.12 10.32
CA LEU D 221 -21.24 4.42 11.74
C LEU D 221 -21.40 5.92 12.02
N GLU D 222 -20.78 6.78 11.21
CA GLU D 222 -20.91 8.23 11.42
C GLU D 222 -22.35 8.70 11.31
N VAL D 223 -23.13 8.06 10.43
CA VAL D 223 -24.51 8.49 10.24
C VAL D 223 -25.34 8.10 11.46
N LEU D 224 -25.13 6.87 11.93
CA LEU D 224 -25.83 6.36 13.08
C LEU D 224 -25.51 7.19 14.34
N ALA D 225 -24.22 7.44 14.56
CA ALA D 225 -23.79 8.19 15.75
C ALA D 225 -24.33 9.60 15.74
N GLU D 226 -24.30 10.24 14.56
CA GLU D 226 -24.84 11.60 14.47
C GLU D 226 -26.34 11.64 14.74
N GLU D 227 -27.10 10.70 14.19
CA GLU D 227 -28.53 10.66 14.47
C GLU D 227 -28.79 10.47 15.95
N ALA D 228 -28.03 9.58 16.58
CA ALA D 228 -28.21 9.34 18.01
C ALA D 228 -27.91 10.61 18.81
N ARG D 229 -26.85 11.32 18.42
CA ARG D 229 -26.43 12.53 19.13
C ARG D 229 -27.49 13.62 19.02
N VAL D 230 -27.94 13.86 17.80
CA VAL D 230 -28.95 14.89 17.51
C VAL D 230 -30.30 14.60 18.18
N ARG D 231 -30.65 13.33 18.27
CA ARG D 231 -31.93 12.95 18.85
C ARG D 231 -31.85 12.73 20.36
N GLY D 232 -30.64 12.84 20.91
CA GLY D 232 -30.42 12.60 22.33
C GLY D 232 -30.71 11.18 22.76
N MET D 233 -30.45 10.20 21.89
CA MET D 233 -30.77 8.81 22.26
C MET D 233 -29.55 7.91 22.35
N GLY D 234 -28.38 8.52 22.58
CA GLY D 234 -27.12 7.80 22.61
C GLY D 234 -27.12 6.54 23.46
N ALA D 235 -27.57 6.66 24.70
CA ALA D 235 -27.57 5.51 25.62
C ALA D 235 -28.42 4.34 25.12
N GLN D 236 -29.37 4.61 24.23
CA GLN D 236 -30.32 3.60 23.76
C GLN D 236 -29.89 3.01 22.43
N VAL D 237 -28.70 3.42 21.96
CA VAL D 237 -28.22 2.98 20.66
C VAL D 237 -26.94 2.16 20.76
N THR D 238 -26.90 1.04 20.03
CA THR D 238 -25.70 0.22 19.97
C THR D 238 -25.29 0.02 18.51
N ALA D 239 -23.98 0.12 18.23
CA ALA D 239 -23.43 -0.27 16.94
C ALA D 239 -22.71 -1.61 17.09
N SER D 240 -23.21 -2.64 16.41
CA SER D 240 -22.57 -3.95 16.42
C SER D 240 -21.73 -4.11 15.15
N HIS D 241 -20.66 -4.90 15.22
CA HIS D 241 -19.86 -5.24 14.04
C HIS D 241 -19.35 -4.05 13.25
N THR D 242 -18.63 -3.15 13.91
CA THR D 242 -18.06 -2.03 13.20
C THR D 242 -16.69 -2.46 12.69
N CYS D 243 -16.65 -3.60 11.98
CA CYS D 243 -15.41 -4.18 11.48
C CYS D 243 -14.62 -3.21 10.60
N ALA D 244 -15.34 -2.42 9.81
CA ALA D 244 -14.69 -1.47 8.91
C ALA D 244 -13.79 -0.48 9.67
N MET D 245 -14.12 -0.20 10.93
CA MET D 245 -13.30 0.73 11.71
C MET D 245 -11.89 0.18 11.89
N GLY D 246 -11.75 -1.14 11.88
CA GLY D 246 -10.43 -1.76 11.93
C GLY D 246 -9.62 -1.55 10.66
N SER D 247 -10.23 -0.94 9.66
CA SER D 247 -9.54 -0.63 8.41
C SER D 247 -9.61 0.85 8.02
N TYR D 248 -10.23 1.69 8.86
CA TYR D 248 -10.36 3.12 8.52
C TYR D 248 -9.02 3.84 8.37
N ASP D 249 -9.02 4.82 7.50
CA ASP D 249 -7.97 5.83 7.49
C ASP D 249 -7.83 6.41 8.91
N ASN D 250 -6.61 6.53 9.39
CA ASN D 250 -6.38 6.91 10.78
C ASN D 250 -6.71 8.35 11.11
N ALA D 251 -6.52 9.25 10.14
CA ALA D 251 -6.87 10.65 10.35
C ALA D 251 -8.38 10.79 10.45
N TYR D 252 -9.11 10.14 9.54
CA TYR D 252 -10.57 10.08 9.65
C TYR D 252 -11.02 9.46 10.97
N CYS D 253 -10.41 8.34 11.36
CA CYS D 253 -10.87 7.66 12.56
C CYS D 253 -10.64 8.50 13.81
N SER D 254 -9.55 9.26 13.85
CA SER D 254 -9.32 10.19 14.97
C SER D 254 -10.43 11.24 15.06
N LYS D 255 -10.77 11.82 13.93
CA LYS D 255 -11.85 12.81 13.87
C LYS D 255 -13.17 12.16 14.28
N LEU D 256 -13.42 10.96 13.75
CA LEU D 256 -14.65 10.22 14.06
C LEU D 256 -14.87 9.97 15.56
N PHE D 257 -13.80 9.63 16.29
CA PHE D 257 -13.91 9.36 17.73
C PHE D 257 -14.51 10.51 18.53
N ARG D 258 -14.33 11.74 18.06
CA ARG D 258 -14.90 12.89 18.73
C ARG D 258 -16.43 12.82 18.73
N LEU D 259 -17.00 12.46 17.58
CA LEU D 259 -18.44 12.22 17.45
C LEU D 259 -18.88 10.99 18.22
N LEU D 260 -18.10 9.91 18.17
CA LEU D 260 -18.50 8.69 18.85
C LEU D 260 -18.62 8.94 20.34
N LYS D 261 -17.67 9.67 20.90
CA LYS D 261 -17.72 10.03 22.31
C LYS D 261 -18.93 10.90 22.62
N ALA D 262 -19.14 11.96 21.84
CA ALA D 262 -20.24 12.89 22.07
C ALA D 262 -21.62 12.22 21.91
N SER D 263 -21.69 11.22 21.05
CA SER D 263 -22.98 10.59 20.75
C SER D 263 -23.46 9.73 21.91
N GLY D 264 -22.50 9.16 22.65
CA GLY D 264 -22.82 8.30 23.77
C GLY D 264 -23.24 6.88 23.43
N ILE D 265 -23.14 6.50 22.15
CA ILE D 265 -23.59 5.16 21.75
C ILE D 265 -22.67 4.05 22.27
N ASN D 266 -23.20 2.83 22.30
CA ASN D 266 -22.45 1.64 22.71
C ASN D 266 -21.92 0.87 21.51
N PHE D 267 -20.92 0.04 21.74
CA PHE D 267 -20.34 -0.80 20.69
C PHE D 267 -20.29 -2.25 21.13
N ILE D 268 -20.61 -3.16 20.20
CA ILE D 268 -20.45 -4.57 20.45
C ILE D 268 -19.50 -5.16 19.40
N SER D 269 -18.50 -5.89 19.89
CA SER D 269 -17.57 -6.60 19.01
C SER D 269 -17.75 -8.11 19.16
N CYS D 270 -17.63 -8.84 18.05
CA CYS D 270 -17.78 -10.30 18.06
C CYS D 270 -16.49 -10.90 17.50
N PRO D 271 -15.46 -11.01 18.35
CA PRO D 271 -14.11 -11.30 17.90
C PRO D 271 -13.95 -12.68 17.26
N THR D 272 -14.55 -13.73 17.82
CA THR D 272 -14.44 -15.04 17.18
C THR D 272 -15.13 -15.05 15.83
N GLU D 273 -16.25 -14.33 15.70
CA GLU D 273 -16.98 -14.33 14.44
C GLU D 273 -16.19 -13.54 13.39
N SER D 274 -15.72 -12.37 13.78
CA SER D 274 -15.04 -11.49 12.83
C SER D 274 -13.69 -12.01 12.39
N ILE D 275 -12.96 -12.69 13.27
CA ILE D 275 -11.70 -13.26 12.83
C ILE D 275 -11.97 -14.34 11.77
N HIS D 276 -13.14 -14.97 11.87
CA HIS D 276 -13.55 -15.99 10.91
C HIS D 276 -14.05 -15.39 9.59
N LEU D 277 -14.98 -14.43 9.67
CA LEU D 277 -15.63 -13.87 8.48
C LEU D 277 -14.83 -12.75 7.82
N GLN D 278 -14.02 -12.04 8.60
CA GLN D 278 -13.24 -10.93 8.03
C GLN D 278 -11.88 -11.41 7.53
N GLY D 279 -11.22 -10.53 6.79
CA GLY D 279 -9.92 -10.83 6.22
C GLY D 279 -9.97 -11.79 5.04
N ARG D 280 -11.18 -12.12 4.58
CA ARG D 280 -11.36 -13.14 3.55
C ARG D 280 -11.04 -12.64 2.15
N PHE D 281 -10.98 -11.33 1.99
CA PHE D 281 -10.74 -10.74 0.68
C PHE D 281 -9.35 -10.16 0.56
N ASP D 282 -8.55 -10.34 1.61
CA ASP D 282 -7.12 -10.06 1.56
C ASP D 282 -6.38 -11.31 1.10
N SER D 283 -5.18 -11.14 0.58
CA SER D 283 -4.26 -12.27 0.54
C SER D 283 -3.36 -12.20 1.77
N TRP D 284 -2.15 -11.68 1.57
CA TRP D 284 -1.17 -11.59 2.65
C TRP D 284 -0.46 -10.27 2.48
N PRO D 285 -0.23 -9.53 3.60
CA PRO D 285 -0.68 -9.87 4.96
C PRO D 285 -2.20 -9.78 5.10
N LYS D 286 -2.75 -10.50 6.06
CA LYS D 286 -4.18 -10.66 6.19
C LYS D 286 -4.64 -9.86 7.41
N ARG D 287 -5.56 -8.92 7.20
CA ARG D 287 -6.01 -8.07 8.30
C ARG D 287 -6.83 -8.84 9.34
N ARG D 288 -6.82 -8.37 10.59
CA ARG D 288 -7.63 -9.00 11.63
C ARG D 288 -9.12 -8.77 11.41
N GLY D 289 -9.47 -7.54 11.02
CA GLY D 289 -10.84 -7.20 10.67
C GLY D 289 -11.78 -6.96 11.84
N VAL D 290 -11.20 -6.64 12.99
CA VAL D 290 -11.98 -6.41 14.20
C VAL D 290 -11.94 -4.92 14.49
N THR D 291 -13.02 -4.40 15.06
CA THR D 291 -13.07 -2.97 15.39
C THR D 291 -12.01 -2.60 16.43
N ARG D 292 -11.88 -1.30 16.71
CA ARG D 292 -10.81 -0.83 17.57
C ARG D 292 -11.22 -0.82 19.04
N VAL D 293 -11.42 -2.02 19.58
CA VAL D 293 -11.96 -2.18 20.94
C VAL D 293 -11.14 -1.50 22.03
N ALA D 294 -9.83 -1.73 22.03
CA ALA D 294 -8.99 -1.16 23.08
C ALA D 294 -9.04 0.38 23.06
N GLU D 295 -9.04 0.92 21.84
CA GLU D 295 -9.04 2.36 21.63
C GLU D 295 -10.37 3.00 22.02
N LEU D 296 -11.49 2.34 21.69
CA LEU D 296 -12.80 2.79 22.12
C LEU D 296 -12.85 2.84 23.65
N ASP D 297 -12.39 1.77 24.28
CA ASP D 297 -12.43 1.68 25.73
C ASP D 297 -11.55 2.75 26.38
N ARG D 298 -10.36 2.95 25.84
CA ARG D 298 -9.45 4.00 26.35
C ARG D 298 -10.04 5.39 26.19
N ALA D 299 -10.90 5.56 25.18
CA ALA D 299 -11.52 6.86 24.93
C ALA D 299 -12.73 7.08 25.84
N GLY D 300 -13.03 6.09 26.69
CA GLY D 300 -14.18 6.21 27.58
C GLY D 300 -15.49 5.78 26.94
N ILE D 301 -15.41 5.07 25.81
CA ILE D 301 -16.60 4.65 25.09
C ILE D 301 -16.94 3.22 25.50
N ASN D 302 -18.21 2.95 25.77
CA ASN D 302 -18.62 1.61 26.21
C ASN D 302 -18.54 0.58 25.10
N VAL D 303 -17.73 -0.46 25.30
CA VAL D 303 -17.66 -1.55 24.31
C VAL D 303 -17.69 -2.91 25.02
N CYS D 304 -18.19 -3.94 24.35
CA CYS D 304 -18.25 -5.26 24.96
C CYS D 304 -18.17 -6.35 23.91
N PHE D 305 -18.06 -7.61 24.36
CA PHE D 305 -17.88 -8.75 23.45
C PHE D 305 -19.10 -9.64 23.40
N ALA D 306 -19.30 -10.30 22.26
CA ALA D 306 -20.45 -11.17 22.09
C ALA D 306 -20.11 -12.37 21.20
N GLN D 307 -20.92 -13.42 21.32
CA GLN D 307 -20.68 -14.65 20.54
C GLN D 307 -21.16 -14.56 19.10
N ASP D 308 -22.22 -13.81 18.87
CA ASP D 308 -22.83 -13.66 17.54
C ASP D 308 -23.55 -14.92 17.03
N SER D 309 -22.77 -15.98 16.80
CA SER D 309 -23.32 -17.22 16.23
C SER D 309 -23.01 -18.46 17.04
N ILE D 310 -23.95 -19.40 17.03
CA ILE D 310 -23.67 -20.75 17.48
C ILE D 310 -24.17 -21.74 16.43
N GLN D 311 -23.22 -22.37 15.73
CA GLN D 311 -23.46 -23.42 14.74
C GLN D 311 -24.48 -23.00 13.69
N ASP D 312 -24.19 -21.90 12.99
CA ASP D 312 -25.18 -21.32 12.09
C ASP D 312 -24.59 -21.18 10.66
N PRO D 313 -25.33 -20.56 9.72
CA PRO D 313 -24.73 -20.52 8.39
C PRO D 313 -23.43 -19.70 8.29
N TRP D 314 -23.09 -18.93 9.32
CA TRP D 314 -21.91 -18.07 9.25
C TRP D 314 -20.72 -18.69 9.97
N TYR D 315 -21.00 -19.50 10.99
CA TYR D 315 -19.98 -19.91 11.94
C TYR D 315 -20.27 -21.30 12.48
N PRO D 316 -19.36 -22.26 12.25
CA PRO D 316 -19.68 -23.66 12.49
C PRO D 316 -19.52 -24.11 13.94
N LEU D 317 -18.88 -23.29 14.75
CA LEU D 317 -18.60 -23.67 16.13
C LEU D 317 -19.56 -22.99 17.10
N GLY D 318 -19.17 -22.90 18.37
CA GLY D 318 -20.00 -22.26 19.38
C GLY D 318 -20.53 -23.23 20.44
N ASN D 319 -20.44 -22.82 21.70
CA ASN D 319 -20.90 -23.68 22.79
C ASN D 319 -21.61 -22.94 23.93
N GLY D 320 -21.73 -21.63 23.78
CA GLY D 320 -22.42 -20.83 24.79
C GLY D 320 -21.50 -20.11 25.76
N ASN D 321 -20.21 -20.43 25.70
CA ASN D 321 -19.26 -19.94 26.72
C ASN D 321 -18.63 -18.60 26.37
N ILE D 322 -19.17 -17.53 26.94
CA ILE D 322 -18.70 -16.17 26.68
C ILE D 322 -17.23 -15.94 27.10
N LEU D 323 -16.72 -16.75 28.02
CA LEU D 323 -15.32 -16.59 28.44
C LEU D 323 -14.34 -16.97 27.34
N ARG D 324 -14.78 -17.86 26.44
CA ARG D 324 -13.97 -18.23 25.29
C ARG D 324 -13.87 -17.01 24.37
N ILE D 325 -14.99 -16.30 24.24
CA ILE D 325 -15.07 -15.11 23.40
C ILE D 325 -14.20 -13.99 23.99
N LEU D 326 -14.22 -13.86 25.31
CA LEU D 326 -13.42 -12.86 25.98
C LEU D 326 -11.94 -13.11 25.71
N ASP D 327 -11.52 -14.36 25.88
CA ASP D 327 -10.14 -14.75 25.58
C ASP D 327 -9.74 -14.32 24.16
N ALA D 328 -10.54 -14.71 23.17
CA ALA D 328 -10.28 -14.33 21.78
C ALA D 328 -10.15 -12.82 21.59
N GLY D 329 -11.06 -12.08 22.19
CA GLY D 329 -11.08 -10.63 22.04
C GLY D 329 -9.83 -9.99 22.60
N LEU D 330 -9.44 -10.43 23.80
CA LEU D 330 -8.26 -9.86 24.45
C LEU D 330 -7.02 -10.12 23.62
N HIS D 331 -6.95 -11.29 22.96
CA HIS D 331 -5.80 -11.59 22.12
C HIS D 331 -5.82 -10.75 20.84
N ILE D 332 -6.93 -10.82 20.10
CA ILE D 332 -7.00 -10.18 18.78
C ILE D 332 -6.91 -8.66 18.86
N CYS D 333 -7.42 -8.10 19.95
CA CYS D 333 -7.47 -6.65 20.12
C CYS D 333 -6.27 -6.10 20.89
N HIS D 334 -5.28 -6.95 21.14
CA HIS D 334 -4.07 -6.52 21.87
C HIS D 334 -4.40 -5.89 23.22
N MET D 335 -5.17 -6.62 24.01
CA MET D 335 -5.55 -6.16 25.33
C MET D 335 -5.13 -7.18 26.37
N LEU D 336 -3.87 -7.57 26.33
CA LEU D 336 -3.34 -8.53 27.31
C LEU D 336 -2.37 -7.83 28.25
N GLY D 337 -2.50 -6.51 28.36
CA GLY D 337 -1.71 -5.78 29.34
C GLY D 337 -2.16 -6.13 30.74
N TYR D 338 -1.29 -5.89 31.71
CA TYR D 338 -1.59 -6.18 33.11
C TYR D 338 -2.86 -5.47 33.59
N ASP D 339 -2.95 -4.18 33.28
CA ASP D 339 -4.13 -3.38 33.61
C ASP D 339 -5.38 -3.95 32.96
N ASP D 340 -5.27 -4.35 31.68
CA ASP D 340 -6.40 -4.92 30.94
C ASP D 340 -6.94 -6.17 31.63
N LEU D 341 -6.03 -7.05 32.03
CA LEU D 341 -6.40 -8.35 32.56
C LEU D 341 -7.06 -8.25 33.93
N GLN D 342 -6.67 -7.23 34.71
CA GLN D 342 -7.25 -7.03 36.02
C GLN D 342 -8.72 -6.58 36.00
N ARG D 343 -9.19 -6.10 34.85
CA ARG D 343 -10.60 -5.69 34.73
C ARG D 343 -11.32 -6.23 33.49
N CYS D 344 -10.78 -7.29 32.91
CA CYS D 344 -11.31 -7.80 31.63
C CYS D 344 -12.74 -8.30 31.67
N LEU D 345 -13.23 -8.71 32.84
CA LEU D 345 -14.61 -9.20 32.93
C LEU D 345 -15.64 -8.08 32.66
N ASP D 346 -15.19 -6.82 32.71
CA ASP D 346 -16.04 -5.68 32.30
C ASP D 346 -16.70 -5.95 30.95
N PHE D 347 -15.96 -6.59 30.05
CA PHE D 347 -16.36 -6.68 28.65
C PHE D 347 -17.43 -7.73 28.40
N VAL D 348 -17.72 -8.55 29.41
CA VAL D 348 -18.75 -9.58 29.29
C VAL D 348 -19.78 -9.51 30.43
N THR D 349 -19.67 -8.49 31.27
CA THR D 349 -20.65 -8.27 32.32
C THR D 349 -21.17 -6.81 32.32
N ASP D 350 -20.52 -5.95 33.10
CA ASP D 350 -20.94 -4.54 33.26
C ASP D 350 -21.17 -3.79 31.94
N ASN D 351 -20.22 -3.89 31.01
CA ASN D 351 -20.32 -3.12 29.78
C ASN D 351 -21.49 -3.59 28.92
N SER D 352 -21.70 -4.90 28.90
CA SER D 352 -22.79 -5.49 28.12
C SER D 352 -24.14 -5.13 28.72
N ALA D 353 -24.22 -5.14 30.06
CA ALA D 353 -25.44 -4.71 30.74
C ALA D 353 -25.80 -3.27 30.39
N ARG D 354 -24.78 -2.41 30.28
CA ARG D 354 -24.98 -1.02 29.88
C ARG D 354 -25.55 -0.93 28.46
N ALA D 355 -24.99 -1.74 27.56
CA ALA D 355 -25.46 -1.77 26.16
C ALA D 355 -26.94 -2.18 26.10
N LEU D 356 -27.32 -3.12 26.97
CA LEU D 356 -28.69 -3.59 27.03
C LEU D 356 -29.60 -2.71 27.90
N CYS D 357 -29.05 -1.62 28.43
CA CYS D 357 -29.82 -0.69 29.28
C CYS D 357 -30.49 -1.40 30.43
N LEU D 358 -29.77 -2.31 31.08
CA LEU D 358 -30.38 -3.08 32.17
C LEU D 358 -30.58 -2.25 33.44
N GLY D 359 -29.79 -1.18 33.59
CA GLY D 359 -29.94 -0.28 34.72
C GLY D 359 -29.84 -0.98 36.06
N ASP D 360 -30.75 -0.65 36.97
N ASP D 360 -30.77 -0.65 36.96
CA ASP D 360 -30.73 -1.19 38.32
CA ASP D 360 -30.77 -1.17 38.32
C ASP D 360 -31.24 -2.63 38.43
C ASP D 360 -31.15 -2.64 38.42
N ASN D 361 -31.47 -3.25 37.28
CA ASN D 361 -31.86 -4.66 37.24
C ASN D 361 -30.64 -5.57 37.07
N TYR D 362 -29.46 -4.97 37.17
CA TYR D 362 -28.21 -5.68 37.00
C TYR D 362 -27.18 -5.14 37.99
N GLY D 363 -26.36 -6.03 38.53
CA GLY D 363 -25.23 -5.64 39.36
C GLY D 363 -25.37 -6.04 40.81
N LEU D 364 -24.25 -6.29 41.46
CA LEU D 364 -24.25 -6.69 42.86
C LEU D 364 -24.29 -5.47 43.78
N ALA D 365 -25.51 -5.01 44.06
CA ALA D 365 -25.72 -3.88 44.95
C ALA D 365 -26.99 -4.20 45.72
N GLU D 366 -27.03 -3.82 46.98
CA GLU D 366 -28.22 -4.03 47.80
C GLU D 366 -29.44 -3.40 47.13
N GLY D 367 -30.56 -4.10 47.15
CA GLY D 367 -31.77 -3.64 46.50
C GLY D 367 -32.01 -4.20 45.10
N ARG D 368 -30.95 -4.68 44.45
CA ARG D 368 -31.06 -5.18 43.09
C ARG D 368 -31.42 -6.67 43.06
N PRO D 369 -31.89 -7.19 41.92
CA PRO D 369 -32.28 -8.60 41.80
C PRO D 369 -31.19 -9.58 42.21
N ALA D 370 -31.57 -10.64 42.92
CA ALA D 370 -30.61 -11.64 43.32
C ALA D 370 -30.27 -12.55 42.15
N ASN D 371 -29.59 -11.97 41.16
CA ASN D 371 -29.09 -12.69 40.00
C ASN D 371 -27.58 -12.59 40.03
N LEU D 372 -26.89 -13.73 40.15
CA LEU D 372 -25.44 -13.73 40.29
C LEU D 372 -24.85 -15.13 40.07
N LEU D 373 -23.54 -15.19 39.90
CA LEU D 373 -22.83 -16.44 39.68
C LEU D 373 -21.69 -16.56 40.69
N ILE D 374 -21.34 -17.80 41.04
CA ILE D 374 -20.06 -18.07 41.67
C ILE D 374 -19.13 -18.70 40.62
N LEU D 375 -18.04 -18.01 40.31
CA LEU D 375 -17.06 -18.46 39.32
C LEU D 375 -15.89 -19.17 39.99
N ASP D 376 -15.38 -20.22 39.37
CA ASP D 376 -14.28 -20.96 39.96
C ASP D 376 -12.92 -20.27 39.72
N ALA D 377 -12.81 -19.03 40.21
CA ALA D 377 -11.59 -18.25 40.14
C ALA D 377 -11.70 -17.12 41.15
N GLU D 378 -10.58 -16.52 41.54
CA GLU D 378 -10.62 -15.48 42.57
C GLU D 378 -10.59 -14.06 42.03
N ASN D 379 -10.25 -13.89 40.76
CA ASN D 379 -10.19 -12.55 40.16
C ASN D 379 -10.35 -12.61 38.63
N ASP D 380 -10.44 -11.45 37.98
CA ASP D 380 -10.60 -11.37 36.52
C ASP D 380 -9.52 -12.13 35.75
N TYR D 381 -8.27 -11.90 36.12
CA TYR D 381 -7.13 -12.53 35.45
C TYR D 381 -7.21 -14.06 35.46
N GLU D 382 -7.44 -14.64 36.64
CA GLU D 382 -7.56 -16.09 36.76
C GLU D 382 -8.79 -16.64 36.04
N ALA D 383 -9.88 -15.88 36.06
CA ALA D 383 -11.11 -16.30 35.39
C ALA D 383 -10.86 -16.53 33.91
N VAL D 384 -10.16 -15.60 33.27
CA VAL D 384 -9.92 -15.76 31.82
C VAL D 384 -8.78 -16.73 31.54
N ARG D 385 -7.76 -16.73 32.40
CA ARG D 385 -6.62 -17.61 32.18
C ARG D 385 -7.01 -19.08 32.31
N ARG D 386 -7.87 -19.39 33.28
CA ARG D 386 -8.28 -20.76 33.54
C ARG D 386 -9.59 -21.14 32.85
N GLN D 387 -10.22 -20.17 32.19
CA GLN D 387 -11.56 -20.36 31.64
C GLN D 387 -12.48 -20.91 32.73
N ALA D 388 -12.53 -20.18 33.85
CA ALA D 388 -13.20 -20.63 35.06
C ALA D 388 -14.61 -21.13 34.82
N ARG D 389 -14.92 -22.30 35.37
CA ARG D 389 -16.26 -22.88 35.30
C ARG D 389 -17.22 -22.10 36.20
N VAL D 390 -18.48 -22.02 35.78
CA VAL D 390 -19.51 -21.45 36.62
C VAL D 390 -20.00 -22.53 37.56
N LEU D 391 -19.74 -22.36 38.85
CA LEU D 391 -20.09 -23.39 39.83
C LEU D 391 -21.54 -23.27 40.26
N THR D 392 -22.05 -22.05 40.31
CA THR D 392 -23.41 -21.82 40.77
C THR D 392 -24.00 -20.65 40.01
N SER D 393 -25.24 -20.79 39.57
CA SER D 393 -25.95 -19.67 38.98
C SER D 393 -27.23 -19.49 39.78
N ILE D 394 -27.44 -18.26 40.23
CA ILE D 394 -28.59 -17.92 41.05
C ILE D 394 -29.39 -16.88 40.28
N ARG D 395 -30.70 -17.14 40.16
CA ARG D 395 -31.60 -16.24 39.47
C ARG D 395 -32.84 -15.99 40.33
N HIS D 396 -33.17 -14.72 40.53
CA HIS D 396 -34.31 -14.34 41.37
C HIS D 396 -34.25 -14.96 42.77
N GLY D 397 -33.04 -15.18 43.27
CA GLY D 397 -32.85 -15.67 44.62
C GLY D 397 -32.83 -17.18 44.75
N LYS D 398 -32.95 -17.88 43.62
CA LYS D 398 -32.97 -19.34 43.61
C LYS D 398 -31.80 -19.93 42.82
N VAL D 399 -31.26 -21.05 43.28
CA VAL D 399 -30.20 -21.71 42.52
C VAL D 399 -30.81 -22.39 41.29
N ILE D 400 -30.35 -22.01 40.09
CA ILE D 400 -30.87 -22.64 38.88
C ILE D 400 -29.83 -23.53 38.20
N LEU D 401 -28.60 -23.47 38.71
CA LEU D 401 -27.52 -24.31 38.19
C LEU D 401 -26.48 -24.56 39.27
N GLN D 402 -26.05 -25.82 39.38
CA GLN D 402 -24.99 -26.20 40.31
C GLN D 402 -24.05 -27.19 39.65
N ARG D 403 -22.78 -26.82 39.60
CA ARG D 403 -21.72 -27.68 39.11
C ARG D 403 -20.88 -28.10 40.30
N GLU D 404 -20.37 -29.33 40.27
CA GLU D 404 -19.42 -29.74 41.28
C GLU D 404 -18.05 -29.25 40.85
N VAL D 405 -17.19 -28.95 41.82
CA VAL D 405 -15.84 -28.53 41.50
C VAL D 405 -15.10 -29.69 40.85
N GLU D 406 -14.40 -29.42 39.75
CA GLU D 406 -13.66 -30.44 39.03
C GLU D 406 -12.68 -31.15 39.96
N HIS D 407 -12.70 -32.47 39.96
CA HIS D 407 -11.77 -33.23 40.79
C HIS D 407 -10.98 -34.25 39.99
N ILE D 408 -9.67 -34.02 39.93
CA ILE D 408 -8.76 -34.89 39.18
C ILE D 408 -8.09 -35.88 40.13
N ARG D 409 -8.08 -37.14 39.73
CA ARG D 409 -7.40 -38.18 40.50
C ARG D 409 -6.13 -38.60 39.78
N TYR D 410 -5.08 -38.88 40.55
CA TYR D 410 -3.81 -39.32 39.99
C TYR D 410 -3.43 -40.67 40.57
N PRO D 411 -3.84 -41.76 39.91
CA PRO D 411 -3.51 -43.12 40.37
C PRO D 411 -2.04 -43.48 40.14
N MET E 1 7.51 60.92 -1.17
CA MET E 1 8.90 61.27 -1.48
C MET E 1 9.38 60.53 -2.72
N LYS E 2 10.66 60.69 -3.03
CA LYS E 2 11.29 59.96 -4.12
C LYS E 2 12.13 58.80 -3.58
N ILE E 3 12.01 57.65 -4.22
CA ILE E 3 12.90 56.53 -3.95
C ILE E 3 13.73 56.27 -5.20
N ILE E 4 15.05 56.33 -5.06
CA ILE E 4 15.93 56.13 -6.22
C ILE E 4 16.80 54.88 -6.07
N ASN E 5 17.37 54.45 -7.19
CA ASN E 5 18.27 53.30 -7.23
C ASN E 5 17.61 52.02 -6.73
N ALA E 6 16.32 51.87 -7.03
CA ALA E 6 15.58 50.69 -6.60
C ALA E 6 15.57 49.63 -7.70
N ARG E 7 15.74 48.37 -7.30
CA ARG E 7 15.50 47.25 -8.21
C ARG E 7 14.00 46.95 -8.18
N LEU E 8 13.46 46.47 -9.30
CA LEU E 8 12.12 45.88 -9.30
C LEU E 8 12.25 44.39 -9.60
N ARG E 9 11.23 43.62 -9.23
CA ARG E 9 11.27 42.17 -9.39
C ARG E 9 11.44 41.77 -10.85
N ARG E 10 12.34 40.83 -11.10
CA ARG E 10 12.55 40.25 -12.42
C ARG E 10 12.91 41.28 -13.50
N GLN E 11 13.60 42.35 -13.09
CA GLN E 11 14.13 43.33 -14.02
C GLN E 11 15.56 43.67 -13.66
N GLU E 12 16.32 44.16 -14.64
CA GLU E 12 17.75 44.38 -14.41
C GLU E 12 18.07 45.83 -14.05
N ALA E 13 17.26 46.77 -14.51
CA ALA E 13 17.58 48.19 -14.33
C ALA E 13 17.28 48.73 -12.94
N LEU E 14 17.86 49.89 -12.63
CA LEU E 14 17.50 50.63 -11.44
C LEU E 14 16.32 51.54 -11.79
N PHE E 15 15.44 51.76 -10.82
CA PHE E 15 14.25 52.58 -11.03
C PHE E 15 14.09 53.64 -9.94
N THR E 16 13.51 54.77 -10.33
CA THR E 16 13.06 55.80 -9.40
C THR E 16 11.55 55.73 -9.25
N LEU E 17 11.06 55.69 -8.01
CA LEU E 17 9.63 55.74 -7.76
C LEU E 17 9.26 57.06 -7.09
N ASP E 18 8.34 57.79 -7.70
CA ASP E 18 7.90 59.09 -7.17
C ASP E 18 6.54 58.92 -6.49
N LEU E 19 6.49 59.21 -5.20
CA LEU E 19 5.27 59.04 -4.40
C LEU E 19 4.68 60.40 -4.02
N GLN E 20 3.39 60.58 -4.29
CA GLN E 20 2.73 61.85 -4.01
C GLN E 20 1.28 61.63 -3.62
N ASP E 21 0.82 62.36 -2.60
CA ASP E 21 -0.58 62.34 -2.18
C ASP E 21 -1.07 60.93 -1.86
N GLY E 22 -0.21 60.12 -1.27
CA GLY E 22 -0.59 58.78 -0.86
C GLY E 22 -0.58 57.75 -1.98
N ILE E 23 -0.25 58.18 -3.20
CA ILE E 23 -0.24 57.24 -4.33
C ILE E 23 1.08 57.26 -5.10
N ILE E 24 1.26 56.25 -5.95
CA ILE E 24 2.44 56.15 -6.79
C ILE E 24 2.28 57.02 -8.05
N HIS E 25 3.04 58.11 -8.11
CA HIS E 25 2.90 59.06 -9.19
C HIS E 25 3.64 58.63 -10.45
N ARG E 26 4.86 58.14 -10.28
CA ARG E 26 5.73 57.86 -11.42
C ARG E 26 6.69 56.75 -11.11
N ILE E 27 6.94 55.89 -12.09
CA ILE E 27 7.97 54.88 -12.00
C ILE E 27 8.82 55.00 -13.24
N THR E 28 10.10 55.30 -13.06
CA THR E 28 10.98 55.56 -14.18
C THR E 28 12.30 54.80 -14.09
N ALA E 29 12.64 54.12 -15.18
CA ALA E 29 13.93 53.44 -15.30
C ALA E 29 15.05 54.48 -15.37
N GLN E 30 16.12 54.25 -14.61
CA GLN E 30 17.26 55.14 -14.61
C GLN E 30 18.32 54.68 -15.62
N ALA E 31 19.04 55.64 -16.20
CA ALA E 31 20.15 55.30 -17.08
C ALA E 31 21.25 54.58 -16.30
N ALA E 32 21.44 55.00 -15.05
CA ALA E 32 22.45 54.38 -14.20
C ALA E 32 22.19 54.69 -12.72
N MET E 33 23.16 54.34 -11.88
CA MET E 33 23.10 54.66 -10.45
C MET E 33 23.15 56.18 -10.29
N GLN E 34 22.33 56.71 -9.39
CA GLN E 34 22.22 58.15 -9.20
C GLN E 34 22.49 58.57 -7.76
N THR E 35 22.77 59.85 -7.56
CA THR E 35 23.01 60.39 -6.23
C THR E 35 21.70 60.92 -5.65
N ALA E 36 21.48 60.66 -4.36
CA ALA E 36 20.24 61.08 -3.70
C ALA E 36 20.32 62.52 -3.21
N ASP E 37 19.29 63.29 -3.51
CA ASP E 37 19.16 64.64 -2.99
C ASP E 37 18.41 64.59 -1.67
N ALA E 38 18.35 65.73 -0.98
CA ALA E 38 17.71 65.79 0.33
C ALA E 38 16.26 65.33 0.28
N GLY E 39 15.89 64.45 1.20
CA GLY E 39 14.53 63.95 1.28
C GLY E 39 14.23 62.76 0.38
N ALA E 40 15.18 62.41 -0.47
CA ALA E 40 15.01 61.24 -1.33
C ALA E 40 15.57 60.00 -0.66
N ILE E 41 14.91 58.86 -0.87
CA ILE E 41 15.39 57.63 -0.28
C ILE E 41 16.26 56.87 -1.29
N ASP E 42 17.50 56.59 -0.90
CA ASP E 42 18.41 55.82 -1.75
C ASP E 42 18.25 54.35 -1.41
N ALA E 43 17.69 53.57 -2.34
CA ALA E 43 17.52 52.14 -2.08
C ALA E 43 18.81 51.37 -2.30
N GLN E 44 19.83 52.02 -2.85
CA GLN E 44 21.15 51.42 -3.00
C GLN E 44 21.13 50.05 -3.67
N GLY E 45 20.36 49.94 -4.74
CA GLY E 45 20.31 48.71 -5.52
C GLY E 45 19.48 47.60 -4.87
N ARG E 46 18.73 47.95 -3.84
CA ARG E 46 17.81 46.99 -3.21
C ARG E 46 16.47 46.94 -3.92
N LEU E 47 15.77 45.83 -3.72
CA LEU E 47 14.47 45.57 -4.30
C LEU E 47 13.36 46.37 -3.63
N ALA E 48 12.53 47.03 -4.45
CA ALA E 48 11.27 47.57 -3.97
C ALA E 48 10.14 46.63 -4.40
N ILE E 49 9.29 46.24 -3.45
CA ILE E 49 8.15 45.39 -3.74
C ILE E 49 6.90 45.95 -3.08
N PRO E 50 5.71 45.58 -3.59
CA PRO E 50 4.52 45.88 -2.80
C PRO E 50 4.57 45.07 -1.50
N PRO E 51 3.75 45.44 -0.49
CA PRO E 51 3.89 44.84 0.85
C PRO E 51 3.65 43.34 0.87
N PHE E 52 4.25 42.65 1.84
CA PHE E 52 3.92 41.24 2.04
C PHE E 52 2.46 41.13 2.44
N VAL E 53 1.84 40.01 2.08
CA VAL E 53 0.47 39.74 2.47
C VAL E 53 0.46 38.54 3.40
N GLU E 54 -0.36 38.61 4.44
CA GLU E 54 -0.67 37.44 5.26
C GLU E 54 -2.13 37.07 5.04
N PRO E 55 -2.39 36.20 4.04
CA PRO E 55 -3.76 35.94 3.63
C PRO E 55 -4.53 34.93 4.49
N HIS E 56 -3.89 34.42 5.55
CA HIS E 56 -4.53 33.39 6.35
C HIS E 56 -3.86 33.27 7.71
N ILE E 57 -4.48 33.86 8.73
CA ILE E 57 -3.98 33.74 10.09
C ILE E 57 -5.17 33.72 11.06
N HIS E 58 -4.97 33.14 12.24
CA HIS E 58 -5.99 33.12 13.30
C HIS E 58 -5.64 34.07 14.43
N LEU E 59 -6.05 35.33 14.27
CA LEU E 59 -5.68 36.37 15.23
C LEU E 59 -6.42 36.21 16.56
N ASP E 60 -7.57 35.55 16.54
CA ASP E 60 -8.30 35.35 17.80
C ASP E 60 -7.57 34.40 18.76
N ALA E 61 -6.80 33.48 18.22
CA ALA E 61 -6.13 32.47 19.01
C ALA E 61 -4.65 32.76 19.20
N THR E 62 -4.15 33.81 18.54
CA THR E 62 -2.70 34.08 18.59
C THR E 62 -2.22 34.33 20.03
N LEU E 63 -1.04 33.81 20.33
CA LEU E 63 -0.35 33.99 21.62
C LEU E 63 -1.08 33.34 22.80
N THR E 64 -1.82 32.26 22.53
CA THR E 64 -2.47 31.51 23.60
C THR E 64 -1.90 30.11 23.82
N ALA E 65 -0.80 29.79 23.13
CA ALA E 65 -0.21 28.46 23.26
C ALA E 65 0.06 28.12 24.73
N GLY E 66 -0.39 26.95 25.17
CA GLY E 66 -0.20 26.52 26.54
C GLY E 66 -1.27 26.92 27.54
N GLU E 67 -2.29 27.65 27.11
CA GLU E 67 -3.35 28.12 28.00
C GLU E 67 -4.68 27.42 27.70
N PRO E 68 -5.20 26.62 28.65
CA PRO E 68 -4.64 26.30 29.96
C PRO E 68 -3.70 25.08 29.95
N GLU E 69 -3.60 24.37 28.83
CA GLU E 69 -2.61 23.30 28.73
C GLU E 69 -2.11 23.16 27.29
N TRP E 70 -1.07 22.37 27.10
CA TRP E 70 -0.45 22.25 25.79
C TRP E 70 -1.09 21.20 24.89
N ASN E 71 -0.97 21.40 23.58
CA ASN E 71 -1.37 20.43 22.57
C ASN E 71 -0.27 19.36 22.47
N ARG E 72 -0.41 18.28 23.22
CA ARG E 72 0.67 17.33 23.35
C ARG E 72 0.87 16.47 22.11
N SER E 73 -0.21 16.12 21.43
CA SER E 73 -0.11 15.26 20.25
C SER E 73 0.33 16.03 19.01
N GLY E 74 0.15 17.35 19.02
CA GLY E 74 0.49 18.16 17.86
C GLY E 74 -0.46 17.94 16.70
N THR E 75 -1.73 17.68 16.99
CA THR E 75 -2.72 17.43 15.95
C THR E 75 -3.77 18.51 15.86
N LEU E 76 -4.42 18.59 14.69
CA LEU E 76 -5.52 19.53 14.51
C LEU E 76 -6.57 19.34 15.59
N PHE E 77 -6.92 18.08 15.85
CA PHE E 77 -8.05 17.79 16.71
C PHE E 77 -7.79 18.10 18.16
N GLU E 78 -6.60 17.78 18.63
CA GLU E 78 -6.28 18.18 20.00
C GLU E 78 -6.21 19.71 20.11
N GLY E 79 -5.74 20.37 19.04
CA GLY E 79 -5.67 21.82 19.04
C GLY E 79 -7.06 22.43 19.20
N ILE E 80 -8.02 21.83 18.51
CA ILE E 80 -9.43 22.26 18.63
C ILE E 80 -9.94 22.09 20.06
N THR E 81 -9.58 20.98 20.70
CA THR E 81 -9.98 20.74 22.09
C THR E 81 -9.37 21.78 23.03
N ARG E 82 -8.09 22.07 22.86
CA ARG E 82 -7.41 23.05 23.70
C ARG E 82 -7.98 24.45 23.49
N TRP E 83 -8.29 24.77 22.24
CA TRP E 83 -8.89 26.05 21.92
C TRP E 83 -10.27 26.17 22.55
N SER E 84 -11.03 25.07 22.60
CA SER E 84 -12.31 25.07 23.28
C SER E 84 -12.14 25.43 24.75
N GLN E 85 -11.11 24.87 25.37
CA GLN E 85 -10.79 25.20 26.75
C GLN E 85 -10.45 26.68 26.92
N ARG E 86 -9.66 27.22 25.98
CA ARG E 86 -9.22 28.61 26.04
C ARG E 86 -10.40 29.57 25.83
N LYS E 87 -11.36 29.17 25.02
CA LYS E 87 -12.54 29.99 24.76
C LYS E 87 -13.31 30.32 26.03
N ALA E 88 -13.21 29.44 27.03
CA ALA E 88 -13.89 29.66 28.30
C ALA E 88 -13.34 30.86 29.08
N SER E 89 -12.19 31.39 28.69
CA SER E 89 -11.67 32.56 29.39
C SER E 89 -11.37 33.73 28.44
N ILE E 90 -11.72 33.58 27.17
CA ILE E 90 -11.56 34.64 26.18
C ILE E 90 -12.45 35.84 26.55
N THR E 91 -11.89 37.04 26.49
CA THR E 91 -12.68 38.27 26.55
C THR E 91 -12.23 39.17 25.40
N PRO E 92 -13.05 40.17 25.01
CA PRO E 92 -12.64 41.02 23.89
C PRO E 92 -11.36 41.81 24.17
N GLU E 93 -11.11 42.20 25.42
CA GLU E 93 -9.89 42.95 25.73
C GLU E 93 -8.67 42.05 25.68
N ASP E 94 -8.82 40.82 26.17
CA ASP E 94 -7.81 39.77 26.01
C ASP E 94 -7.45 39.56 24.54
N THR E 95 -8.48 39.41 23.71
CA THR E 95 -8.30 39.21 22.28
C THR E 95 -7.61 40.41 21.63
N ARG E 96 -8.03 41.62 22.00
CA ARG E 96 -7.49 42.84 21.42
C ARG E 96 -5.98 42.98 21.66
N GLN E 97 -5.56 42.75 22.90
CA GLN E 97 -4.15 42.90 23.28
C GLN E 97 -3.29 41.90 22.51
N ARG E 98 -3.76 40.65 22.45
CA ARG E 98 -3.02 39.62 21.73
C ARG E 98 -2.97 39.92 20.24
N ALA E 99 -4.11 40.30 19.65
CA ALA E 99 -4.15 40.55 18.21
C ALA E 99 -3.26 41.73 17.82
N LEU E 100 -3.26 42.77 18.64
CA LEU E 100 -2.44 43.94 18.34
C LEU E 100 -0.94 43.66 18.40
N LYS E 101 -0.53 42.84 19.35
CA LYS E 101 0.88 42.48 19.45
C LYS E 101 1.32 41.66 18.21
N THR E 102 0.49 40.72 17.80
CA THR E 102 0.82 39.88 16.64
C THR E 102 0.80 40.72 15.37
N ILE E 103 -0.15 41.63 15.28
CA ILE E 103 -0.17 42.59 14.17
C ILE E 103 1.13 43.41 14.13
N GLY E 104 1.66 43.77 15.31
CA GLY E 104 2.93 44.48 15.37
C GLY E 104 4.07 43.65 14.77
N MET E 105 4.09 42.37 15.07
CA MET E 105 5.07 41.44 14.51
C MET E 105 4.96 41.38 12.98
N LEU E 106 3.74 41.26 12.48
CA LEU E 106 3.50 41.26 11.04
C LEU E 106 4.01 42.56 10.39
N ARG E 107 3.71 43.68 11.04
CA ARG E 107 4.14 44.99 10.57
C ARG E 107 5.67 45.06 10.49
N ASP E 108 6.32 44.51 11.51
CA ASP E 108 7.77 44.48 11.60
C ASP E 108 8.38 43.72 10.42
N PHE E 109 7.61 42.79 9.86
CA PHE E 109 8.11 41.99 8.76
C PHE E 109 7.48 42.36 7.42
N GLY E 110 6.97 43.59 7.33
CA GLY E 110 6.50 44.14 6.07
C GLY E 110 5.11 43.78 5.60
N VAL E 111 4.30 43.18 6.48
CA VAL E 111 2.94 42.82 6.10
C VAL E 111 1.99 44.00 6.28
N GLN E 112 1.28 44.38 5.22
CA GLN E 112 0.30 45.47 5.30
C GLN E 112 -1.11 45.00 4.96
N HIS E 113 -1.24 43.72 4.61
CA HIS E 113 -2.53 43.14 4.28
C HIS E 113 -2.72 41.82 4.98
N VAL E 114 -3.81 41.69 5.72
CA VAL E 114 -4.02 40.52 6.56
C VAL E 114 -5.46 40.04 6.46
N ARG E 115 -5.65 38.73 6.29
CA ARG E 115 -6.97 38.15 6.39
C ARG E 115 -6.95 37.24 7.61
N THR E 116 -7.78 37.56 8.60
CA THR E 116 -7.82 36.74 9.80
C THR E 116 -9.09 35.92 9.87
N HIS E 117 -8.97 34.68 10.34
CA HIS E 117 -10.15 33.88 10.65
C HIS E 117 -10.51 34.12 12.11
N VAL E 118 -11.81 34.18 12.39
CA VAL E 118 -12.27 34.32 13.76
C VAL E 118 -13.33 33.28 14.07
N ASP E 119 -13.11 32.51 15.12
CA ASP E 119 -14.07 31.49 15.54
C ASP E 119 -15.39 32.13 15.95
N VAL E 120 -16.44 31.85 15.18
CA VAL E 120 -17.75 32.40 15.53
C VAL E 120 -18.67 31.31 16.10
N THR E 121 -18.11 30.12 16.35
CA THR E 121 -18.86 29.14 17.12
C THR E 121 -18.62 29.42 18.58
N ASP E 122 -19.17 30.54 19.03
CA ASP E 122 -19.02 31.08 20.37
C ASP E 122 -20.18 32.05 20.47
N PRO E 123 -21.19 31.71 21.27
CA PRO E 123 -22.42 32.50 21.23
C PRO E 123 -22.20 33.92 21.73
N SER E 124 -21.11 34.16 22.46
CA SER E 124 -20.76 35.52 22.90
C SER E 124 -20.22 36.38 21.76
N LEU E 125 -19.72 35.72 20.70
CA LEU E 125 -19.05 36.40 19.58
C LEU E 125 -18.05 37.48 20.05
N ALA E 126 -17.35 37.18 21.13
CA ALA E 126 -16.44 38.13 21.77
C ALA E 126 -15.24 38.51 20.87
N ALA E 127 -14.57 37.50 20.33
CA ALA E 127 -13.39 37.76 19.51
C ALA E 127 -13.77 38.44 18.19
N LEU E 128 -14.93 38.08 17.64
CA LEU E 128 -15.39 38.71 16.41
C LEU E 128 -15.55 40.22 16.62
N GLN E 129 -16.23 40.59 17.70
CA GLN E 129 -16.43 42.01 18.00
C GLN E 129 -15.10 42.71 18.29
N ALA E 130 -14.23 42.02 19.03
CA ALA E 130 -12.90 42.56 19.28
C ALA E 130 -12.15 42.83 17.98
N LEU E 131 -12.18 41.87 17.06
CA LEU E 131 -11.43 42.00 15.82
C LEU E 131 -12.05 42.98 14.81
N LEU E 132 -13.37 43.09 14.79
CA LEU E 132 -14.02 44.14 14.00
C LEU E 132 -13.50 45.51 14.46
N ALA E 133 -13.35 45.68 15.77
CA ALA E 133 -12.83 46.95 16.29
C ALA E 133 -11.33 47.12 16.00
N VAL E 134 -10.57 46.03 16.10
CA VAL E 134 -9.14 46.07 15.79
C VAL E 134 -8.89 46.47 14.33
N LYS E 135 -9.77 46.02 13.45
CA LYS E 135 -9.68 46.38 12.03
C LYS E 135 -9.61 47.90 11.86
N GLN E 136 -10.42 48.61 12.63
CA GLN E 136 -10.39 50.07 12.62
C GLN E 136 -9.18 50.62 13.36
N GLU E 137 -8.91 50.08 14.54
CA GLU E 137 -7.82 50.59 15.38
C GLU E 137 -6.45 50.47 14.72
N ALA E 138 -6.24 49.37 13.99
CA ALA E 138 -4.95 49.09 13.38
C ALA E 138 -4.86 49.45 11.89
N ALA E 139 -5.81 50.23 11.38
CA ALA E 139 -5.79 50.64 9.97
C ALA E 139 -4.57 51.49 9.59
N ASP E 140 -3.90 52.09 10.57
CA ASP E 140 -2.67 52.84 10.29
C ASP E 140 -1.51 51.90 9.93
N LEU E 141 -1.68 50.61 10.21
CA LEU E 141 -0.66 49.62 9.94
C LEU E 141 -1.04 48.63 8.85
N ILE E 142 -2.29 48.17 8.87
CA ILE E 142 -2.71 47.09 7.99
C ILE E 142 -4.15 47.25 7.51
N ASP E 143 -4.45 46.58 6.40
CA ASP E 143 -5.83 46.43 5.97
C ASP E 143 -6.26 45.03 6.38
N LEU E 144 -7.17 44.94 7.34
CA LEU E 144 -7.59 43.65 7.88
C LEU E 144 -8.91 43.16 7.28
N GLN E 145 -8.90 41.93 6.78
CA GLN E 145 -10.12 41.24 6.39
C GLN E 145 -10.49 40.25 7.48
N ILE E 146 -11.78 40.11 7.74
CA ILE E 146 -12.24 39.20 8.80
C ILE E 146 -13.14 38.10 8.25
N VAL E 147 -12.78 36.86 8.56
CA VAL E 147 -13.55 35.70 8.11
C VAL E 147 -14.35 35.14 9.28
N ALA E 148 -15.67 34.99 9.08
CA ALA E 148 -16.50 34.26 10.02
C ALA E 148 -16.23 32.76 9.89
N PHE E 149 -15.49 32.22 10.84
CA PHE E 149 -14.96 30.86 10.76
C PHE E 149 -15.65 29.99 11.79
N PRO E 150 -16.46 29.02 11.33
CA PRO E 150 -17.21 28.23 12.30
C PRO E 150 -16.38 27.03 12.77
N GLN E 151 -15.50 27.27 13.75
CA GLN E 151 -14.50 26.25 14.14
C GLN E 151 -15.10 24.89 14.48
N GLU E 152 -16.22 24.89 15.19
CA GLU E 152 -16.78 23.63 15.63
C GLU E 152 -17.91 23.14 14.72
N GLY E 153 -17.96 23.72 13.52
CA GLY E 153 -18.90 23.30 12.49
C GLY E 153 -20.16 24.13 12.42
N ILE E 154 -20.75 24.19 11.23
CA ILE E 154 -21.99 24.95 11.01
C ILE E 154 -23.21 24.11 11.34
N GLU E 155 -23.19 22.85 10.92
CA GLU E 155 -24.37 22.00 11.08
C GLU E 155 -24.27 21.24 12.40
N SER E 156 -23.09 21.27 12.98
CA SER E 156 -22.73 20.37 14.07
C SER E 156 -22.65 21.09 15.42
N TYR E 157 -22.87 22.40 15.42
CA TYR E 157 -22.75 23.21 16.63
C TYR E 157 -24.08 23.94 16.83
N PRO E 158 -24.53 24.08 18.10
CA PRO E 158 -25.82 24.72 18.39
C PRO E 158 -25.96 26.10 17.76
N ASN E 159 -27.04 26.30 17.00
CA ASN E 159 -27.31 27.56 16.27
C ASN E 159 -26.16 28.01 15.36
N GLY E 160 -25.43 27.05 14.79
CA GLY E 160 -24.32 27.35 13.91
C GLY E 160 -24.66 28.23 12.73
N ARG E 161 -25.76 27.94 12.05
CA ARG E 161 -26.20 28.76 10.92
C ARG E 161 -26.53 30.18 11.36
N GLU E 162 -27.27 30.30 12.47
CA GLU E 162 -27.65 31.61 13.01
C GLU E 162 -26.42 32.42 13.41
N LEU E 163 -25.42 31.76 14.00
CA LEU E 163 -24.19 32.45 14.39
C LEU E 163 -23.40 32.96 13.17
N MET E 164 -23.31 32.14 12.11
CA MET E 164 -22.67 32.58 10.87
C MET E 164 -23.37 33.80 10.30
N THR E 165 -24.69 33.73 10.25
CA THR E 165 -25.49 34.82 9.70
C THR E 165 -25.30 36.10 10.51
N ARG E 166 -25.34 35.99 11.83
CA ARG E 166 -25.16 37.16 12.68
C ARG E 166 -23.77 37.75 12.50
N ALA E 167 -22.78 36.87 12.35
CA ALA E 167 -21.40 37.31 12.16
C ALA E 167 -21.27 38.11 10.87
N ILE E 168 -21.99 37.68 9.84
CA ILE E 168 -21.96 38.39 8.57
C ILE E 168 -22.68 39.73 8.71
N GLU E 169 -23.82 39.71 9.39
CA GLU E 169 -24.60 40.92 9.61
C GLU E 169 -23.83 41.94 10.43
N MET E 170 -22.98 41.47 11.32
CA MET E 170 -22.16 42.35 12.14
C MET E 170 -21.02 42.96 11.36
N GLY E 171 -20.69 42.40 10.20
CA GLY E 171 -19.71 43.02 9.33
C GLY E 171 -18.49 42.20 8.90
N ALA E 172 -18.45 40.91 9.20
CA ALA E 172 -17.36 40.07 8.69
C ALA E 172 -17.36 40.12 7.16
N ASP E 173 -16.18 40.31 6.57
CA ASP E 173 -16.04 40.52 5.13
C ASP E 173 -16.06 39.23 4.33
N VAL E 174 -15.79 38.12 5.02
CA VAL E 174 -15.56 36.85 4.36
C VAL E 174 -16.32 35.77 5.12
N VAL E 175 -16.93 34.84 4.38
CA VAL E 175 -17.63 33.71 4.98
C VAL E 175 -16.71 32.51 4.99
N GLY E 176 -16.55 31.87 6.16
CA GLY E 176 -15.68 30.70 6.26
C GLY E 176 -16.45 29.39 6.33
N GLY E 177 -15.74 28.30 6.59
CA GLY E 177 -16.36 26.99 6.73
C GLY E 177 -15.34 25.95 7.17
N ILE E 178 -15.81 24.75 7.48
CA ILE E 178 -14.90 23.67 7.84
C ILE E 178 -15.59 22.31 7.50
N PRO E 179 -15.93 22.11 6.20
CA PRO E 179 -16.79 20.97 5.85
C PRO E 179 -16.21 19.63 6.28
N HIS E 180 -14.89 19.47 6.24
CA HIS E 180 -14.30 18.18 6.59
C HIS E 180 -14.45 17.87 8.07
N TYR E 181 -14.76 18.88 8.88
CA TYR E 181 -14.92 18.67 10.32
C TYR E 181 -16.38 18.44 10.73
N GLU E 182 -17.31 18.63 9.81
CA GLU E 182 -18.73 18.40 10.14
C GLU E 182 -18.91 16.91 10.45
N ASN E 183 -19.89 16.60 11.29
CA ASN E 183 -20.01 15.25 11.85
C ASN E 183 -20.25 14.12 10.84
N THR E 184 -20.89 14.43 9.71
CA THR E 184 -21.09 13.44 8.66
C THR E 184 -20.77 14.06 7.31
N ARG E 185 -20.53 13.21 6.32
CA ARG E 185 -20.26 13.70 4.97
C ARG E 185 -21.44 14.53 4.42
N ASP E 186 -22.66 14.07 4.63
CA ASP E 186 -23.82 14.78 4.10
C ASP E 186 -23.92 16.16 4.73
N LYS E 187 -23.51 16.27 5.99
CA LYS E 187 -23.47 17.57 6.66
C LYS E 187 -22.33 18.47 6.19
N GLY E 188 -21.19 17.88 5.86
CA GLY E 188 -20.14 18.62 5.21
C GLY E 188 -20.65 19.26 3.94
N VAL E 189 -21.38 18.48 3.14
CA VAL E 189 -21.90 18.99 1.88
C VAL E 189 -22.90 20.13 2.09
N SER E 190 -23.84 19.92 3.00
CA SER E 190 -24.84 20.95 3.24
C SER E 190 -24.23 22.22 3.82
N SER E 191 -23.16 22.08 4.62
CA SER E 191 -22.52 23.28 5.16
C SER E 191 -21.97 24.14 4.01
N VAL E 192 -21.46 23.50 2.97
CA VAL E 192 -20.91 24.24 1.84
C VAL E 192 -22.03 24.95 1.08
N MET E 193 -23.15 24.25 0.87
CA MET E 193 -24.29 24.89 0.23
C MET E 193 -24.78 26.09 1.01
N PHE E 194 -24.93 25.91 2.33
CA PHE E 194 -25.32 27.01 3.20
C PHE E 194 -24.37 28.21 3.12
N LEU E 195 -23.06 27.96 3.27
CA LEU E 195 -22.12 29.08 3.34
C LEU E 195 -22.02 29.84 2.01
N MET E 196 -22.13 29.11 0.90
CA MET E 196 -22.12 29.76 -0.41
C MET E 196 -23.38 30.61 -0.61
N ASP E 197 -24.52 30.10 -0.15
CA ASP E 197 -25.76 30.87 -0.17
C ASP E 197 -25.64 32.14 0.66
N LEU E 198 -24.99 32.01 1.82
CA LEU E 198 -24.85 33.14 2.73
C LEU E 198 -23.96 34.21 2.09
N ALA E 199 -22.84 33.76 1.52
CA ALA E 199 -21.91 34.67 0.84
C ALA E 199 -22.57 35.38 -0.33
N GLN E 200 -23.27 34.62 -1.15
CA GLN E 200 -23.90 35.17 -2.34
C GLN E 200 -24.98 36.16 -1.94
N ARG E 201 -25.76 35.80 -0.92
CA ARG E 201 -26.87 36.62 -0.48
C ARG E 201 -26.38 37.98 0.02
N TYR E 202 -25.25 37.99 0.73
CA TYR E 202 -24.78 39.21 1.38
C TYR E 202 -23.65 39.88 0.61
N GLY E 203 -23.28 39.29 -0.52
CA GLY E 203 -22.21 39.80 -1.34
C GLY E 203 -20.85 39.79 -0.66
N ARG E 204 -20.49 38.66 -0.04
CA ARG E 204 -19.21 38.56 0.67
C ARG E 204 -18.22 37.62 -0.01
N LEU E 205 -16.96 37.69 0.39
CA LEU E 205 -15.95 36.76 -0.08
C LEU E 205 -16.11 35.47 0.68
N VAL E 206 -15.41 34.43 0.22
CA VAL E 206 -15.47 33.11 0.82
C VAL E 206 -14.06 32.61 1.02
N ASP E 207 -13.78 32.01 2.17
CA ASP E 207 -12.49 31.39 2.39
C ASP E 207 -12.67 30.25 3.38
N VAL E 208 -12.60 29.02 2.86
CA VAL E 208 -13.02 27.85 3.61
C VAL E 208 -11.83 26.99 4.03
N HIS E 209 -11.84 26.53 5.27
CA HIS E 209 -10.91 25.50 5.73
C HIS E 209 -11.42 24.21 5.13
N CYS E 210 -10.80 23.79 4.04
CA CYS E 210 -11.53 22.90 3.14
C CYS E 210 -11.38 21.39 3.38
N ASP E 211 -10.16 20.90 3.40
CA ASP E 211 -9.94 19.46 3.62
C ASP E 211 -8.64 19.35 4.41
N GLU E 212 -8.61 19.95 5.59
CA GLU E 212 -7.41 19.97 6.44
C GLU E 212 -7.22 18.65 7.19
N ILE E 213 -6.94 17.58 6.46
CA ILE E 213 -6.91 16.25 7.05
C ILE E 213 -6.23 15.34 6.03
N ASP E 214 -5.63 14.24 6.49
CA ASP E 214 -4.85 13.40 5.58
C ASP E 214 -5.70 12.34 4.92
N ASP E 215 -7.01 12.40 5.13
CA ASP E 215 -7.94 11.39 4.59
C ASP E 215 -8.14 11.60 3.08
N PRO E 216 -7.71 10.62 2.25
CA PRO E 216 -7.87 10.71 0.80
C PRO E 216 -9.33 10.85 0.36
N GLN E 217 -10.29 10.53 1.24
CA GLN E 217 -11.69 10.65 0.84
C GLN E 217 -12.34 11.95 1.34
N SER E 218 -11.54 12.82 1.94
CA SER E 218 -12.00 14.18 2.20
C SER E 218 -11.98 15.02 0.91
N ARG E 219 -13.14 15.11 0.28
CA ARG E 219 -13.23 15.72 -1.03
C ARG E 219 -14.28 16.82 -1.06
N PHE E 220 -14.26 17.68 -0.04
CA PHE E 220 -15.23 18.76 -0.02
C PHE E 220 -14.82 19.86 -0.99
N LEU E 221 -13.55 19.87 -1.36
CA LEU E 221 -13.05 20.80 -2.37
C LEU E 221 -13.87 20.76 -3.65
N GLU E 222 -14.24 19.57 -4.14
CA GLU E 222 -15.01 19.50 -5.39
C GLU E 222 -16.35 20.21 -5.23
N VAL E 223 -16.95 20.11 -4.05
CA VAL E 223 -18.24 20.76 -3.83
C VAL E 223 -18.10 22.28 -3.84
N LEU E 224 -17.08 22.77 -3.15
CA LEU E 224 -16.80 24.20 -3.09
C LEU E 224 -16.51 24.76 -4.49
N ALA E 225 -15.64 24.07 -5.24
CA ALA E 225 -15.28 24.57 -6.56
C ALA E 225 -16.49 24.55 -7.51
N GLU E 226 -17.33 23.53 -7.40
CA GLU E 226 -18.50 23.48 -8.28
C GLU E 226 -19.53 24.55 -7.94
N GLU E 227 -19.71 24.84 -6.65
CA GLU E 227 -20.62 25.94 -6.29
C GLU E 227 -20.05 27.27 -6.78
N ALA E 228 -18.74 27.46 -6.63
CA ALA E 228 -18.10 28.68 -7.13
C ALA E 228 -18.30 28.82 -8.63
N ARG E 229 -18.09 27.73 -9.36
CA ARG E 229 -18.20 27.74 -10.81
C ARG E 229 -19.63 28.09 -11.26
N VAL E 230 -20.61 27.41 -10.69
CA VAL E 230 -22.01 27.55 -11.08
C VAL E 230 -22.56 28.95 -10.75
N ARG E 231 -22.07 29.52 -9.66
CA ARG E 231 -22.54 30.84 -9.23
C ARG E 231 -21.71 31.98 -9.82
N GLY E 232 -20.68 31.64 -10.58
CA GLY E 232 -19.79 32.62 -11.17
C GLY E 232 -19.05 33.45 -10.12
N MET E 233 -18.67 32.79 -9.02
CA MET E 233 -18.09 33.47 -7.85
C MET E 233 -16.62 33.14 -7.67
N GLY E 234 -16.04 32.46 -8.64
CA GLY E 234 -14.71 31.90 -8.51
C GLY E 234 -13.66 32.83 -7.92
N ALA E 235 -13.56 34.02 -8.50
CA ALA E 235 -12.56 35.00 -8.07
C ALA E 235 -12.73 35.41 -6.61
N GLN E 236 -13.95 35.29 -6.11
CA GLN E 236 -14.27 35.67 -4.73
C GLN E 236 -14.11 34.52 -3.73
N VAL E 237 -13.70 33.34 -4.20
CA VAL E 237 -13.63 32.16 -3.35
C VAL E 237 -12.20 31.64 -3.18
N THR E 238 -11.84 31.30 -1.95
CA THR E 238 -10.54 30.69 -1.66
C THR E 238 -10.73 29.39 -0.89
N ALA E 239 -9.98 28.36 -1.29
CA ALA E 239 -9.87 27.14 -0.52
C ALA E 239 -8.56 27.14 0.26
N SER E 240 -8.65 27.12 1.59
CA SER E 240 -7.46 27.04 2.45
C SER E 240 -7.27 25.61 2.98
N HIS E 241 -6.02 25.23 3.22
CA HIS E 241 -5.70 23.91 3.80
C HIS E 241 -6.33 22.77 3.00
N THR E 242 -6.04 22.67 1.72
CA THR E 242 -6.47 21.48 0.96
C THR E 242 -5.43 20.39 1.13
N CYS E 243 -5.07 20.10 2.38
CA CYS E 243 -4.04 19.09 2.67
C CYS E 243 -4.39 17.72 2.09
N ALA E 244 -5.68 17.37 2.12
CA ALA E 244 -6.11 16.06 1.61
C ALA E 244 -5.70 15.87 0.16
N MET E 245 -5.60 16.97 -0.59
CA MET E 245 -5.19 16.89 -1.98
C MET E 245 -3.78 16.27 -2.11
N GLY E 246 -2.95 16.47 -1.10
CA GLY E 246 -1.63 15.84 -1.09
C GLY E 246 -1.69 14.34 -0.90
N SER E 247 -2.88 13.80 -0.66
CA SER E 247 -3.03 12.35 -0.54
C SER E 247 -4.07 11.78 -1.52
N TYR E 248 -4.59 12.59 -2.44
CA TYR E 248 -5.65 12.10 -3.34
C TYR E 248 -5.17 11.01 -4.28
N ASP E 249 -6.10 10.11 -4.60
CA ASP E 249 -5.93 9.25 -5.75
C ASP E 249 -5.53 10.11 -6.95
N ASN E 250 -4.53 9.67 -7.71
CA ASN E 250 -4.01 10.53 -8.77
C ASN E 250 -4.93 10.67 -9.98
N ALA E 251 -5.67 9.61 -10.31
CA ALA E 251 -6.63 9.68 -11.41
C ALA E 251 -7.74 10.68 -11.04
N TYR E 252 -8.28 10.56 -9.84
CA TYR E 252 -9.25 11.54 -9.35
C TYR E 252 -8.68 12.97 -9.38
N CYS E 253 -7.43 13.12 -8.93
CA CYS E 253 -6.91 14.47 -8.79
C CYS E 253 -6.73 15.15 -10.16
N SER E 254 -6.32 14.37 -11.14
CA SER E 254 -6.21 14.86 -12.51
C SER E 254 -7.57 15.33 -13.04
N LYS E 255 -8.59 14.53 -12.82
CA LYS E 255 -9.95 14.92 -13.21
C LYS E 255 -10.41 16.17 -12.48
N LEU E 256 -10.14 16.22 -11.17
CA LEU E 256 -10.51 17.36 -10.34
C LEU E 256 -9.89 18.68 -10.81
N PHE E 257 -8.63 18.63 -11.26
CA PHE E 257 -7.95 19.85 -11.71
C PHE E 257 -8.70 20.58 -12.82
N ARG E 258 -9.41 19.82 -13.67
CA ARG E 258 -10.20 20.42 -14.74
C ARG E 258 -11.25 21.37 -14.13
N LEU E 259 -11.90 20.92 -13.08
CA LEU E 259 -12.92 21.71 -12.40
C LEU E 259 -12.25 22.84 -11.63
N LEU E 260 -11.11 22.56 -10.99
CA LEU E 260 -10.43 23.61 -10.23
C LEU E 260 -10.10 24.78 -11.14
N LYS E 261 -9.61 24.46 -12.34
CA LYS E 261 -9.21 25.50 -13.26
C LYS E 261 -10.42 26.27 -13.79
N ALA E 262 -11.49 25.55 -14.12
CA ALA E 262 -12.69 26.17 -14.65
C ALA E 262 -13.40 27.03 -13.60
N SER E 263 -13.27 26.67 -12.33
CA SER E 263 -13.98 27.38 -11.26
C SER E 263 -13.35 28.74 -11.00
N GLY E 264 -12.05 28.84 -11.23
CA GLY E 264 -11.31 30.07 -10.97
C GLY E 264 -11.03 30.41 -9.51
N ILE E 265 -11.21 29.46 -8.60
CA ILE E 265 -10.98 29.77 -7.19
C ILE E 265 -9.50 29.83 -6.85
N ASN E 266 -9.21 30.45 -5.70
CA ASN E 266 -7.85 30.57 -5.21
C ASN E 266 -7.53 29.54 -4.15
N PHE E 267 -6.24 29.31 -3.93
CA PHE E 267 -5.78 28.34 -2.94
C PHE E 267 -4.76 28.97 -2.00
N ILE E 268 -4.86 28.62 -0.72
CA ILE E 268 -3.85 29.04 0.27
C ILE E 268 -3.30 27.80 0.95
N SER E 269 -1.98 27.72 0.98
CA SER E 269 -1.26 26.65 1.63
C SER E 269 -0.48 27.23 2.82
N CYS E 270 -0.43 26.48 3.92
CA CYS E 270 0.28 26.91 5.11
C CYS E 270 1.30 25.84 5.45
N PRO E 271 2.46 25.90 4.79
CA PRO E 271 3.41 24.77 4.85
C PRO E 271 4.05 24.50 6.22
N THR E 272 4.39 25.54 7.00
CA THR E 272 4.95 25.26 8.32
C THR E 272 3.90 24.65 9.23
N GLU E 273 2.65 25.09 9.08
CA GLU E 273 1.58 24.55 9.91
C GLU E 273 1.25 23.11 9.51
N SER E 274 1.11 22.88 8.20
CA SER E 274 0.77 21.55 7.73
C SER E 274 1.87 20.53 7.96
N ILE E 275 3.14 20.92 7.86
CA ILE E 275 4.19 19.94 8.10
C ILE E 275 4.14 19.50 9.57
N HIS E 276 3.70 20.43 10.44
CA HIS E 276 3.58 20.16 11.87
C HIS E 276 2.33 19.31 12.21
N LEU E 277 1.18 19.69 11.67
CA LEU E 277 -0.11 19.05 12.00
C LEU E 277 -0.42 17.79 11.19
N GLN E 278 0.11 17.73 9.97
CA GLN E 278 -0.18 16.60 9.07
C GLN E 278 0.88 15.53 9.23
N GLY E 279 0.60 14.33 8.73
CA GLY E 279 1.54 13.21 8.90
C GLY E 279 1.50 12.58 10.26
N ARG E 280 0.58 13.03 11.11
CA ARG E 280 0.56 12.61 12.52
C ARG E 280 -0.08 11.25 12.75
N PHE E 281 -0.79 10.74 11.74
CA PHE E 281 -1.46 9.47 11.88
C PHE E 281 -0.82 8.43 10.99
N ASP E 282 0.31 8.79 10.38
CA ASP E 282 1.13 7.82 9.65
C ASP E 282 2.16 7.30 10.63
N SER E 283 2.73 6.14 10.35
CA SER E 283 3.98 5.81 11.00
C SER E 283 5.11 6.17 10.05
N TRP E 284 5.61 5.17 9.33
CA TRP E 284 6.71 5.38 8.40
C TRP E 284 6.47 4.53 7.17
N PRO E 285 6.65 5.09 5.96
CA PRO E 285 7.01 6.49 5.66
C PRO E 285 5.96 7.49 6.11
N LYS E 286 6.40 8.72 6.34
CA LYS E 286 5.51 9.72 6.87
C LYS E 286 5.23 10.77 5.79
N ARG E 287 3.96 10.97 5.44
CA ARG E 287 3.65 11.88 4.34
C ARG E 287 3.90 13.32 4.74
N ARG E 288 4.19 14.16 3.75
CA ARG E 288 4.35 15.59 3.99
C ARG E 288 3.05 16.25 4.39
N GLY E 289 1.96 15.87 3.73
CA GLY E 289 0.64 16.39 4.07
C GLY E 289 0.33 17.79 3.54
N VAL E 290 1.09 18.25 2.56
CA VAL E 290 0.85 19.58 2.01
C VAL E 290 0.14 19.45 0.66
N THR E 291 -0.73 20.41 0.34
CA THR E 291 -1.42 20.40 -0.95
C THR E 291 -0.43 20.48 -2.12
N ARG E 292 -0.93 20.22 -3.33
CA ARG E 292 -0.09 20.14 -4.53
C ARG E 292 0.19 21.54 -5.09
N VAL E 293 0.95 22.31 -4.34
CA VAL E 293 1.19 23.71 -4.68
C VAL E 293 1.84 23.91 -6.05
N ALA E 294 2.95 23.22 -6.31
CA ALA E 294 3.63 23.39 -7.59
C ALA E 294 2.74 23.02 -8.76
N GLU E 295 1.95 21.95 -8.57
CA GLU E 295 1.06 21.45 -9.61
C GLU E 295 -0.09 22.42 -9.90
N LEU E 296 -0.67 23.01 -8.84
CA LEU E 296 -1.70 24.03 -9.01
C LEU E 296 -1.14 25.23 -9.79
N ASP E 297 0.03 25.68 -9.37
CA ASP E 297 0.68 26.81 -10.02
C ASP E 297 0.96 26.54 -11.50
N ARG E 298 1.45 25.34 -11.78
CA ARG E 298 1.73 24.94 -13.16
C ARG E 298 0.47 24.89 -14.01
N ALA E 299 -0.65 24.53 -13.40
CA ALA E 299 -1.92 24.46 -14.11
C ALA E 299 -2.54 25.85 -14.31
N GLY E 300 -1.87 26.88 -13.82
CA GLY E 300 -2.33 28.25 -13.97
C GLY E 300 -3.37 28.62 -12.93
N ILE E 301 -3.41 27.87 -11.84
CA ILE E 301 -4.30 28.16 -10.73
C ILE E 301 -3.55 29.00 -9.69
N ASN E 302 -4.21 30.03 -9.15
CA ASN E 302 -3.54 30.93 -8.21
C ASN E 302 -3.39 30.30 -6.83
N VAL E 303 -2.16 30.21 -6.36
CA VAL E 303 -1.90 29.62 -5.05
C VAL E 303 -0.85 30.48 -4.32
N CYS E 304 -0.94 30.51 -2.99
CA CYS E 304 -0.06 31.37 -2.19
C CYS E 304 0.20 30.74 -0.82
N PHE E 305 1.14 31.30 -0.07
CA PHE E 305 1.51 30.77 1.25
C PHE E 305 1.06 31.68 2.40
N ALA E 306 0.81 31.07 3.55
CA ALA E 306 0.39 31.81 4.74
C ALA E 306 0.93 31.18 6.03
N GLN E 307 0.97 31.99 7.09
CA GLN E 307 1.52 31.53 8.38
C GLN E 307 0.53 30.70 9.20
N ASP E 308 -0.76 30.99 9.06
CA ASP E 308 -1.83 30.29 9.79
C ASP E 308 -1.86 30.63 11.28
N SER E 309 -0.78 30.30 11.98
CA SER E 309 -0.76 30.42 13.43
C SER E 309 0.49 31.13 13.93
N ILE E 310 0.35 31.91 14.99
CA ILE E 310 1.48 32.37 15.77
C ILE E 310 1.25 32.05 17.24
N GLN E 311 2.04 31.13 17.76
CA GLN E 311 2.02 30.75 19.18
C GLN E 311 0.62 30.49 19.71
N ASP E 312 -0.08 29.54 19.08
CA ASP E 312 -1.47 29.31 19.41
C ASP E 312 -1.72 27.83 19.81
N PRO E 313 -2.99 27.41 20.00
CA PRO E 313 -3.10 26.01 20.42
C PRO E 313 -2.66 24.97 19.38
N TRP E 314 -2.44 25.38 18.14
CA TRP E 314 -2.07 24.41 17.10
C TRP E 314 -0.59 24.43 16.78
N TYR E 315 0.08 25.54 17.04
CA TYR E 315 1.43 25.74 16.55
C TYR E 315 2.21 26.62 17.51
N PRO E 316 3.32 26.12 18.07
CA PRO E 316 3.96 26.85 19.18
C PRO E 316 4.96 27.93 18.77
N LEU E 317 5.28 28.05 17.49
CA LEU E 317 6.28 29.02 17.07
C LEU E 317 5.60 30.17 16.34
N GLY E 318 6.36 30.89 15.53
CA GLY E 318 5.82 32.00 14.77
C GLY E 318 6.41 33.32 15.22
N ASN E 319 6.78 34.18 14.27
CA ASN E 319 7.36 35.48 14.58
C ASN E 319 6.89 36.57 13.64
N GLY E 320 6.02 36.22 12.70
CA GLY E 320 5.44 37.18 11.78
C GLY E 320 6.11 37.25 10.41
N ASN E 321 7.21 36.52 10.26
CA ASN E 321 8.04 36.63 9.06
C ASN E 321 7.62 35.68 7.94
N ILE E 322 6.92 36.20 6.94
CA ILE E 322 6.42 35.39 5.83
C ILE E 322 7.55 34.78 4.99
N LEU E 323 8.75 35.37 5.03
CA LEU E 323 9.83 34.80 4.23
C LEU E 323 10.27 33.44 4.77
N ARG E 324 10.08 33.20 6.07
CA ARG E 324 10.38 31.89 6.63
C ARG E 324 9.38 30.85 6.09
N ILE E 325 8.13 31.27 5.93
CA ILE E 325 7.08 30.39 5.40
C ILE E 325 7.33 30.08 3.93
N LEU E 326 7.73 31.09 3.18
CA LEU E 326 8.08 30.92 1.78
C LEU E 326 9.20 29.88 1.65
N ASP E 327 10.21 30.02 2.50
CA ASP E 327 11.35 29.09 2.49
C ASP E 327 10.87 27.66 2.72
N ALA E 328 10.06 27.49 3.76
CA ALA E 328 9.53 26.16 4.09
C ALA E 328 8.72 25.60 2.92
N GLY E 329 7.86 26.44 2.35
CA GLY E 329 7.01 26.02 1.23
C GLY E 329 7.78 25.56 0.02
N LEU E 330 8.77 26.34 -0.39
CA LEU E 330 9.58 25.96 -1.55
C LEU E 330 10.29 24.62 -1.34
N HIS E 331 10.73 24.36 -0.11
CA HIS E 331 11.37 23.08 0.21
C HIS E 331 10.40 21.91 0.18
N ILE E 332 9.30 22.03 0.92
CA ILE E 332 8.38 20.92 1.12
C ILE E 332 7.61 20.59 -0.18
N CYS E 333 7.35 21.63 -0.97
CA CYS E 333 6.61 21.49 -2.22
C CYS E 333 7.48 21.19 -3.44
N HIS E 334 8.78 20.98 -3.22
CA HIS E 334 9.72 20.69 -4.31
C HIS E 334 9.69 21.79 -5.37
N MET E 335 9.85 23.03 -4.92
CA MET E 335 9.84 24.18 -5.81
C MET E 335 11.16 24.93 -5.67
N LEU E 336 12.27 24.22 -5.73
CA LEU E 336 13.58 24.85 -5.65
C LEU E 336 14.32 24.85 -6.99
N GLY E 337 13.59 24.62 -8.08
CA GLY E 337 14.15 24.80 -9.42
C GLY E 337 14.58 26.23 -9.69
N TYR E 338 15.46 26.41 -10.67
CA TYR E 338 15.99 27.74 -10.98
C TYR E 338 14.88 28.71 -11.35
N ASP E 339 13.95 28.24 -12.19
CA ASP E 339 12.81 29.06 -12.59
C ASP E 339 11.88 29.38 -11.42
N ASP E 340 11.70 28.42 -10.50
CA ASP E 340 10.88 28.65 -9.31
C ASP E 340 11.46 29.78 -8.44
N LEU E 341 12.75 29.73 -8.21
CA LEU E 341 13.42 30.68 -7.32
C LEU E 341 13.39 32.10 -7.85
N GLN E 342 13.40 32.27 -9.16
CA GLN E 342 13.42 33.61 -9.75
C GLN E 342 12.08 34.33 -9.70
N ARG E 343 11.02 33.62 -9.33
CA ARG E 343 9.72 34.27 -9.19
C ARG E 343 9.03 33.92 -7.89
N CYS E 344 9.77 33.39 -6.92
CA CYS E 344 9.13 32.81 -5.73
C CYS E 344 8.40 33.82 -4.84
N LEU E 345 8.75 35.11 -4.97
CA LEU E 345 8.03 36.13 -4.20
C LEU E 345 6.56 36.28 -4.63
N ASP E 346 6.19 35.71 -5.79
CA ASP E 346 4.77 35.71 -6.21
C ASP E 346 3.90 35.15 -5.09
N PHE E 347 4.40 34.13 -4.42
CA PHE E 347 3.60 33.35 -3.49
C PHE E 347 3.32 34.03 -2.16
N VAL E 348 3.95 35.18 -1.92
CA VAL E 348 3.71 35.92 -0.71
C VAL E 348 3.38 37.38 -0.99
N THR E 349 3.23 37.72 -2.27
CA THR E 349 2.86 39.08 -2.65
C THR E 349 1.68 39.06 -3.62
N ASP E 350 1.98 39.03 -4.91
CA ASP E 350 0.97 39.10 -5.97
C ASP E 350 -0.16 38.06 -5.85
N ASN E 351 0.21 36.80 -5.63
CA ASN E 351 -0.80 35.73 -5.58
C ASN E 351 -1.72 35.89 -4.38
N SER E 352 -1.14 36.30 -3.25
CA SER E 352 -1.91 36.50 -2.03
C SER E 352 -2.84 37.70 -2.15
N ALA E 353 -2.39 38.76 -2.82
CA ALA E 353 -3.24 39.94 -3.05
C ALA E 353 -4.44 39.57 -3.94
N ARG E 354 -4.21 38.68 -4.90
CA ARG E 354 -5.28 38.19 -5.77
C ARG E 354 -6.30 37.36 -4.96
N ALA E 355 -5.81 36.53 -4.05
CA ALA E 355 -6.71 35.77 -3.17
C ALA E 355 -7.59 36.72 -2.34
N LEU E 356 -7.03 37.84 -1.93
CA LEU E 356 -7.75 38.80 -1.10
C LEU E 356 -8.56 39.80 -1.93
N CYS E 357 -8.59 39.61 -3.25
CA CYS E 357 -9.28 40.52 -4.16
C CYS E 357 -8.90 42.00 -3.99
N LEU E 358 -7.63 42.27 -3.80
CA LEU E 358 -7.18 43.65 -3.53
C LEU E 358 -7.26 44.55 -4.74
N GLY E 359 -7.08 43.96 -5.92
CA GLY E 359 -7.19 44.70 -7.17
C GLY E 359 -6.19 45.84 -7.29
N ASP E 360 -6.68 46.99 -7.73
CA ASP E 360 -5.84 48.16 -7.97
C ASP E 360 -5.44 48.88 -6.69
N ASN E 361 -5.72 48.25 -5.54
CA ASN E 361 -5.27 48.78 -4.25
C ASN E 361 -3.94 48.17 -3.83
N TYR E 362 -3.36 47.37 -4.73
CA TYR E 362 -2.15 46.63 -4.45
C TYR E 362 -1.25 46.60 -5.67
N GLY E 363 0.06 46.71 -5.46
CA GLY E 363 1.00 46.55 -6.55
C GLY E 363 1.68 47.85 -6.96
N LEU E 364 2.91 47.74 -7.44
CA LEU E 364 3.65 48.92 -7.86
C LEU E 364 3.33 49.31 -9.30
N ALA E 365 2.36 50.21 -9.45
CA ALA E 365 1.94 50.72 -10.74
C ALA E 365 1.42 52.11 -10.50
N GLU E 366 1.66 53.03 -11.44
CA GLU E 366 1.20 54.40 -11.30
C GLU E 366 -0.32 54.47 -11.06
N GLY E 367 -0.72 55.30 -10.10
CA GLY E 367 -2.11 55.48 -9.77
C GLY E 367 -2.50 54.71 -8.53
N ARG E 368 -1.75 53.66 -8.23
CA ARG E 368 -2.06 52.79 -7.11
C ARG E 368 -1.51 53.37 -5.81
N PRO E 369 -2.01 52.89 -4.65
CA PRO E 369 -1.59 53.45 -3.37
C PRO E 369 -0.10 53.26 -3.12
N ALA E 370 0.51 54.26 -2.49
CA ALA E 370 1.93 54.20 -2.16
C ALA E 370 2.17 53.33 -0.94
N ASN E 371 1.98 52.02 -1.11
CA ASN E 371 2.33 51.03 -0.10
C ASN E 371 3.38 50.10 -0.68
N LEU E 372 4.56 50.08 -0.06
CA LEU E 372 5.66 49.28 -0.56
C LEU E 372 6.75 49.08 0.49
N LEU E 373 7.66 48.16 0.19
CA LEU E 373 8.77 47.86 1.07
C LEU E 373 10.08 47.99 0.30
N ILE E 374 11.15 48.29 1.01
CA ILE E 374 12.48 48.08 0.47
C ILE E 374 13.08 46.87 1.19
N LEU E 375 13.46 45.85 0.41
CA LEU E 375 14.01 44.60 0.96
C LEU E 375 15.52 44.57 0.79
N ASP E 376 16.24 43.99 1.74
CA ASP E 376 17.69 43.97 1.69
C ASP E 376 18.20 42.86 0.76
N ALA E 377 17.75 42.91 -0.49
CA ALA E 377 18.12 41.95 -1.53
C ALA E 377 17.82 42.54 -2.90
N GLU E 378 18.49 42.05 -3.94
CA GLU E 378 18.35 42.63 -5.28
C GLU E 378 17.32 41.90 -6.14
N ASN E 379 16.96 40.68 -5.74
CA ASN E 379 16.02 39.84 -6.49
C ASN E 379 15.35 38.77 -5.63
N ASP E 380 14.40 38.04 -6.21
CA ASP E 380 13.64 37.00 -5.52
C ASP E 380 14.53 35.95 -4.90
N TYR E 381 15.54 35.53 -5.66
CA TYR E 381 16.41 34.45 -5.22
C TYR E 381 17.19 34.85 -3.97
N GLU E 382 17.80 36.03 -4.02
CA GLU E 382 18.55 36.52 -2.89
C GLU E 382 17.64 36.81 -1.69
N ALA E 383 16.43 37.27 -1.96
CA ALA E 383 15.46 37.53 -0.90
C ALA E 383 15.19 36.30 -0.06
N VAL E 384 14.94 35.17 -0.72
CA VAL E 384 14.61 33.96 0.02
C VAL E 384 15.87 33.31 0.59
N ARG E 385 16.99 33.39 -0.14
CA ARG E 385 18.23 32.74 0.30
C ARG E 385 18.79 33.35 1.58
N ARG E 386 18.77 34.68 1.65
CA ARG E 386 19.30 35.38 2.81
C ARG E 386 18.23 35.72 3.85
N GLN E 387 16.97 35.38 3.54
CA GLN E 387 15.84 35.80 4.38
C GLN E 387 15.92 37.31 4.62
N ALA E 388 15.91 38.07 3.51
CA ALA E 388 16.25 39.48 3.50
C ALA E 388 15.42 40.31 4.46
N ARG E 389 16.07 41.19 5.21
CA ARG E 389 15.31 42.02 6.14
C ARG E 389 14.56 43.13 5.40
N VAL E 390 13.46 43.57 6.00
CA VAL E 390 12.71 44.70 5.49
C VAL E 390 13.34 45.97 6.04
N LEU E 391 13.93 46.76 5.16
CA LEU E 391 14.68 47.94 5.56
C LEU E 391 13.75 49.14 5.71
N THR E 392 12.71 49.19 4.89
CA THR E 392 11.80 50.31 4.89
C THR E 392 10.39 49.81 4.58
N SER E 393 9.42 50.25 5.36
CA SER E 393 8.03 49.99 5.02
C SER E 393 7.31 51.32 4.85
N ILE E 394 6.68 51.50 3.70
CA ILE E 394 5.97 52.73 3.39
C ILE E 394 4.50 52.42 3.21
N ARG E 395 3.65 53.15 3.93
CA ARG E 395 2.21 52.98 3.86
C ARG E 395 1.55 54.33 3.60
N HIS E 396 0.72 54.39 2.56
CA HIS E 396 0.05 55.61 2.14
C HIS E 396 1.05 56.76 1.98
N GLY E 397 2.24 56.46 1.47
CA GLY E 397 3.23 57.49 1.22
C GLY E 397 4.08 57.88 2.43
N LYS E 398 3.84 57.25 3.58
CA LYS E 398 4.56 57.60 4.79
C LYS E 398 5.43 56.45 5.29
N VAL E 399 6.63 56.75 5.76
CA VAL E 399 7.47 55.70 6.33
C VAL E 399 6.91 55.29 7.69
N ILE E 400 6.58 54.01 7.83
CA ILE E 400 6.03 53.52 9.09
C ILE E 400 7.02 52.60 9.79
N LEU E 401 8.08 52.22 9.08
CA LEU E 401 9.13 51.39 9.63
C LEU E 401 10.47 51.65 8.95
N GLN E 402 11.53 51.74 9.74
CA GLN E 402 12.89 51.83 9.22
C GLN E 402 13.86 50.99 10.05
N ARG E 403 14.56 50.07 9.38
CA ARG E 403 15.68 49.34 9.94
C ARG E 403 16.95 49.85 9.28
N GLU E 404 18.08 49.73 9.96
CA GLU E 404 19.35 50.03 9.32
C GLU E 404 19.91 48.74 8.70
N VAL E 405 20.67 48.88 7.61
CA VAL E 405 21.30 47.73 6.99
C VAL E 405 22.31 47.15 7.96
N GLU E 406 22.29 45.82 8.11
CA GLU E 406 23.14 45.15 9.08
C GLU E 406 24.62 45.50 8.91
N HIS E 407 25.31 45.71 10.02
CA HIS E 407 26.74 45.94 10.00
C HIS E 407 27.43 44.96 10.94
N ILE E 408 28.22 44.06 10.36
CA ILE E 408 28.98 43.12 11.15
C ILE E 408 30.41 43.61 11.29
N ARG E 409 30.91 43.67 12.51
CA ARG E 409 32.28 44.11 12.73
C ARG E 409 33.19 42.92 13.02
N TYR E 410 34.41 42.98 12.50
CA TYR E 410 35.37 41.91 12.67
C TYR E 410 36.62 42.48 13.33
N PRO E 411 36.65 42.47 14.68
CA PRO E 411 37.74 43.13 15.43
C PRO E 411 39.09 42.43 15.32
N MET F 1 -30.07 -21.11 -50.77
CA MET F 1 -28.65 -21.27 -51.02
C MET F 1 -27.98 -22.07 -49.90
N LYS F 2 -27.27 -23.11 -50.29
CA LYS F 2 -26.77 -24.08 -49.32
C LYS F 2 -25.31 -23.87 -49.02
N ILE F 3 -24.95 -23.98 -47.75
CA ILE F 3 -23.56 -24.05 -47.32
C ILE F 3 -23.31 -25.45 -46.77
N ILE F 4 -22.36 -26.18 -47.35
CA ILE F 4 -22.10 -27.54 -46.88
C ILE F 4 -20.73 -27.63 -46.19
N ASN F 5 -20.49 -28.75 -45.51
CA ASN F 5 -19.23 -29.02 -44.82
C ASN F 5 -18.82 -27.92 -43.85
N ALA F 6 -19.81 -27.35 -43.17
CA ALA F 6 -19.54 -26.26 -42.24
C ALA F 6 -19.37 -26.84 -40.84
N ARG F 7 -18.43 -26.29 -40.08
CA ARG F 7 -18.37 -26.60 -38.66
C ARG F 7 -19.18 -25.57 -37.90
N LEU F 8 -19.71 -25.96 -36.74
CA LEU F 8 -20.39 -25.03 -35.86
C LEU F 8 -19.64 -25.00 -34.53
N ARG F 9 -19.78 -23.92 -33.77
CA ARG F 9 -19.02 -23.78 -32.52
C ARG F 9 -19.32 -24.91 -31.54
N ARG F 10 -18.26 -25.43 -30.96
CA ARG F 10 -18.34 -26.44 -29.91
C ARG F 10 -19.10 -27.71 -30.33
N GLN F 11 -19.10 -28.01 -31.62
CA GLN F 11 -19.65 -29.27 -32.10
C GLN F 11 -18.65 -29.97 -33.00
N GLU F 12 -18.78 -31.28 -33.14
CA GLU F 12 -17.82 -32.03 -33.92
C GLU F 12 -18.26 -32.32 -35.35
N ALA F 13 -19.56 -32.42 -35.60
CA ALA F 13 -20.04 -32.83 -36.92
C ALA F 13 -19.88 -31.72 -37.96
N LEU F 14 -20.01 -32.09 -39.22
CA LEU F 14 -20.10 -31.10 -40.29
C LEU F 14 -21.58 -30.86 -40.53
N PHE F 15 -21.94 -29.65 -40.94
CA PHE F 15 -23.33 -29.26 -41.09
C PHE F 15 -23.60 -28.61 -42.43
N THR F 16 -24.85 -28.72 -42.87
CA THR F 16 -25.33 -28.03 -44.05
C THR F 16 -26.30 -26.97 -43.57
N LEU F 17 -26.10 -25.73 -44.01
CA LEU F 17 -27.05 -24.68 -43.70
C LEU F 17 -27.74 -24.27 -44.98
N ASP F 18 -29.06 -24.34 -44.96
CA ASP F 18 -29.85 -24.00 -46.13
C ASP F 18 -30.43 -22.62 -45.91
N LEU F 19 -30.03 -21.66 -46.73
CA LEU F 19 -30.50 -20.29 -46.61
C LEU F 19 -31.48 -20.01 -47.74
N GLN F 20 -32.66 -19.53 -47.40
CA GLN F 20 -33.67 -19.24 -48.41
C GLN F 20 -34.39 -17.93 -48.11
N ASP F 21 -34.45 -17.05 -49.10
CA ASP F 21 -35.17 -15.77 -48.97
C ASP F 21 -34.85 -14.97 -47.71
N GLY F 22 -33.56 -14.82 -47.42
CA GLY F 22 -33.11 -13.98 -46.33
C GLY F 22 -33.18 -14.65 -44.96
N ILE F 23 -33.57 -15.92 -44.95
CA ILE F 23 -33.82 -16.61 -43.69
C ILE F 23 -33.06 -17.94 -43.63
N ILE F 24 -32.64 -18.32 -42.43
CA ILE F 24 -32.03 -19.63 -42.24
C ILE F 24 -33.15 -20.65 -42.24
N HIS F 25 -33.19 -21.46 -43.28
CA HIS F 25 -34.27 -22.42 -43.48
C HIS F 25 -34.05 -23.75 -42.75
N ARG F 26 -32.84 -24.27 -42.83
CA ARG F 26 -32.56 -25.60 -42.27
C ARG F 26 -31.10 -25.69 -41.84
N ILE F 27 -30.88 -26.29 -40.67
CA ILE F 27 -29.53 -26.63 -40.23
C ILE F 27 -29.50 -28.14 -39.97
N THR F 28 -28.68 -28.86 -40.73
CA THR F 28 -28.69 -30.31 -40.70
C THR F 28 -27.28 -30.90 -40.59
N ALA F 29 -27.09 -31.79 -39.61
CA ALA F 29 -25.83 -32.50 -39.49
C ALA F 29 -25.62 -33.45 -40.66
N GLN F 30 -24.42 -33.46 -41.21
CA GLN F 30 -24.09 -34.35 -42.31
C GLN F 30 -23.50 -35.66 -41.78
N ALA F 31 -23.77 -36.76 -42.46
CA ALA F 31 -23.20 -38.05 -42.08
C ALA F 31 -21.70 -38.05 -42.34
N ALA F 32 -21.28 -37.41 -43.42
CA ALA F 32 -19.88 -37.34 -43.79
C ALA F 32 -19.64 -36.08 -44.62
N MET F 33 -18.39 -35.83 -45.02
CA MET F 33 -18.11 -34.70 -45.89
C MET F 33 -18.74 -34.94 -47.26
N GLN F 34 -19.15 -33.87 -47.93
CA GLN F 34 -19.87 -33.98 -49.19
C GLN F 34 -19.24 -33.12 -50.27
N THR F 35 -19.67 -33.33 -51.51
CA THR F 35 -19.27 -32.45 -52.60
C THR F 35 -20.39 -31.46 -52.90
N ALA F 36 -20.01 -30.22 -53.19
CA ALA F 36 -21.00 -29.16 -53.39
C ALA F 36 -21.68 -29.24 -54.75
N ASP F 37 -23.01 -29.18 -54.74
CA ASP F 37 -23.75 -29.03 -55.98
C ASP F 37 -23.57 -27.60 -56.48
N ALA F 38 -24.00 -27.34 -57.71
CA ALA F 38 -23.88 -26.01 -58.29
C ALA F 38 -24.63 -25.00 -57.45
N GLY F 39 -23.98 -23.86 -57.19
CA GLY F 39 -24.63 -22.79 -56.45
C GLY F 39 -24.43 -22.91 -54.95
N ALA F 40 -23.98 -24.08 -54.50
CA ALA F 40 -23.74 -24.29 -53.08
C ALA F 40 -22.36 -23.76 -52.67
N ILE F 41 -22.24 -23.28 -51.44
CA ILE F 41 -20.94 -22.86 -50.93
C ILE F 41 -20.34 -24.01 -50.15
N ASP F 42 -19.11 -24.37 -50.48
CA ASP F 42 -18.41 -25.41 -49.72
C ASP F 42 -17.55 -24.73 -48.67
N ALA F 43 -17.94 -24.87 -47.40
CA ALA F 43 -17.21 -24.25 -46.31
C ALA F 43 -15.91 -24.99 -46.03
N GLN F 44 -15.74 -26.15 -46.63
CA GLN F 44 -14.49 -26.91 -46.50
C GLN F 44 -14.04 -27.10 -45.06
N GLY F 45 -14.99 -27.38 -44.17
CA GLY F 45 -14.66 -27.70 -42.80
C GLY F 45 -14.42 -26.46 -41.94
N ARG F 46 -14.63 -25.28 -42.51
CA ARG F 46 -14.50 -24.04 -41.75
C ARG F 46 -15.70 -23.76 -40.88
N LEU F 47 -15.47 -22.98 -39.83
CA LEU F 47 -16.50 -22.61 -38.89
C LEU F 47 -17.50 -21.63 -39.51
N ALA F 48 -18.79 -21.87 -39.27
CA ALA F 48 -19.82 -20.89 -39.61
C ALA F 48 -20.30 -20.31 -38.29
N ILE F 49 -20.39 -18.98 -38.22
CA ILE F 49 -20.84 -18.33 -36.98
C ILE F 49 -21.79 -17.19 -37.34
N PRO F 50 -22.61 -16.74 -36.36
CA PRO F 50 -23.32 -15.48 -36.60
C PRO F 50 -22.30 -14.34 -36.68
N PRO F 51 -22.70 -13.16 -37.20
CA PRO F 51 -21.73 -12.09 -37.45
C PRO F 51 -21.08 -11.55 -36.18
N PHE F 52 -19.89 -10.99 -36.30
CA PHE F 52 -19.29 -10.29 -35.18
C PHE F 52 -20.12 -9.07 -34.85
N VAL F 53 -20.04 -8.63 -33.59
CA VAL F 53 -20.77 -7.47 -33.12
C VAL F 53 -19.74 -6.47 -32.59
N GLU F 54 -19.96 -5.20 -32.88
CA GLU F 54 -19.16 -4.13 -32.31
C GLU F 54 -20.10 -3.33 -31.43
N PRO F 55 -20.20 -3.70 -30.14
CA PRO F 55 -21.26 -3.19 -29.29
C PRO F 55 -20.92 -1.83 -28.66
N HIS F 56 -19.74 -1.30 -28.94
CA HIS F 56 -19.30 -0.03 -28.37
C HIS F 56 -18.20 0.61 -29.19
N ILE F 57 -18.57 1.59 -30.01
CA ILE F 57 -17.60 2.37 -30.77
C ILE F 57 -18.05 3.83 -30.82
N HIS F 58 -17.10 4.75 -31.03
CA HIS F 58 -17.41 6.16 -31.21
C HIS F 58 -17.24 6.59 -32.66
N LEU F 59 -18.28 6.40 -33.47
CA LEU F 59 -18.18 6.72 -34.89
C LEU F 59 -18.11 8.21 -35.17
N ASP F 60 -18.61 9.04 -34.27
CA ASP F 60 -18.58 10.48 -34.52
C ASP F 60 -17.15 11.02 -34.47
N ALA F 61 -16.30 10.33 -33.71
CA ALA F 61 -14.91 10.75 -33.52
C ALA F 61 -13.90 9.97 -34.35
N THR F 62 -14.33 8.90 -35.02
CA THR F 62 -13.37 8.03 -35.70
C THR F 62 -12.59 8.77 -36.79
N LEU F 63 -11.32 8.39 -36.96
CA LEU F 63 -10.44 8.94 -38.00
C LEU F 63 -10.14 10.44 -37.83
N THR F 64 -10.13 10.92 -36.58
CA THR F 64 -9.77 12.31 -36.31
C THR F 64 -8.50 12.46 -35.48
N ALA F 65 -7.79 11.36 -35.23
CA ALA F 65 -6.56 11.44 -34.42
C ALA F 65 -5.58 12.47 -34.99
N GLY F 66 -5.10 13.38 -34.13
CA GLY F 66 -4.15 14.39 -34.53
C GLY F 66 -4.75 15.71 -34.98
N GLU F 67 -6.08 15.80 -34.97
CA GLU F 67 -6.76 16.99 -35.48
C GLU F 67 -7.46 17.74 -34.35
N PRO F 68 -6.97 18.94 -34.01
CA PRO F 68 -5.82 19.65 -34.58
C PRO F 68 -4.50 19.32 -33.87
N GLU F 69 -4.57 18.60 -32.76
CA GLU F 69 -3.39 18.24 -31.98
C GLU F 69 -3.48 16.78 -31.57
N TRP F 70 -2.34 16.21 -31.18
CA TRP F 70 -2.31 14.85 -30.64
C TRP F 70 -2.58 14.80 -29.14
N ASN F 71 -3.06 13.65 -28.67
CA ASN F 71 -3.21 13.37 -27.24
C ASN F 71 -1.86 12.91 -26.70
N ARG F 72 -1.06 13.85 -26.21
CA ARG F 72 0.31 13.54 -25.81
C ARG F 72 0.40 12.66 -24.57
N SER F 73 -0.50 12.87 -23.61
CA SER F 73 -0.47 12.14 -22.36
C SER F 73 -1.03 10.72 -22.48
N GLY F 74 -1.85 10.48 -23.51
CA GLY F 74 -2.51 9.21 -23.66
C GLY F 74 -3.53 8.97 -22.56
N THR F 75 -4.22 10.03 -22.15
CA THR F 75 -5.20 9.91 -21.06
C THR F 75 -6.59 10.23 -21.56
N LEU F 76 -7.59 9.75 -20.83
CA LEU F 76 -8.99 10.01 -21.16
C LEU F 76 -9.23 11.50 -21.21
N PHE F 77 -8.72 12.21 -20.21
CA PHE F 77 -9.04 13.61 -20.03
C PHE F 77 -8.43 14.49 -21.10
N GLU F 78 -7.19 14.25 -21.50
CA GLU F 78 -6.64 14.99 -22.64
C GLU F 78 -7.40 14.66 -23.92
N GLY F 79 -7.83 13.41 -24.06
CA GLY F 79 -8.65 13.05 -25.20
C GLY F 79 -9.91 13.90 -25.30
N ILE F 80 -10.57 14.11 -24.18
CA ILE F 80 -11.78 14.95 -24.15
C ILE F 80 -11.44 16.37 -24.56
N THR F 81 -10.31 16.89 -24.10
CA THR F 81 -9.86 18.22 -24.50
C THR F 81 -9.61 18.30 -26.02
N ARG F 82 -8.82 17.38 -26.54
CA ARG F 82 -8.58 17.30 -27.99
C ARG F 82 -9.88 17.17 -28.78
N TRP F 83 -10.80 16.35 -28.29
CA TRP F 83 -12.09 16.17 -28.95
C TRP F 83 -12.88 17.47 -28.98
N SER F 84 -12.87 18.20 -27.87
CA SER F 84 -13.52 19.52 -27.80
C SER F 84 -13.01 20.43 -28.90
N GLN F 85 -11.71 20.41 -29.13
CA GLN F 85 -11.09 21.21 -30.19
C GLN F 85 -11.56 20.75 -31.57
N ARG F 86 -11.63 19.44 -31.76
CA ARG F 86 -12.05 18.88 -33.05
C ARG F 86 -13.52 19.18 -33.32
N LYS F 87 -14.35 19.20 -32.27
CA LYS F 87 -15.77 19.49 -32.42
C LYS F 87 -16.04 20.84 -33.11
N ALA F 88 -15.15 21.80 -32.92
CA ALA F 88 -15.29 23.12 -33.54
C ALA F 88 -15.41 23.08 -35.06
N SER F 89 -14.84 22.05 -35.70
CA SER F 89 -14.85 21.97 -37.16
C SER F 89 -15.67 20.77 -37.65
N ILE F 90 -16.45 20.17 -36.76
CA ILE F 90 -17.34 19.08 -37.11
C ILE F 90 -18.45 19.56 -38.04
N THR F 91 -18.64 18.87 -39.16
CA THR F 91 -19.79 19.10 -40.04
C THR F 91 -20.49 17.77 -40.30
N PRO F 92 -21.78 17.81 -40.67
CA PRO F 92 -22.51 16.58 -41.01
C PRO F 92 -21.82 15.76 -42.10
N GLU F 93 -21.39 16.39 -43.18
N GLU F 93 -21.40 16.42 -43.18
CA GLU F 93 -20.77 15.65 -44.28
CA GLU F 93 -20.74 15.76 -44.30
C GLU F 93 -19.43 15.05 -43.88
C GLU F 93 -19.46 15.07 -43.85
N ASP F 94 -18.67 15.79 -43.09
CA ASP F 94 -17.40 15.30 -42.54
C ASP F 94 -17.63 14.08 -41.64
N THR F 95 -18.64 14.16 -40.79
CA THR F 95 -19.01 13.04 -39.94
C THR F 95 -19.44 11.81 -40.75
N ARG F 96 -20.28 12.04 -41.75
CA ARG F 96 -20.76 10.97 -42.61
C ARG F 96 -19.62 10.22 -43.30
N GLN F 97 -18.70 10.97 -43.91
CA GLN F 97 -17.59 10.36 -44.63
C GLN F 97 -16.70 9.49 -43.75
N ARG F 98 -16.34 10.01 -42.57
CA ARG F 98 -15.51 9.24 -41.66
C ARG F 98 -16.26 8.02 -41.13
N ALA F 99 -17.52 8.20 -40.77
CA ALA F 99 -18.29 7.11 -40.22
C ALA F 99 -18.45 5.96 -41.24
N LEU F 100 -18.72 6.32 -42.50
CA LEU F 100 -18.86 5.32 -43.56
C LEU F 100 -17.55 4.57 -43.84
N LYS F 101 -16.43 5.27 -43.77
CA LYS F 101 -15.14 4.60 -43.94
C LYS F 101 -14.88 3.55 -42.84
N THR F 102 -15.12 3.92 -41.58
CA THR F 102 -14.95 3.00 -40.46
C THR F 102 -15.97 1.85 -40.49
N ILE F 103 -17.19 2.13 -40.91
CA ILE F 103 -18.18 1.08 -41.10
C ILE F 103 -17.68 0.07 -42.14
N GLY F 104 -17.05 0.58 -43.20
CA GLY F 104 -16.42 -0.26 -44.20
C GLY F 104 -15.38 -1.18 -43.61
N MET F 105 -14.54 -0.63 -42.73
CA MET F 105 -13.54 -1.44 -42.01
C MET F 105 -14.18 -2.57 -41.20
N LEU F 106 -15.20 -2.22 -40.41
CA LEU F 106 -15.93 -3.20 -39.61
C LEU F 106 -16.55 -4.29 -40.50
N ARG F 107 -17.16 -3.87 -41.60
CA ARG F 107 -17.73 -4.80 -42.59
C ARG F 107 -16.67 -5.79 -43.08
N ASP F 108 -15.49 -5.27 -43.41
CA ASP F 108 -14.38 -6.11 -43.85
C ASP F 108 -13.99 -7.19 -42.83
N PHE F 109 -14.31 -6.97 -41.57
CA PHE F 109 -13.93 -7.92 -40.54
C PHE F 109 -15.14 -8.67 -39.98
N GLY F 110 -16.21 -8.71 -40.76
CA GLY F 110 -17.37 -9.54 -40.43
C GLY F 110 -18.36 -8.95 -39.42
N VAL F 111 -18.23 -7.67 -39.12
CA VAL F 111 -19.16 -7.02 -38.20
C VAL F 111 -20.43 -6.58 -38.91
N GLN F 112 -21.59 -7.04 -38.44
CA GLN F 112 -22.88 -6.64 -39.02
C GLN F 112 -23.81 -5.96 -38.03
N HIS F 113 -23.40 -5.87 -36.77
CA HIS F 113 -24.17 -5.20 -35.72
C HIS F 113 -23.27 -4.22 -34.97
N VAL F 114 -23.67 -2.95 -34.93
CA VAL F 114 -22.82 -1.90 -34.36
C VAL F 114 -23.62 -0.99 -33.45
N ARG F 115 -23.08 -0.69 -32.27
CA ARG F 115 -23.66 0.34 -31.42
C ARG F 115 -22.68 1.48 -31.28
N THR F 116 -23.05 2.65 -31.80
CA THR F 116 -22.17 3.81 -31.75
C THR F 116 -22.63 4.82 -30.71
N HIS F 117 -21.68 5.39 -29.97
CA HIS F 117 -21.95 6.53 -29.11
C HIS F 117 -21.75 7.79 -29.95
N VAL F 118 -22.60 8.79 -29.71
CA VAL F 118 -22.51 10.05 -30.44
C VAL F 118 -22.56 11.17 -29.42
N ASP F 119 -21.55 12.04 -29.45
CA ASP F 119 -21.49 13.12 -28.48
C ASP F 119 -22.64 14.10 -28.73
N VAL F 120 -23.52 14.26 -27.75
CA VAL F 120 -24.65 15.18 -27.87
C VAL F 120 -24.45 16.46 -27.03
N THR F 121 -23.29 16.59 -26.39
CA THR F 121 -22.95 17.88 -25.76
C THR F 121 -22.38 18.76 -26.85
N ASP F 122 -23.29 19.25 -27.69
CA ASP F 122 -22.97 19.98 -28.89
C ASP F 122 -24.31 20.53 -29.35
N PRO F 123 -24.56 21.82 -29.12
CA PRO F 123 -25.90 22.39 -29.37
C PRO F 123 -26.37 22.23 -30.81
N SER F 124 -25.45 21.99 -31.75
CA SER F 124 -25.81 21.80 -33.15
C SER F 124 -26.40 20.40 -33.39
N LEU F 125 -26.01 19.45 -32.55
CA LEU F 125 -26.38 18.05 -32.73
C LEU F 125 -26.07 17.55 -34.14
N ALA F 126 -24.99 18.09 -34.71
CA ALA F 126 -24.63 17.83 -36.10
C ALA F 126 -24.25 16.37 -36.35
N ALA F 127 -23.40 15.81 -35.48
CA ALA F 127 -22.99 14.41 -35.65
C ALA F 127 -24.15 13.46 -35.44
N LEU F 128 -25.03 13.78 -34.50
CA LEU F 128 -26.22 12.97 -34.29
C LEU F 128 -27.09 12.92 -35.54
N GLN F 129 -27.33 14.10 -36.12
CA GLN F 129 -28.11 14.15 -37.35
C GLN F 129 -27.48 13.33 -38.47
N ALA F 130 -26.16 13.42 -38.60
CA ALA F 130 -25.47 12.65 -39.64
C ALA F 130 -25.55 11.16 -39.38
N LEU F 131 -25.35 10.74 -38.14
CA LEU F 131 -25.35 9.31 -37.84
C LEU F 131 -26.74 8.69 -37.90
N LEU F 132 -27.77 9.47 -37.58
CA LEU F 132 -29.14 9.02 -37.76
C LEU F 132 -29.40 8.67 -39.22
N ALA F 133 -28.80 9.46 -40.12
CA ALA F 133 -28.92 9.22 -41.55
C ALA F 133 -28.04 8.06 -42.02
N VAL F 134 -26.84 7.97 -41.46
CA VAL F 134 -25.93 6.85 -41.77
C VAL F 134 -26.58 5.50 -41.43
N LYS F 135 -27.33 5.45 -40.33
CA LYS F 135 -28.07 4.26 -39.95
C LYS F 135 -28.93 3.71 -41.09
N GLN F 136 -29.57 4.60 -41.85
CA GLN F 136 -30.37 4.19 -43.01
C GLN F 136 -29.50 3.85 -44.22
N GLU F 137 -28.52 4.70 -44.50
CA GLU F 137 -27.70 4.56 -45.69
C GLU F 137 -26.87 3.29 -45.67
N ALA F 138 -26.40 2.91 -44.47
CA ALA F 138 -25.51 1.76 -44.33
C ALA F 138 -26.21 0.46 -43.92
N ALA F 139 -27.55 0.47 -43.96
CA ALA F 139 -28.33 -0.70 -43.55
C ALA F 139 -28.05 -1.94 -44.42
N ASP F 140 -27.49 -1.73 -45.62
CA ASP F 140 -27.08 -2.86 -46.45
C ASP F 140 -25.85 -3.59 -45.90
N LEU F 141 -25.17 -2.97 -44.94
CA LEU F 141 -23.97 -3.57 -44.35
C LEU F 141 -24.15 -3.94 -42.89
N ILE F 142 -24.82 -3.08 -42.13
CA ILE F 142 -24.90 -3.22 -40.68
C ILE F 142 -26.24 -2.77 -40.13
N ASP F 143 -26.59 -3.30 -38.97
CA ASP F 143 -27.66 -2.74 -38.18
C ASP F 143 -27.00 -1.87 -37.12
N LEU F 144 -27.24 -0.56 -37.21
CA LEU F 144 -26.57 0.42 -36.33
C LEU F 144 -27.49 0.92 -35.21
N GLN F 145 -27.01 0.86 -33.97
CA GLN F 145 -27.72 1.51 -32.87
C GLN F 145 -26.97 2.78 -32.50
N ILE F 146 -27.71 3.82 -32.13
CA ILE F 146 -27.09 5.11 -31.79
C ILE F 146 -27.37 5.48 -30.34
N VAL F 147 -26.31 5.75 -29.58
CA VAL F 147 -26.41 6.16 -28.18
C VAL F 147 -26.22 7.65 -28.05
N ALA F 148 -27.17 8.33 -27.42
CA ALA F 148 -26.99 9.73 -27.07
C ALA F 148 -25.98 9.84 -25.91
N PHE F 149 -24.77 10.29 -26.22
CA PHE F 149 -23.68 10.28 -25.25
C PHE F 149 -23.29 11.70 -24.86
N PRO F 150 -23.51 12.06 -23.59
CA PRO F 150 -23.22 13.44 -23.19
C PRO F 150 -21.76 13.57 -22.74
N GLN F 151 -20.85 13.66 -23.71
CA GLN F 151 -19.40 13.61 -23.44
C GLN F 151 -18.97 14.56 -22.32
N GLU F 152 -19.54 15.75 -22.30
CA GLU F 152 -19.08 16.76 -21.35
C GLU F 152 -19.97 16.85 -20.12
N GLY F 153 -20.84 15.87 -19.96
CA GLY F 153 -21.66 15.77 -18.77
C GLY F 153 -23.08 16.24 -18.99
N ILE F 154 -23.99 15.67 -18.22
CA ILE F 154 -25.40 16.08 -18.26
C ILE F 154 -25.65 17.26 -17.34
N GLU F 155 -25.03 17.24 -16.16
CA GLU F 155 -25.36 18.21 -15.12
C GLU F 155 -24.57 19.52 -15.08
N SER F 156 -23.42 19.56 -15.74
CA SER F 156 -22.67 20.82 -15.74
C SER F 156 -22.49 21.47 -17.11
N TYR F 157 -22.67 20.68 -18.17
CA TYR F 157 -22.67 21.24 -19.51
C TYR F 157 -23.98 22.03 -19.70
N PRO F 158 -23.88 23.24 -20.29
CA PRO F 158 -25.05 24.10 -20.50
C PRO F 158 -26.19 23.37 -21.22
N ASN F 159 -27.39 23.38 -20.62
CA ASN F 159 -28.55 22.71 -21.20
C ASN F 159 -28.34 21.22 -21.46
N GLY F 160 -27.50 20.57 -20.65
CA GLY F 160 -27.22 19.15 -20.82
C GLY F 160 -28.44 18.27 -20.83
N ARG F 161 -29.39 18.55 -19.93
CA ARG F 161 -30.61 17.74 -19.86
C ARG F 161 -31.47 17.96 -21.09
N GLU F 162 -31.60 19.22 -21.53
CA GLU F 162 -32.34 19.55 -22.75
C GLU F 162 -31.76 18.85 -23.96
N LEU F 163 -30.44 18.88 -24.09
CA LEU F 163 -29.74 18.26 -25.22
C LEU F 163 -29.95 16.74 -25.27
N MET F 164 -29.87 16.08 -24.10
CA MET F 164 -30.15 14.64 -24.05
C MET F 164 -31.58 14.35 -24.46
N THR F 165 -32.51 15.17 -23.99
CA THR F 165 -33.92 14.97 -24.31
C THR F 165 -34.17 15.15 -25.80
N ARG F 166 -33.61 16.21 -26.38
CA ARG F 166 -33.75 16.44 -27.81
C ARG F 166 -33.13 15.29 -28.62
N ALA F 167 -31.99 14.78 -28.17
CA ALA F 167 -31.33 13.68 -28.89
C ALA F 167 -32.21 12.44 -28.93
N ILE F 168 -32.87 12.15 -27.82
CA ILE F 168 -33.80 11.02 -27.74
C ILE F 168 -35.03 11.30 -28.60
N GLU F 169 -35.52 12.54 -28.56
CA GLU F 169 -36.67 12.90 -29.39
C GLU F 169 -36.36 12.82 -30.89
N MET F 170 -35.10 13.04 -31.25
CA MET F 170 -34.69 12.95 -32.64
C MET F 170 -34.55 11.52 -33.13
N GLY F 171 -34.48 10.56 -32.20
CA GLY F 171 -34.50 9.16 -32.58
C GLY F 171 -33.37 8.29 -32.07
N ALA F 172 -32.48 8.81 -31.22
CA ALA F 172 -31.41 7.98 -30.68
C ALA F 172 -32.04 6.79 -29.97
N ASP F 173 -31.52 5.59 -30.22
CA ASP F 173 -32.11 4.35 -29.70
C ASP F 173 -31.75 4.08 -28.25
N VAL F 174 -30.65 4.67 -27.80
CA VAL F 174 -30.04 4.31 -26.54
C VAL F 174 -29.69 5.60 -25.79
N VAL F 175 -29.91 5.60 -24.48
CA VAL F 175 -29.52 6.73 -23.62
C VAL F 175 -28.17 6.48 -22.97
N GLY F 176 -27.23 7.41 -23.17
CA GLY F 176 -25.91 7.26 -22.58
C GLY F 176 -25.73 8.09 -21.31
N GLY F 177 -24.50 8.15 -20.82
CA GLY F 177 -24.19 8.95 -19.66
C GLY F 177 -22.71 8.87 -19.38
N ILE F 178 -22.26 9.65 -18.39
CA ILE F 178 -20.84 9.64 -18.01
C ILE F 178 -20.69 10.12 -16.54
N PRO F 179 -21.30 9.39 -15.60
CA PRO F 179 -21.45 9.89 -14.22
C PRO F 179 -20.11 10.22 -13.55
N HIS F 180 -19.06 9.46 -13.85
CA HIS F 180 -17.77 9.66 -13.18
C HIS F 180 -17.11 10.96 -13.64
N TYR F 181 -17.61 11.52 -14.74
CA TYR F 181 -17.03 12.76 -15.27
C TYR F 181 -17.78 14.00 -14.82
N GLU F 182 -18.99 13.81 -14.26
CA GLU F 182 -19.71 14.94 -13.68
C GLU F 182 -18.85 15.59 -12.57
N ASN F 183 -19.05 16.89 -12.36
CA ASN F 183 -18.13 17.69 -11.55
C ASN F 183 -18.06 17.34 -10.06
N THR F 184 -19.14 16.79 -9.53
CA THR F 184 -19.18 16.34 -8.13
C THR F 184 -19.85 14.99 -8.04
N ARG F 185 -19.59 14.28 -6.95
CA ARG F 185 -20.21 12.98 -6.74
C ARG F 185 -21.75 13.07 -6.78
N ASP F 186 -22.32 14.06 -6.09
CA ASP F 186 -23.79 14.20 -6.05
C ASP F 186 -24.39 14.43 -7.44
N LYS F 187 -23.65 15.12 -8.31
CA LYS F 187 -24.14 15.37 -9.65
C LYS F 187 -23.98 14.14 -10.53
N GLY F 188 -22.99 13.31 -10.22
CA GLY F 188 -22.84 12.05 -10.90
C GLY F 188 -24.07 11.20 -10.62
N VAL F 189 -24.47 11.17 -9.36
CA VAL F 189 -25.66 10.42 -8.96
C VAL F 189 -26.94 10.96 -9.60
N SER F 190 -27.14 12.27 -9.57
CA SER F 190 -28.35 12.84 -10.18
C SER F 190 -28.41 12.59 -11.70
N SER F 191 -27.25 12.53 -12.34
CA SER F 191 -27.22 12.31 -13.78
C SER F 191 -27.74 10.90 -14.08
N VAL F 192 -27.41 9.94 -13.23
CA VAL F 192 -27.89 8.58 -13.42
C VAL F 192 -29.41 8.51 -13.22
N MET F 193 -29.92 9.21 -12.22
CA MET F 193 -31.37 9.24 -12.01
C MET F 193 -32.07 9.85 -13.22
N PHE F 194 -31.53 10.96 -13.71
CA PHE F 194 -32.09 11.62 -14.89
C PHE F 194 -32.10 10.70 -16.13
N LEU F 195 -30.96 10.10 -16.42
CA LEU F 195 -30.87 9.33 -17.66
C LEU F 195 -31.74 8.09 -17.63
N MET F 196 -31.88 7.49 -16.45
CA MET F 196 -32.76 6.33 -16.30
C MET F 196 -34.23 6.76 -16.43
N ASP F 197 -34.59 7.91 -15.87
CA ASP F 197 -35.94 8.44 -16.05
C ASP F 197 -36.22 8.68 -17.53
N LEU F 198 -35.23 9.23 -18.23
CA LEU F 198 -35.37 9.55 -19.64
C LEU F 198 -35.59 8.28 -20.48
N ALA F 199 -34.74 7.28 -20.25
CA ALA F 199 -34.87 6.02 -20.99
C ALA F 199 -36.20 5.35 -20.70
N GLN F 200 -36.60 5.34 -19.43
CA GLN F 200 -37.82 4.64 -19.05
C GLN F 200 -39.04 5.34 -19.61
N ARG F 201 -39.03 6.67 -19.60
CA ARG F 201 -40.12 7.46 -20.15
C ARG F 201 -40.31 7.23 -21.66
N TYR F 202 -39.20 7.16 -22.39
CA TYR F 202 -39.26 7.05 -23.84
C TYR F 202 -39.08 5.62 -24.35
N GLY F 203 -38.96 4.66 -23.44
CA GLY F 203 -38.81 3.27 -23.79
C GLY F 203 -37.55 2.96 -24.59
N ARG F 204 -36.44 3.54 -24.15
CA ARG F 204 -35.16 3.36 -24.84
C ARG F 204 -34.23 2.46 -24.04
N LEU F 205 -33.21 1.93 -24.71
CA LEU F 205 -32.16 1.18 -24.05
C LEU F 205 -31.21 2.15 -23.36
N VAL F 206 -30.33 1.63 -22.52
CA VAL F 206 -29.36 2.43 -21.77
C VAL F 206 -27.96 1.87 -21.93
N ASP F 207 -26.98 2.74 -22.10
CA ASP F 207 -25.59 2.30 -22.17
C ASP F 207 -24.71 3.43 -21.71
N VAL F 208 -24.19 3.30 -20.50
CA VAL F 208 -23.51 4.39 -19.82
C VAL F 208 -22.00 4.18 -19.74
N HIS F 209 -21.24 5.24 -19.99
CA HIS F 209 -19.80 5.22 -19.71
C HIS F 209 -19.69 5.35 -18.20
N CYS F 210 -19.48 4.24 -17.51
CA CYS F 210 -19.80 4.24 -16.08
C CYS F 210 -18.71 4.77 -15.12
N ASP F 211 -17.58 4.10 -15.07
CA ASP F 211 -16.53 4.47 -14.14
C ASP F 211 -15.20 4.28 -14.85
N GLU F 212 -15.02 5.02 -15.94
CA GLU F 212 -13.82 4.89 -16.78
C GLU F 212 -12.68 5.68 -16.16
N ILE F 213 -12.21 5.21 -15.01
CA ILE F 213 -11.20 5.93 -14.27
C ILE F 213 -10.64 4.96 -13.25
N ASP F 214 -9.39 5.16 -12.83
CA ASP F 214 -8.74 4.22 -11.94
C ASP F 214 -9.01 4.50 -10.46
N ASP F 215 -9.90 5.45 -10.19
CA ASP F 215 -10.23 5.83 -8.81
C ASP F 215 -11.12 4.76 -8.15
N PRO F 216 -10.61 4.11 -7.08
CA PRO F 216 -11.36 3.06 -6.39
C PRO F 216 -12.68 3.55 -5.78
N GLN F 217 -12.86 4.86 -5.68
CA GLN F 217 -14.09 5.35 -5.11
C GLN F 217 -15.10 5.77 -6.17
N SER F 218 -14.77 5.51 -7.43
CA SER F 218 -15.73 5.80 -8.49
C SER F 218 -16.71 4.63 -8.55
N ARG F 219 -17.86 4.82 -7.89
CA ARG F 219 -18.81 3.74 -7.70
C ARG F 219 -20.19 4.06 -8.26
N PHE F 220 -20.22 4.63 -9.46
CA PHE F 220 -21.52 4.96 -10.03
C PHE F 220 -22.23 3.72 -10.56
N LEU F 221 -21.46 2.65 -10.75
CA LEU F 221 -22.02 1.37 -11.17
C LEU F 221 -23.12 0.91 -10.23
N GLU F 222 -22.90 1.03 -8.92
CA GLU F 222 -23.92 0.58 -7.97
C GLU F 222 -25.22 1.37 -8.17
N VAL F 223 -25.11 2.65 -8.52
CA VAL F 223 -26.30 3.49 -8.69
C VAL F 223 -27.06 3.05 -9.93
N LEU F 224 -26.33 2.80 -11.01
CA LEU F 224 -26.93 2.37 -12.26
C LEU F 224 -27.59 1.00 -12.11
N ALA F 225 -26.86 0.05 -11.52
CA ALA F 225 -27.39 -1.29 -11.33
C ALA F 225 -28.65 -1.27 -10.44
N GLU F 226 -28.64 -0.45 -9.39
CA GLU F 226 -29.82 -0.40 -8.53
C GLU F 226 -31.04 0.21 -9.22
N GLU F 227 -30.83 1.27 -10.01
CA GLU F 227 -31.93 1.82 -10.79
C GLU F 227 -32.49 0.80 -11.77
N ALA F 228 -31.60 0.07 -12.45
CA ALA F 228 -32.02 -0.98 -13.39
C ALA F 228 -32.87 -2.02 -12.69
N ARG F 229 -32.37 -2.48 -11.54
CA ARG F 229 -33.07 -3.51 -10.76
C ARG F 229 -34.46 -3.07 -10.34
N VAL F 230 -34.53 -1.91 -9.68
CA VAL F 230 -35.79 -1.35 -9.19
C VAL F 230 -36.81 -1.12 -10.32
N ARG F 231 -36.32 -0.70 -11.48
CA ARG F 231 -37.20 -0.38 -12.60
C ARG F 231 -37.50 -1.58 -13.48
N GLY F 232 -36.88 -2.71 -13.18
CA GLY F 232 -37.04 -3.91 -13.97
C GLY F 232 -36.58 -3.76 -15.41
N MET F 233 -35.47 -3.05 -15.60
CA MET F 233 -34.97 -2.84 -16.96
C MET F 233 -33.54 -3.33 -17.16
N GLY F 234 -33.12 -4.27 -16.33
CA GLY F 234 -31.77 -4.81 -16.40
C GLY F 234 -31.34 -5.21 -17.80
N ALA F 235 -32.22 -5.94 -18.51
CA ALA F 235 -31.86 -6.47 -19.81
C ALA F 235 -31.61 -5.35 -20.81
N GLN F 236 -32.24 -4.21 -20.58
CA GLN F 236 -32.07 -3.08 -21.48
C GLN F 236 -30.92 -2.14 -21.11
N VAL F 237 -30.18 -2.49 -20.07
CA VAL F 237 -29.12 -1.63 -19.55
C VAL F 237 -27.72 -2.24 -19.67
N THR F 238 -26.78 -1.41 -20.13
CA THR F 238 -25.40 -1.81 -20.24
C THR F 238 -24.51 -0.80 -19.51
N ALA F 239 -23.54 -1.33 -18.77
CA ALA F 239 -22.47 -0.52 -18.18
C ALA F 239 -21.21 -0.73 -19.00
N SER F 240 -20.72 0.33 -19.64
CA SER F 240 -19.49 0.24 -20.42
C SER F 240 -18.35 0.86 -19.61
N HIS F 241 -17.14 0.36 -19.80
CA HIS F 241 -15.94 0.94 -19.14
C HIS F 241 -16.05 1.01 -17.62
N THR F 242 -16.32 -0.10 -16.96
CA THR F 242 -16.28 -0.12 -15.52
C THR F 242 -14.85 -0.36 -15.03
N CYS F 243 -13.91 0.43 -15.57
CA CYS F 243 -12.49 0.25 -15.26
C CYS F 243 -12.20 0.33 -13.76
N ALA F 244 -12.95 1.18 -13.04
CA ALA F 244 -12.70 1.36 -11.62
C ALA F 244 -12.90 0.05 -10.88
N MET F 245 -13.75 -0.83 -11.42
CA MET F 245 -14.00 -2.09 -10.73
C MET F 245 -12.70 -2.89 -10.60
N GLY F 246 -11.81 -2.72 -11.58
CA GLY F 246 -10.50 -3.34 -11.53
C GLY F 246 -9.60 -2.79 -10.45
N SER F 247 -10.04 -1.75 -9.74
CA SER F 247 -9.29 -1.24 -8.59
C SER F 247 -10.10 -1.23 -7.29
N TYR F 248 -11.34 -1.76 -7.32
CA TYR F 248 -12.20 -1.73 -6.14
C TYR F 248 -11.60 -2.49 -4.98
N ASP F 249 -11.95 -2.02 -3.79
CA ASP F 249 -11.81 -2.82 -2.58
C ASP F 249 -12.50 -4.17 -2.79
N ASN F 250 -11.80 -5.25 -2.44
CA ASN F 250 -12.34 -6.59 -2.72
C ASN F 250 -13.55 -6.98 -1.88
N ALA F 251 -13.64 -6.48 -0.65
CA ALA F 251 -14.80 -6.78 0.17
C ALA F 251 -16.04 -6.08 -0.41
N TYR F 252 -15.89 -4.80 -0.74
CA TYR F 252 -16.95 -4.10 -1.47
C TYR F 252 -17.34 -4.78 -2.79
N CYS F 253 -16.35 -5.18 -3.59
CA CYS F 253 -16.67 -5.72 -4.90
C CYS F 253 -17.48 -7.01 -4.79
N SER F 254 -17.13 -7.82 -3.80
CA SER F 254 -17.88 -9.05 -3.50
C SER F 254 -19.34 -8.72 -3.17
N LYS F 255 -19.55 -7.75 -2.28
CA LYS F 255 -20.91 -7.32 -1.96
C LYS F 255 -21.61 -6.80 -3.21
N LEU F 256 -20.91 -5.97 -3.97
CA LEU F 256 -21.46 -5.40 -5.20
C LEU F 256 -21.94 -6.46 -6.22
N PHE F 257 -21.18 -7.53 -6.38
CA PHE F 257 -21.55 -8.60 -7.33
C PHE F 257 -22.96 -9.16 -7.13
N ARG F 258 -23.43 -9.21 -5.89
CA ARG F 258 -24.77 -9.71 -5.61
C ARG F 258 -25.83 -8.81 -6.26
N LEU F 259 -25.64 -7.50 -6.15
CA LEU F 259 -26.50 -6.54 -6.83
C LEU F 259 -26.37 -6.63 -8.34
N LEU F 260 -25.13 -6.70 -8.83
CA LEU F 260 -24.91 -6.75 -10.27
C LEU F 260 -25.65 -7.95 -10.89
N LYS F 261 -25.61 -9.09 -10.22
CA LYS F 261 -26.28 -10.27 -10.74
C LYS F 261 -27.80 -10.10 -10.67
N ALA F 262 -28.30 -9.62 -9.54
CA ALA F 262 -29.72 -9.39 -9.36
C ALA F 262 -30.29 -8.38 -10.38
N SER F 263 -29.48 -7.38 -10.74
CA SER F 263 -29.91 -6.31 -11.65
C SER F 263 -30.15 -6.82 -13.06
N GLY F 264 -29.34 -7.78 -13.48
CA GLY F 264 -29.47 -8.33 -14.82
C GLY F 264 -28.80 -7.50 -15.91
N ILE F 265 -28.04 -6.48 -15.53
CA ILE F 265 -27.43 -5.60 -16.52
C ILE F 265 -26.27 -6.25 -17.25
N ASN F 266 -25.93 -5.67 -18.40
CA ASN F 266 -24.83 -6.15 -19.24
C ASN F 266 -23.57 -5.31 -19.03
N PHE F 267 -22.43 -5.88 -19.39
CA PHE F 267 -21.14 -5.19 -19.27
C PHE F 267 -20.35 -5.22 -20.57
N ILE F 268 -19.72 -4.09 -20.88
CA ILE F 268 -18.85 -4.02 -22.06
C ILE F 268 -17.49 -3.57 -21.60
N SER F 269 -16.46 -4.30 -22.03
CA SER F 269 -15.08 -3.96 -21.70
C SER F 269 -14.33 -3.68 -22.99
N CYS F 270 -13.47 -2.68 -22.97
CA CYS F 270 -12.68 -2.33 -24.15
C CYS F 270 -11.21 -2.43 -23.79
N PRO F 271 -10.66 -3.65 -23.85
CA PRO F 271 -9.34 -3.93 -23.28
C PRO F 271 -8.18 -3.24 -23.98
N THR F 272 -8.21 -3.09 -25.30
CA THR F 272 -7.11 -2.37 -25.97
C THR F 272 -7.16 -0.89 -25.60
N GLU F 273 -8.37 -0.35 -25.46
CA GLU F 273 -8.51 1.07 -25.12
C GLU F 273 -8.09 1.29 -23.67
N SER F 274 -8.59 0.45 -22.77
CA SER F 274 -8.30 0.62 -21.35
C SER F 274 -6.85 0.37 -20.98
N ILE F 275 -6.21 -0.61 -21.62
CA ILE F 275 -4.78 -0.83 -21.37
C ILE F 275 -3.98 0.43 -21.75
N HIS F 276 -4.45 1.14 -22.78
CA HIS F 276 -3.82 2.38 -23.24
C HIS F 276 -4.13 3.58 -22.31
N LEU F 277 -5.40 3.77 -21.99
CA LEU F 277 -5.83 4.97 -21.25
C LEU F 277 -5.70 4.86 -19.73
N GLN F 278 -5.73 3.63 -19.22
CA GLN F 278 -5.67 3.39 -17.77
C GLN F 278 -4.23 3.10 -17.34
N GLY F 279 -4.01 3.12 -16.03
CA GLY F 279 -2.67 2.97 -15.49
C GLY F 279 -1.77 4.20 -15.68
N ARG F 280 -2.33 5.29 -16.21
CA ARG F 280 -1.53 6.48 -16.53
C ARG F 280 -1.14 7.33 -15.33
N PHE F 281 -1.80 7.10 -14.20
CA PHE F 281 -1.51 7.89 -13.01
C PHE F 281 -0.81 7.07 -11.94
N ASP F 282 -0.49 5.83 -12.27
CA ASP F 282 0.39 5.00 -11.44
C ASP F 282 1.83 5.25 -11.86
N SER F 283 2.78 4.92 -10.98
CA SER F 283 4.15 4.75 -11.44
C SER F 283 4.38 3.25 -11.64
N TRP F 284 5.00 2.63 -10.65
CA TRP F 284 5.29 1.20 -10.69
C TRP F 284 5.06 0.62 -9.30
N PRO F 285 4.37 -0.52 -9.19
CA PRO F 285 3.78 -1.29 -10.31
C PRO F 285 2.61 -0.55 -10.95
N LYS F 286 2.33 -0.89 -12.20
CA LYS F 286 1.34 -0.18 -12.98
C LYS F 286 0.12 -1.08 -13.17
N ARG F 287 -1.04 -0.64 -12.69
CA ARG F 287 -2.24 -1.46 -12.80
C ARG F 287 -2.69 -1.63 -14.24
N ARG F 288 -3.37 -2.76 -14.51
CA ARG F 288 -3.93 -3.00 -15.84
C ARG F 288 -5.09 -2.07 -16.17
N GLY F 289 -5.95 -1.82 -15.19
CA GLY F 289 -7.04 -0.85 -15.34
C GLY F 289 -8.25 -1.36 -16.09
N VAL F 290 -8.37 -2.68 -16.21
CA VAL F 290 -9.50 -3.27 -16.92
C VAL F 290 -10.48 -3.87 -15.91
N THR F 291 -11.78 -3.85 -16.23
CA THR F 291 -12.76 -4.40 -15.32
C THR F 291 -12.56 -5.91 -15.12
N ARG F 292 -13.27 -6.48 -14.16
CA ARG F 292 -13.08 -7.89 -13.79
C ARG F 292 -13.89 -8.83 -14.70
N VAL F 293 -13.52 -8.88 -15.98
CA VAL F 293 -14.27 -9.63 -16.99
C VAL F 293 -14.45 -11.09 -16.63
N ALA F 294 -13.36 -11.78 -16.27
CA ALA F 294 -13.42 -13.21 -16.00
C ALA F 294 -14.34 -13.50 -14.82
N GLU F 295 -14.28 -12.63 -13.82
CA GLU F 295 -15.09 -12.75 -12.61
C GLU F 295 -16.58 -12.53 -12.90
N LEU F 296 -16.88 -11.50 -13.69
CA LEU F 296 -18.26 -11.23 -14.06
C LEU F 296 -18.82 -12.44 -14.81
N ASP F 297 -18.05 -12.95 -15.75
CA ASP F 297 -18.53 -14.09 -16.54
C ASP F 297 -18.76 -15.34 -15.69
N ARG F 298 -17.85 -15.61 -14.74
CA ARG F 298 -17.99 -16.77 -13.85
C ARG F 298 -19.18 -16.64 -12.92
N ALA F 299 -19.59 -15.41 -12.64
CA ALA F 299 -20.75 -15.16 -11.79
C ALA F 299 -22.07 -15.23 -12.57
N GLY F 300 -21.97 -15.50 -13.87
CA GLY F 300 -23.15 -15.64 -14.70
C GLY F 300 -23.66 -14.29 -15.18
N ILE F 301 -22.77 -13.31 -15.21
CA ILE F 301 -23.13 -11.97 -15.66
C ILE F 301 -22.65 -11.82 -17.10
N ASN F 302 -23.49 -11.27 -17.96
CA ASN F 302 -23.14 -11.13 -19.37
C ASN F 302 -22.13 -10.02 -19.61
N VAL F 303 -20.99 -10.38 -20.18
CA VAL F 303 -19.93 -9.41 -20.47
C VAL F 303 -19.35 -9.66 -21.86
N CYS F 304 -18.97 -8.58 -22.54
CA CYS F 304 -18.39 -8.71 -23.87
C CYS F 304 -17.31 -7.66 -24.15
N PHE F 305 -16.63 -7.81 -25.30
CA PHE F 305 -15.53 -6.93 -25.65
C PHE F 305 -15.89 -6.00 -26.81
N ALA F 306 -15.28 -4.82 -26.85
CA ALA F 306 -15.50 -3.86 -27.94
C ALA F 306 -14.23 -3.09 -28.30
N GLN F 307 -14.24 -2.46 -29.47
CA GLN F 307 -13.08 -1.67 -29.94
C GLN F 307 -12.99 -0.26 -29.34
N ASP F 308 -14.15 0.37 -29.10
CA ASP F 308 -14.26 1.72 -28.55
C ASP F 308 -13.87 2.80 -29.57
N SER F 309 -12.63 2.75 -30.03
CA SER F 309 -12.05 3.82 -30.84
C SER F 309 -11.33 3.27 -32.07
N ILE F 310 -11.45 3.98 -33.19
CA ILE F 310 -10.55 3.73 -34.31
C ILE F 310 -9.93 5.07 -34.73
N GLN F 311 -8.64 5.23 -34.48
CA GLN F 311 -7.86 6.41 -34.91
C GLN F 311 -8.53 7.73 -34.52
N ASP F 312 -8.78 7.89 -33.23
CA ASP F 312 -9.52 9.05 -32.75
C ASP F 312 -8.70 9.82 -31.67
N PRO F 313 -9.29 10.82 -30.98
CA PRO F 313 -8.40 11.55 -30.05
C PRO F 313 -7.91 10.72 -28.85
N TRP F 314 -8.51 9.57 -28.60
CA TRP F 314 -8.18 8.75 -27.45
C TRP F 314 -7.23 7.58 -27.79
N TYR F 315 -7.23 7.15 -29.03
CA TYR F 315 -6.57 5.90 -29.40
C TYR F 315 -6.10 5.94 -30.85
N PRO F 316 -4.79 5.78 -31.09
CA PRO F 316 -4.27 6.12 -32.40
C PRO F 316 -4.28 4.95 -33.40
N LEU F 317 -4.65 3.76 -32.95
CA LEU F 317 -4.63 2.62 -33.86
C LEU F 317 -6.06 2.22 -34.17
N GLY F 318 -6.24 0.98 -34.62
CA GLY F 318 -7.57 0.50 -34.94
C GLY F 318 -7.69 0.14 -36.42
N ASN F 319 -8.29 -1.01 -36.70
CA ASN F 319 -8.48 -1.42 -38.08
C ASN F 319 -9.81 -2.13 -38.33
N GLY F 320 -10.62 -2.24 -37.27
CA GLY F 320 -11.93 -2.85 -37.41
C GLY F 320 -12.01 -4.32 -37.00
N ASN F 321 -10.87 -4.93 -36.72
CA ASN F 321 -10.82 -6.37 -36.44
C ASN F 321 -11.07 -6.71 -34.97
N ILE F 322 -12.27 -7.19 -34.66
CA ILE F 322 -12.66 -7.50 -33.28
C ILE F 322 -11.88 -8.69 -32.70
N LEU F 323 -11.30 -9.53 -33.56
CA LEU F 323 -10.51 -10.66 -33.06
C LEU F 323 -9.23 -10.22 -32.38
N ARG F 324 -8.69 -9.07 -32.78
CA ARG F 324 -7.49 -8.54 -32.13
C ARG F 324 -7.85 -8.06 -30.73
N ILE F 325 -9.06 -7.52 -30.58
CA ILE F 325 -9.59 -7.11 -29.27
C ILE F 325 -9.83 -8.30 -28.36
N LEU F 326 -10.38 -9.37 -28.94
CA LEU F 326 -10.60 -10.61 -28.20
C LEU F 326 -9.27 -11.13 -27.67
N ASP F 327 -8.26 -11.15 -28.54
CA ASP F 327 -6.93 -11.62 -28.15
C ASP F 327 -6.42 -10.79 -26.97
N ALA F 328 -6.56 -9.47 -27.09
CA ALA F 328 -6.10 -8.55 -26.05
C ALA F 328 -6.83 -8.77 -24.73
N GLY F 329 -8.15 -8.93 -24.82
CA GLY F 329 -8.97 -9.15 -23.65
C GLY F 329 -8.61 -10.43 -22.91
N LEU F 330 -8.46 -11.52 -23.65
CA LEU F 330 -8.13 -12.81 -23.04
C LEU F 330 -6.81 -12.77 -22.28
N HIS F 331 -5.82 -12.05 -22.82
CA HIS F 331 -4.50 -11.94 -22.17
C HIS F 331 -4.60 -11.06 -20.91
N ILE F 332 -5.12 -9.86 -21.09
CA ILE F 332 -5.12 -8.88 -20.00
C ILE F 332 -6.01 -9.34 -18.85
N CYS F 333 -7.10 -10.02 -19.18
CA CYS F 333 -8.06 -10.46 -18.15
C CYS F 333 -7.79 -11.86 -17.60
N HIS F 334 -6.65 -12.45 -17.95
CA HIS F 334 -6.28 -13.78 -17.47
C HIS F 334 -7.34 -14.84 -17.81
N MET F 335 -7.73 -14.86 -19.07
CA MET F 335 -8.71 -15.83 -19.56
C MET F 335 -8.13 -16.68 -20.69
N LEU F 336 -6.95 -17.25 -20.43
CA LEU F 336 -6.30 -18.14 -21.39
C LEU F 336 -6.31 -19.58 -20.90
N GLY F 337 -7.26 -19.91 -20.03
CA GLY F 337 -7.45 -21.29 -19.61
C GLY F 337 -8.03 -22.09 -20.76
N TYR F 338 -7.88 -23.41 -20.70
CA TYR F 338 -8.40 -24.31 -21.73
C TYR F 338 -9.90 -24.10 -21.96
N ASP F 339 -10.67 -24.10 -20.88
CA ASP F 339 -12.12 -23.90 -20.97
C ASP F 339 -12.50 -22.54 -21.57
N ASP F 340 -11.78 -21.49 -21.16
CA ASP F 340 -11.98 -20.15 -21.70
C ASP F 340 -11.81 -20.14 -23.20
N LEU F 341 -10.72 -20.74 -23.68
CA LEU F 341 -10.39 -20.72 -25.10
C LEU F 341 -11.39 -21.48 -25.97
N GLN F 342 -12.00 -22.53 -25.41
CA GLN F 342 -13.00 -23.32 -26.12
C GLN F 342 -14.32 -22.60 -26.38
N ARG F 343 -14.57 -21.51 -25.67
CA ARG F 343 -15.81 -20.75 -25.85
C ARG F 343 -15.59 -19.24 -26.01
N CYS F 344 -14.36 -18.85 -26.31
CA CYS F 344 -14.01 -17.42 -26.26
C CYS F 344 -14.75 -16.54 -27.27
N LEU F 345 -15.24 -17.12 -28.36
CA LEU F 345 -16.01 -16.35 -29.33
C LEU F 345 -17.31 -15.79 -28.74
N ASP F 346 -17.77 -16.32 -27.60
CA ASP F 346 -18.97 -15.77 -26.95
C ASP F 346 -18.80 -14.26 -26.74
N PHE F 347 -17.58 -13.84 -26.43
CA PHE F 347 -17.33 -12.46 -26.01
C PHE F 347 -17.39 -11.44 -27.12
N VAL F 348 -17.48 -11.90 -28.37
CA VAL F 348 -17.55 -11.01 -29.51
C VAL F 348 -18.72 -11.36 -30.45
N THR F 349 -19.55 -12.31 -30.03
CA THR F 349 -20.76 -12.66 -30.79
C THR F 349 -22.00 -12.72 -29.86
N ASP F 350 -22.25 -13.88 -29.28
CA ASP F 350 -23.46 -14.12 -28.48
C ASP F 350 -23.65 -13.08 -27.37
N ASN F 351 -22.61 -12.84 -26.59
CA ASN F 351 -22.73 -11.96 -25.44
C ASN F 351 -23.01 -10.53 -25.88
N SER F 352 -22.36 -10.13 -26.96
CA SER F 352 -22.50 -8.79 -27.49
C SER F 352 -23.91 -8.57 -28.03
N ALA F 353 -24.45 -9.62 -28.68
CA ALA F 353 -25.80 -9.56 -29.25
C ALA F 353 -26.82 -9.43 -28.12
N ARG F 354 -26.55 -10.10 -27.00
CA ARG F 354 -27.43 -10.01 -25.85
C ARG F 354 -27.42 -8.60 -25.27
N ALA F 355 -26.25 -7.97 -25.24
CA ALA F 355 -26.12 -6.60 -24.74
C ALA F 355 -26.89 -5.62 -25.63
N LEU F 356 -26.95 -5.91 -26.93
CA LEU F 356 -27.66 -5.06 -27.85
C LEU F 356 -29.14 -5.44 -27.96
N CYS F 357 -29.57 -6.42 -27.18
CA CYS F 357 -30.95 -6.92 -27.22
C CYS F 357 -31.39 -7.32 -28.61
N LEU F 358 -30.53 -8.01 -29.35
CA LEU F 358 -30.90 -8.40 -30.72
C LEU F 358 -31.94 -9.54 -30.77
N GLY F 359 -31.97 -10.38 -29.74
CA GLY F 359 -32.95 -11.45 -29.68
C GLY F 359 -32.95 -12.32 -30.94
N ASP F 360 -34.15 -12.61 -31.45
CA ASP F 360 -34.32 -13.49 -32.59
C ASP F 360 -33.81 -12.97 -33.94
N ASN F 361 -33.27 -11.75 -33.93
CA ASN F 361 -32.66 -11.21 -35.15
C ASN F 361 -31.20 -11.61 -35.24
N TYR F 362 -30.76 -12.45 -34.31
CA TYR F 362 -29.36 -12.86 -34.24
C TYR F 362 -29.24 -14.33 -33.89
N GLY F 363 -28.25 -15.01 -34.47
CA GLY F 363 -27.98 -16.38 -34.08
C GLY F 363 -28.28 -17.38 -35.20
N LEU F 364 -27.53 -18.47 -35.21
CA LEU F 364 -27.73 -19.52 -36.22
C LEU F 364 -28.79 -20.48 -35.74
N ALA F 365 -30.03 -20.18 -36.11
CA ALA F 365 -31.16 -21.02 -35.75
C ALA F 365 -32.21 -20.89 -36.85
N GLU F 366 -32.93 -21.97 -37.10
CA GLU F 366 -33.96 -21.96 -38.14
C GLU F 366 -34.98 -20.86 -37.87
N GLY F 367 -35.36 -20.12 -38.92
CA GLY F 367 -36.31 -19.04 -38.79
C GLY F 367 -35.70 -17.66 -38.56
N ARG F 368 -34.42 -17.61 -38.23
CA ARG F 368 -33.75 -16.34 -37.98
C ARG F 368 -33.12 -15.78 -39.25
N PRO F 369 -32.73 -14.49 -39.24
CA PRO F 369 -32.13 -13.91 -40.45
C PRO F 369 -30.86 -14.65 -40.91
N ALA F 370 -30.71 -14.75 -42.22
CA ALA F 370 -29.55 -15.39 -42.81
C ALA F 370 -28.37 -14.42 -42.83
N ASN F 371 -27.89 -14.09 -41.64
CA ASN F 371 -26.70 -13.27 -41.46
C ASN F 371 -25.66 -14.14 -40.80
N LEU F 372 -24.55 -14.39 -41.48
CA LEU F 372 -23.52 -15.27 -40.93
C LEU F 372 -22.18 -15.10 -41.64
N LEU F 373 -21.15 -15.70 -41.06
CA LEU F 373 -19.79 -15.62 -41.57
C LEU F 373 -19.21 -17.01 -41.67
N ILE F 374 -18.28 -17.18 -42.60
CA ILE F 374 -17.43 -18.35 -42.57
C ILE F 374 -16.04 -17.87 -42.21
N LEU F 375 -15.49 -18.42 -41.13
CA LEU F 375 -14.17 -18.02 -40.62
C LEU F 375 -13.12 -19.03 -41.02
N ASP F 376 -11.91 -18.58 -41.29
CA ASP F 376 -10.84 -19.48 -41.66
C ASP F 376 -10.26 -20.23 -40.44
N ALA F 377 -11.11 -20.99 -39.75
CA ALA F 377 -10.73 -21.76 -38.57
C ALA F 377 -11.77 -22.82 -38.28
N GLU F 378 -11.40 -23.85 -37.54
CA GLU F 378 -12.33 -24.96 -37.24
C GLU F 378 -13.04 -24.84 -35.89
N ASN F 379 -12.54 -23.98 -35.02
CA ASN F 379 -13.10 -23.84 -33.69
C ASN F 379 -12.66 -22.53 -33.05
N ASP F 380 -13.20 -22.21 -31.85
CA ASP F 380 -12.89 -20.95 -31.15
C ASP F 380 -11.39 -20.77 -30.91
N TYR F 381 -10.76 -21.82 -30.39
CA TYR F 381 -9.34 -21.76 -30.04
C TYR F 381 -8.48 -21.38 -31.23
N GLU F 382 -8.68 -22.07 -32.35
CA GLU F 382 -7.93 -21.78 -33.56
C GLU F 382 -8.26 -20.39 -34.10
N ALA F 383 -9.53 -20.01 -34.04
CA ALA F 383 -9.93 -18.69 -34.52
C ALA F 383 -9.14 -17.55 -33.85
N VAL F 384 -9.01 -17.61 -32.52
CA VAL F 384 -8.27 -16.56 -31.84
C VAL F 384 -6.76 -16.78 -31.99
N ARG F 385 -6.32 -18.05 -32.02
CA ARG F 385 -4.88 -18.29 -32.11
C ARG F 385 -4.32 -17.81 -33.44
N ARG F 386 -5.04 -18.07 -34.53
CA ARG F 386 -4.55 -17.73 -35.87
C ARG F 386 -5.03 -16.35 -36.32
N GLN F 387 -5.88 -15.72 -35.50
CA GLN F 387 -6.55 -14.48 -35.90
C GLN F 387 -7.25 -14.69 -37.24
N ALA F 388 -8.10 -15.73 -37.27
CA ALA F 388 -8.69 -16.24 -38.51
C ALA F 388 -9.39 -15.18 -39.35
N ARG F 389 -9.15 -15.21 -40.66
CA ARG F 389 -9.76 -14.28 -41.60
C ARG F 389 -11.24 -14.62 -41.82
N VAL F 390 -12.01 -13.60 -42.17
CA VAL F 390 -13.41 -13.81 -42.51
C VAL F 390 -13.41 -14.11 -43.99
N LEU F 391 -13.72 -15.36 -44.34
CA LEU F 391 -13.68 -15.78 -45.73
C LEU F 391 -14.93 -15.37 -46.49
N THR F 392 -16.07 -15.37 -45.80
CA THR F 392 -17.34 -15.06 -46.44
C THR F 392 -18.21 -14.35 -45.42
N SER F 393 -18.82 -13.25 -45.84
CA SER F 393 -19.84 -12.61 -45.00
C SER F 393 -21.15 -12.59 -45.77
N ILE F 394 -22.19 -13.14 -45.15
CA ILE F 394 -23.50 -13.25 -45.75
C ILE F 394 -24.49 -12.44 -44.93
N ARG F 395 -25.24 -11.59 -45.61
CA ARG F 395 -26.20 -10.72 -44.95
C ARG F 395 -27.52 -10.74 -45.70
N HIS F 396 -28.59 -10.99 -44.95
CA HIS F 396 -29.92 -11.16 -45.54
C HIS F 396 -29.89 -12.19 -46.66
N GLY F 397 -29.05 -13.22 -46.48
CA GLY F 397 -28.98 -14.31 -47.44
C GLY F 397 -28.11 -14.05 -48.65
N LYS F 398 -27.50 -12.87 -48.74
CA LYS F 398 -26.66 -12.54 -49.89
C LYS F 398 -25.20 -12.39 -49.48
N VAL F 399 -24.30 -12.84 -50.34
CA VAL F 399 -22.88 -12.69 -50.05
C VAL F 399 -22.49 -11.22 -50.20
N ILE F 400 -22.03 -10.60 -49.12
CA ILE F 400 -21.62 -9.20 -49.18
C ILE F 400 -20.10 -9.04 -49.11
N LEU F 401 -19.40 -10.12 -48.78
CA LEU F 401 -17.95 -10.12 -48.77
C LEU F 401 -17.42 -11.51 -49.04
N GLN F 402 -16.39 -11.59 -49.87
CA GLN F 402 -15.68 -12.84 -50.13
C GLN F 402 -14.16 -12.62 -50.16
N ARG F 403 -13.43 -13.36 -49.33
CA ARG F 403 -11.98 -13.41 -49.38
C ARG F 403 -11.51 -14.77 -49.87
N GLU F 404 -10.44 -14.80 -50.65
CA GLU F 404 -9.80 -16.07 -50.98
C GLU F 404 -9.05 -16.58 -49.75
N VAL F 405 -8.94 -17.90 -49.62
CA VAL F 405 -8.09 -18.47 -48.59
C VAL F 405 -6.65 -18.10 -48.90
N GLU F 406 -5.89 -17.70 -47.88
CA GLU F 406 -4.51 -17.33 -48.07
C GLU F 406 -3.73 -18.51 -48.64
N HIS F 407 -2.88 -18.25 -49.61
CA HIS F 407 -1.99 -19.28 -50.11
C HIS F 407 -0.56 -18.78 -50.17
N ILE F 408 0.30 -19.48 -49.43
CA ILE F 408 1.70 -19.11 -49.35
C ILE F 408 2.49 -19.99 -50.30
N ARG F 409 3.29 -19.34 -51.15
CA ARG F 409 4.16 -20.05 -52.07
C ARG F 409 5.55 -20.17 -51.51
N TYR F 410 6.14 -21.35 -51.65
CA TYR F 410 7.51 -21.58 -51.26
C TYR F 410 8.31 -22.01 -52.48
N PRO F 411 8.94 -21.05 -53.17
CA PRO F 411 9.76 -21.35 -54.35
C PRO F 411 10.77 -22.48 -54.12
N ALA F 412 10.59 -23.58 -54.85
CA ALA F 412 11.37 -24.81 -54.68
C ALA F 412 11.43 -25.25 -53.22
#